data_6IE0
#
_entry.id   6IE0
#
_cell.length_a   200.839
_cell.length_b   200.839
_cell.length_c   83.266
_cell.angle_alpha   90.00
_cell.angle_beta   90.00
_cell.angle_gamma   90.00
#
_symmetry.space_group_name_H-M   'P 41 21 2'
#
loop_
_entity.id
_entity.type
_entity.pdbx_description
1 polymer '(R,R)-butanediol dehydrogenase'
2 non-polymer 'ZINC ION'
#
_entity_poly.entity_id   1
_entity_poly.type   'polypeptide(L)'
_entity_poly.pdbx_seq_one_letter_code
;SMKAARWHNQKDIRIEHIEEPKTEPGKVKIKVKWCGICGSDLHEYLGGPIFIPVDKPHPLTNETAPVTMGHEFSGEVVEV
GEGVENYKVGDRVVVEPIFATHGHQGAYNLDEQMGFLGLAGGGGGFSEYVSVDEELLFKLPDELSYEQGALVEPSAVALY
AVRSSKLKAGDKAAVFGCGPIGLLVIEALKAAGATDIYAVELSPERQQKAEELGAIIVDPSKTDDVVAEIAERTGGGVDV
AFEVTGVPVVLRQAIQSTTIAGETVIVSIWEKGAEIHPNDIVIKERTVKGIIGYRDIFPAVLSLMKEGYFSADKLVTKKI
VLDDLIEEGFGALIKEKSQVKILVRPN
;
_entity_poly.pdbx_strand_id   A,B,C,D
#
# COMPACT_ATOMS: atom_id res chain seq x y z
N SER A 1 -1.68 41.18 -32.92
CA SER A 1 -2.91 40.64 -33.47
C SER A 1 -3.56 39.74 -32.42
N MET A 2 -2.85 39.61 -31.30
CA MET A 2 -3.31 38.92 -30.10
C MET A 2 -2.52 39.53 -28.95
N LYS A 3 -3.21 39.99 -27.91
CA LYS A 3 -2.51 40.60 -26.78
C LYS A 3 -2.04 39.52 -25.83
N ALA A 4 -0.78 39.62 -25.39
CA ALA A 4 -0.21 38.59 -24.54
C ALA A 4 0.75 39.22 -23.56
N ALA A 5 1.02 38.49 -22.49
CA ALA A 5 1.99 38.89 -21.48
C ALA A 5 3.19 37.96 -21.64
N ARG A 6 4.32 38.52 -22.04
CA ARG A 6 5.51 37.73 -22.32
C ARG A 6 6.62 38.07 -21.34
N TRP A 7 7.40 37.06 -20.97
CA TRP A 7 8.52 37.19 -20.07
C TRP A 7 9.78 37.32 -20.92
N HIS A 8 10.47 38.46 -20.78
CA HIS A 8 11.67 38.75 -21.55
C HIS A 8 12.94 38.62 -20.72
N ASN A 9 12.96 39.25 -19.54
CA ASN A 9 14.04 39.08 -18.57
C ASN A 9 13.43 39.18 -17.18
N GLN A 10 14.30 39.09 -16.17
CA GLN A 10 13.83 39.17 -14.79
C GLN A 10 13.29 40.57 -14.51
N LYS A 11 12.15 40.62 -13.82
CA LYS A 11 11.41 41.85 -13.54
C LYS A 11 10.99 42.58 -14.81
N ASP A 12 10.93 41.86 -15.93
CA ASP A 12 10.60 42.44 -17.24
C ASP A 12 9.56 41.55 -17.91
N ILE A 13 8.30 41.73 -17.54
CA ILE A 13 7.18 41.08 -18.19
C ILE A 13 6.39 42.16 -18.91
N ARG A 14 6.24 42.00 -20.22
CA ARG A 14 5.68 43.04 -21.07
C ARG A 14 4.30 42.61 -21.58
N ILE A 15 3.40 43.59 -21.68
CA ILE A 15 2.09 43.37 -22.26
C ILE A 15 2.17 43.87 -23.70
N GLU A 16 2.34 42.94 -24.63
CA GLU A 16 2.61 43.25 -26.02
C GLU A 16 1.61 42.52 -26.89
N HIS A 17 1.57 42.90 -28.16
CA HIS A 17 0.76 42.19 -29.15
C HIS A 17 1.65 41.35 -30.06
N ILE A 18 1.31 40.07 -30.19
CA ILE A 18 2.02 39.15 -31.06
C ILE A 18 1.01 38.52 -32.01
N GLU A 19 1.51 37.82 -33.02
CA GLU A 19 0.63 37.26 -34.04
C GLU A 19 -0.18 36.09 -33.48
N GLU A 20 -1.44 36.01 -33.89
CA GLU A 20 -2.29 34.88 -33.57
C GLU A 20 -1.64 33.58 -34.05
N PRO A 21 -1.55 32.56 -33.20
CA PRO A 21 -0.93 31.30 -33.64
C PRO A 21 -1.88 30.54 -34.55
N LYS A 22 -1.31 29.90 -35.57
CA LYS A 22 -2.09 29.06 -36.45
C LYS A 22 -2.48 27.77 -35.75
N THR A 23 -3.67 27.27 -36.08
CA THR A 23 -4.16 26.02 -35.51
C THR A 23 -3.63 24.88 -36.36
N GLU A 24 -2.62 24.20 -35.85
CA GLU A 24 -1.97 23.11 -36.56
C GLU A 24 -2.81 21.84 -36.42
N PRO A 25 -2.50 20.80 -37.22
CA PRO A 25 -3.40 19.63 -37.27
C PRO A 25 -3.74 19.00 -35.93
N GLY A 26 -2.80 18.89 -35.01
CA GLY A 26 -3.13 18.23 -33.77
C GLY A 26 -3.78 19.08 -32.71
N LYS A 27 -3.94 20.39 -32.98
CA LYS A 27 -4.18 21.37 -31.94
C LYS A 27 -5.62 21.88 -31.96
N VAL A 28 -5.93 22.71 -30.96
CA VAL A 28 -7.23 23.35 -30.81
C VAL A 28 -6.99 24.75 -30.28
N LYS A 29 -7.63 25.74 -30.90
CA LYS A 29 -7.44 27.14 -30.53
C LYS A 29 -8.47 27.53 -29.47
N ILE A 30 -7.98 27.98 -28.32
CA ILE A 30 -8.82 28.36 -27.19
C ILE A 30 -8.76 29.87 -27.04
N LYS A 31 -9.93 30.51 -26.96
CA LYS A 31 -10.01 31.91 -26.55
C LYS A 31 -10.12 31.91 -25.02
N VAL A 32 -9.08 32.41 -24.36
CA VAL A 32 -9.01 32.36 -22.91
C VAL A 32 -10.07 33.25 -22.29
N LYS A 33 -10.73 32.74 -21.25
CA LYS A 33 -11.68 33.52 -20.48
C LYS A 33 -11.11 33.99 -19.15
N TRP A 34 -10.41 33.10 -18.43
CA TRP A 34 -9.78 33.46 -17.18
C TRP A 34 -8.49 32.67 -17.03
N CYS A 35 -7.51 33.30 -16.41
CA CYS A 35 -6.23 32.66 -16.10
C CYS A 35 -5.74 33.20 -14.76
N GLY A 36 -5.24 32.29 -13.92
CA GLY A 36 -4.77 32.66 -12.60
C GLY A 36 -3.26 32.87 -12.58
N ILE A 37 -2.80 33.39 -11.45
CA ILE A 37 -1.38 33.65 -11.22
C ILE A 37 -0.88 32.63 -10.22
N CYS A 38 0.13 31.87 -10.62
CA CYS A 38 0.51 30.66 -9.90
C CYS A 38 1.31 30.94 -8.64
N GLY A 39 2.03 32.06 -8.58
CA GLY A 39 3.10 32.22 -7.63
C GLY A 39 4.42 31.70 -8.16
N SER A 40 4.39 30.66 -8.98
CA SER A 40 5.53 30.36 -9.84
C SER A 40 5.71 31.47 -10.86
N ASP A 41 4.61 32.00 -11.40
CA ASP A 41 4.69 33.19 -12.24
C ASP A 41 5.29 34.35 -11.47
N LEU A 42 4.87 34.52 -10.22
CA LEU A 42 5.45 35.55 -9.36
C LEU A 42 6.93 35.28 -9.11
N HIS A 43 7.33 34.00 -9.05
CA HIS A 43 8.72 33.67 -8.76
C HIS A 43 9.63 33.91 -9.96
N GLU A 44 9.10 33.77 -11.19
CA GLU A 44 9.88 34.11 -12.38
C GLU A 44 9.87 35.61 -12.65
N TYR A 45 8.85 36.31 -12.16
CA TYR A 45 8.84 37.76 -12.30
C TYR A 45 9.94 38.40 -11.45
N LEU A 46 10.02 38.02 -10.18
CA LEU A 46 10.97 38.65 -9.27
C LEU A 46 12.37 38.05 -9.38
N GLY A 47 12.49 36.76 -9.66
CA GLY A 47 13.79 36.12 -9.61
C GLY A 47 14.05 35.04 -10.64
N GLY A 48 13.45 35.15 -11.82
CA GLY A 48 13.68 34.20 -12.88
C GLY A 48 15.00 34.43 -13.58
N PRO A 49 15.33 33.52 -14.51
CA PRO A 49 14.56 32.35 -14.91
C PRO A 49 14.76 31.13 -14.03
N ILE A 50 13.70 30.34 -13.84
CA ILE A 50 13.76 29.10 -13.08
C ILE A 50 13.26 27.96 -13.94
N PHE A 51 12.03 28.10 -14.45
CA PHE A 51 11.46 27.13 -15.37
C PHE A 51 11.41 27.64 -16.81
N ILE A 52 11.74 28.90 -17.05
CA ILE A 52 11.68 29.51 -18.37
C ILE A 52 13.01 29.25 -19.08
N PRO A 53 13.00 28.58 -20.25
CA PRO A 53 14.24 28.39 -20.99
C PRO A 53 14.77 29.70 -21.54
N VAL A 54 16.06 29.97 -21.30
CA VAL A 54 16.68 31.20 -21.78
C VAL A 54 17.98 30.90 -22.53
N ASP A 55 18.88 30.15 -21.90
CA ASP A 55 20.19 29.90 -22.50
C ASP A 55 20.11 28.84 -23.59
N LYS A 56 19.59 27.66 -23.26
CA LYS A 56 19.39 26.59 -24.23
C LYS A 56 17.89 26.37 -24.43
N PRO A 57 17.45 26.06 -25.65
CA PRO A 57 16.02 25.78 -25.86
C PRO A 57 15.55 24.61 -25.02
N HIS A 58 14.27 24.65 -24.66
CA HIS A 58 13.68 23.55 -23.91
C HIS A 58 13.54 22.34 -24.83
N PRO A 59 13.79 21.13 -24.34
CA PRO A 59 13.80 19.95 -25.23
C PRO A 59 12.51 19.74 -26.02
N LEU A 60 11.35 19.87 -25.38
CA LEU A 60 10.10 19.54 -26.06
C LEU A 60 9.46 20.73 -26.78
N THR A 61 9.36 21.88 -26.11
CA THR A 61 8.85 23.08 -26.77
C THR A 61 9.78 23.51 -27.91
N ASN A 62 11.09 23.41 -27.68
CA ASN A 62 12.13 23.91 -28.60
C ASN A 62 11.98 25.41 -28.85
N GLU A 63 11.95 26.17 -27.76
CA GLU A 63 11.79 27.61 -27.86
C GLU A 63 12.39 28.24 -26.61
N THR A 64 12.93 29.44 -26.77
CA THR A 64 13.55 30.20 -25.70
C THR A 64 12.73 31.46 -25.41
N ALA A 65 13.12 32.13 -24.34
CA ALA A 65 12.50 33.39 -23.95
C ALA A 65 12.63 34.35 -25.13
N PRO A 66 11.68 35.27 -25.40
CA PRO A 66 10.49 35.45 -24.59
C PRO A 66 9.41 34.40 -24.81
N VAL A 67 8.70 34.08 -23.75
CA VAL A 67 7.62 33.08 -23.80
C VAL A 67 6.40 33.71 -23.16
N THR A 68 5.23 33.38 -23.65
CA THR A 68 4.00 33.82 -23.00
C THR A 68 3.77 33.00 -21.74
N MET A 69 3.14 33.62 -20.76
CA MET A 69 3.02 33.04 -19.43
C MET A 69 1.57 32.69 -19.16
N GLY A 70 1.39 31.77 -18.23
CA GLY A 70 0.05 31.47 -17.79
C GLY A 70 -0.40 30.06 -18.02
N HIS A 71 -0.33 29.29 -16.96
CA HIS A 71 -1.07 28.04 -16.86
C HIS A 71 -2.26 28.40 -15.96
N GLU A 72 -3.01 27.41 -15.52
CA GLU A 72 -4.24 27.63 -14.75
C GLU A 72 -5.22 28.51 -15.53
N PHE A 73 -5.75 27.96 -16.63
CA PHE A 73 -6.68 28.77 -17.40
C PHE A 73 -7.76 27.87 -18.00
N SER A 74 -8.84 28.51 -18.43
CA SER A 74 -9.96 27.89 -19.12
C SER A 74 -10.40 28.81 -20.25
N GLY A 75 -11.21 28.29 -21.15
CA GLY A 75 -11.68 29.12 -22.24
C GLY A 75 -12.61 28.36 -23.18
N GLU A 76 -12.89 29.00 -24.30
CA GLU A 76 -13.86 28.52 -25.28
C GLU A 76 -13.14 28.15 -26.57
N VAL A 77 -13.40 26.93 -27.05
CA VAL A 77 -12.83 26.47 -28.31
C VAL A 77 -13.40 27.32 -29.44
N VAL A 78 -12.52 27.94 -30.23
CA VAL A 78 -12.95 28.77 -31.34
C VAL A 78 -12.53 28.23 -32.70
N GLU A 79 -11.61 27.26 -32.77
CA GLU A 79 -11.26 26.66 -34.04
C GLU A 79 -10.56 25.33 -33.75
N VAL A 80 -10.77 24.35 -34.63
CA VAL A 80 -10.40 22.97 -34.37
C VAL A 80 -9.44 22.49 -35.46
N GLY A 81 -8.36 21.83 -35.03
CA GLY A 81 -7.32 21.39 -35.94
C GLY A 81 -7.75 20.27 -36.86
N GLU A 82 -6.79 19.83 -37.69
CA GLU A 82 -7.10 18.92 -38.80
C GLU A 82 -7.59 17.57 -38.31
N GLY A 83 -6.92 17.00 -37.30
CA GLY A 83 -7.22 15.66 -36.86
C GLY A 83 -8.12 15.54 -35.65
N VAL A 84 -8.76 16.62 -35.21
CA VAL A 84 -9.47 16.65 -33.93
C VAL A 84 -10.94 16.32 -34.16
N GLU A 85 -11.43 15.32 -33.43
CA GLU A 85 -12.83 14.94 -33.50
C GLU A 85 -13.54 15.00 -32.16
N ASN A 86 -12.81 15.14 -31.05
CA ASN A 86 -13.41 15.12 -29.72
C ASN A 86 -13.79 16.52 -29.23
N TYR A 87 -13.52 17.55 -30.02
CA TYR A 87 -13.81 18.93 -29.63
C TYR A 87 -14.29 19.71 -30.84
N LYS A 88 -15.44 20.35 -30.72
CA LYS A 88 -15.93 21.25 -31.75
C LYS A 88 -15.88 22.69 -31.24
N VAL A 89 -16.09 23.62 -32.17
CA VAL A 89 -16.19 25.04 -31.82
C VAL A 89 -17.29 25.23 -30.79
N GLY A 90 -17.04 26.10 -29.80
CA GLY A 90 -17.98 26.36 -28.74
C GLY A 90 -17.78 25.55 -27.47
N ASP A 91 -17.00 24.48 -27.54
CA ASP A 91 -16.77 23.66 -26.35
C ASP A 91 -16.03 24.46 -25.28
N ARG A 92 -16.47 24.30 -24.03
CA ARG A 92 -15.82 24.93 -22.89
C ARG A 92 -14.82 23.94 -22.29
N VAL A 93 -13.57 24.37 -22.14
CA VAL A 93 -12.48 23.47 -21.78
C VAL A 93 -11.54 24.11 -20.76
N VAL A 94 -10.74 23.26 -20.13
CA VAL A 94 -9.59 23.66 -19.33
C VAL A 94 -8.39 22.85 -19.82
N VAL A 95 -7.20 23.27 -19.40
CA VAL A 95 -5.96 22.74 -19.92
C VAL A 95 -5.11 22.19 -18.78
N GLU A 96 -4.65 20.94 -18.92
CA GLU A 96 -3.62 20.40 -18.04
C GLU A 96 -2.27 20.69 -18.67
N PRO A 97 -1.55 21.67 -18.15
CA PRO A 97 -0.43 22.28 -18.89
C PRO A 97 0.92 21.59 -18.70
N ILE A 98 0.96 20.28 -18.94
CA ILE A 98 2.18 19.50 -18.75
C ILE A 98 2.65 18.95 -20.09
N PHE A 99 3.88 19.30 -20.47
CA PHE A 99 4.56 18.71 -21.61
C PHE A 99 5.47 17.60 -21.11
N ALA A 100 5.31 16.40 -21.65
CA ALA A 100 6.14 15.27 -21.26
C ALA A 100 6.53 14.47 -22.49
N THR A 101 7.66 13.79 -22.39
CA THR A 101 8.23 13.06 -23.52
C THR A 101 7.22 12.08 -24.12
N HIS A 102 6.58 11.26 -23.28
CA HIS A 102 5.66 10.23 -23.74
C HIS A 102 4.20 10.62 -23.51
N GLY A 103 3.92 11.92 -23.45
CA GLY A 103 2.56 12.38 -23.20
C GLY A 103 2.18 12.24 -21.74
N HIS A 104 0.88 12.07 -21.51
CA HIS A 104 0.36 11.94 -20.15
C HIS A 104 0.20 10.47 -19.78
N GLN A 105 1.34 9.77 -19.81
CA GLN A 105 1.39 8.35 -19.53
C GLN A 105 2.48 8.08 -18.50
N GLY A 106 2.19 7.20 -17.56
CA GLY A 106 3.14 6.91 -16.50
C GLY A 106 3.26 8.07 -15.53
N ALA A 107 4.50 8.37 -15.14
CA ALA A 107 4.76 9.44 -14.18
C ALA A 107 5.27 10.68 -14.93
N TYR A 108 4.37 11.27 -15.71
CA TYR A 108 4.77 12.35 -16.61
C TYR A 108 5.19 13.61 -15.85
N ASN A 109 4.75 13.78 -14.60
CA ASN A 109 5.21 14.91 -13.82
C ASN A 109 6.67 14.77 -13.42
N LEU A 110 7.22 13.56 -13.51
CA LEU A 110 8.62 13.29 -13.19
C LEU A 110 9.46 12.99 -14.42
N ASP A 111 8.91 13.20 -15.61
CA ASP A 111 9.66 12.97 -16.84
C ASP A 111 10.88 13.89 -16.90
N GLU A 112 11.98 13.36 -17.44
CA GLU A 112 13.23 14.11 -17.48
C GLU A 112 13.09 15.39 -18.30
N GLN A 113 12.37 15.35 -19.42
CA GLN A 113 12.19 16.50 -20.29
C GLN A 113 10.89 17.25 -20.02
N MET A 114 10.35 17.13 -18.80
CA MET A 114 9.07 17.73 -18.48
C MET A 114 9.11 19.25 -18.54
N GLY A 115 7.99 19.84 -18.97
CA GLY A 115 7.86 21.28 -19.03
C GLY A 115 6.40 21.69 -18.91
N PHE A 116 6.21 22.96 -18.52
CA PHE A 116 4.88 23.52 -18.30
C PHE A 116 4.50 24.46 -19.44
N LEU A 117 3.27 24.31 -19.94
CA LEU A 117 2.72 25.31 -20.82
C LEU A 117 2.60 26.63 -20.08
N GLY A 118 3.03 27.71 -20.71
CA GLY A 118 3.12 28.99 -20.03
C GLY A 118 4.40 29.20 -19.28
N LEU A 119 5.34 28.25 -19.34
CA LEU A 119 6.64 28.42 -18.71
C LEU A 119 7.73 28.00 -19.69
N ALA A 120 7.64 26.76 -20.19
CA ALA A 120 8.59 26.24 -21.17
C ALA A 120 8.24 26.64 -22.60
N GLY A 121 7.06 27.21 -22.83
CA GLY A 121 6.62 27.65 -24.13
C GLY A 121 5.28 27.04 -24.47
N GLY A 122 4.98 27.02 -25.77
CA GLY A 122 3.74 26.45 -26.25
C GLY A 122 2.51 27.29 -25.98
N GLY A 123 2.68 28.60 -25.86
CA GLY A 123 1.58 29.49 -25.56
C GLY A 123 1.50 29.83 -24.09
N GLY A 124 0.36 30.38 -23.71
CA GLY A 124 0.14 30.74 -22.32
C GLY A 124 -1.22 31.38 -22.15
N GLY A 125 -1.72 31.32 -20.92
CA GLY A 125 -3.05 31.81 -20.60
C GLY A 125 -3.16 33.30 -20.38
N PHE A 126 -2.03 34.00 -20.25
CA PHE A 126 -2.06 35.45 -20.19
C PHE A 126 -2.07 36.00 -21.61
N SER A 127 -2.96 35.46 -22.44
CA SER A 127 -3.13 35.91 -23.81
C SER A 127 -4.58 35.67 -24.20
N GLU A 128 -4.98 36.28 -25.33
CA GLU A 128 -6.33 36.11 -25.82
C GLU A 128 -6.57 34.74 -26.42
N TYR A 129 -5.56 34.16 -27.05
CA TYR A 129 -5.67 32.87 -27.70
C TYR A 129 -4.46 32.03 -27.36
N VAL A 130 -4.69 30.73 -27.22
CA VAL A 130 -3.62 29.76 -27.01
C VAL A 130 -3.99 28.52 -27.82
N SER A 131 -2.98 27.92 -28.44
CA SER A 131 -3.19 26.78 -29.33
C SER A 131 -2.50 25.58 -28.70
N VAL A 132 -3.30 24.65 -28.19
CA VAL A 132 -2.78 23.51 -27.44
C VAL A 132 -3.22 22.23 -28.15
N ASP A 133 -2.48 21.16 -27.92
CA ASP A 133 -2.85 19.88 -28.51
C ASP A 133 -3.96 19.24 -27.69
N GLU A 134 -4.82 18.48 -28.37
CA GLU A 134 -6.06 18.04 -27.74
C GLU A 134 -5.81 17.02 -26.63
N GLU A 135 -4.61 16.43 -26.58
CA GLU A 135 -4.25 15.49 -25.52
C GLU A 135 -4.12 16.18 -24.17
N LEU A 136 -4.10 17.52 -24.13
CA LEU A 136 -3.99 18.28 -22.90
C LEU A 136 -5.29 18.92 -22.47
N LEU A 137 -6.41 18.56 -23.09
CA LEU A 137 -7.70 19.20 -22.85
C LEU A 137 -8.59 18.38 -21.93
N PHE A 138 -9.44 19.08 -21.19
CA PHE A 138 -10.53 18.48 -20.45
C PHE A 138 -11.78 19.34 -20.66
N LYS A 139 -12.91 18.68 -20.96
CA LYS A 139 -14.15 19.42 -21.12
C LYS A 139 -14.59 20.01 -19.79
N LEU A 140 -15.00 21.27 -19.81
CA LEU A 140 -15.52 21.92 -18.62
C LEU A 140 -17.00 21.63 -18.50
N PRO A 141 -17.45 20.96 -17.43
CA PRO A 141 -18.88 20.71 -17.27
C PRO A 141 -19.68 22.00 -17.26
N ASP A 142 -20.93 21.91 -17.74
CA ASP A 142 -21.77 23.10 -17.85
C ASP A 142 -22.08 23.71 -16.49
N GLU A 143 -22.05 22.88 -15.43
CA GLU A 143 -22.34 23.39 -14.08
C GLU A 143 -21.28 24.38 -13.61
N LEU A 144 -20.05 24.26 -14.10
CA LEU A 144 -18.92 25.04 -13.59
C LEU A 144 -18.69 26.26 -14.48
N SER A 145 -18.47 27.40 -13.84
CA SER A 145 -18.15 28.62 -14.56
C SER A 145 -16.72 28.56 -15.10
N TYR A 146 -16.41 29.51 -15.98
CA TYR A 146 -15.04 29.63 -16.49
C TYR A 146 -14.05 29.92 -15.37
N GLU A 147 -14.45 30.73 -14.39
CA GLU A 147 -13.59 31.00 -13.25
C GLU A 147 -13.30 29.73 -12.47
N GLN A 148 -14.33 28.91 -12.25
CA GLN A 148 -14.13 27.60 -11.64
C GLN A 148 -13.13 26.79 -12.46
N GLY A 149 -13.25 26.83 -13.79
CA GLY A 149 -12.33 26.10 -14.62
C GLY A 149 -10.90 26.61 -14.51
N ALA A 150 -10.73 27.92 -14.33
CA ALA A 150 -9.40 28.47 -14.16
C ALA A 150 -8.76 28.06 -12.84
N LEU A 151 -9.53 27.48 -11.92
CA LEU A 151 -9.03 27.02 -10.64
C LEU A 151 -8.68 25.54 -10.65
N VAL A 152 -8.90 24.84 -11.76
CA VAL A 152 -8.67 23.40 -11.79
C VAL A 152 -7.20 23.08 -11.56
N GLU A 153 -6.32 23.75 -12.30
CA GLU A 153 -4.90 23.43 -12.20
C GLU A 153 -4.32 23.67 -10.81
N PRO A 154 -4.49 24.84 -10.19
CA PRO A 154 -3.94 25.00 -8.84
C PRO A 154 -4.61 24.13 -7.79
N SER A 155 -5.89 23.80 -7.95
CA SER A 155 -6.49 22.83 -7.06
C SER A 155 -5.84 21.46 -7.21
N ALA A 156 -5.39 21.14 -8.42
CA ALA A 156 -4.78 19.83 -8.67
C ALA A 156 -3.50 19.63 -7.87
N VAL A 157 -2.67 20.67 -7.72
CA VAL A 157 -1.45 20.50 -6.93
C VAL A 157 -1.79 20.15 -5.49
N ALA A 158 -2.84 20.78 -4.95
CA ALA A 158 -3.23 20.50 -3.58
C ALA A 158 -3.86 19.12 -3.46
N LEU A 159 -4.78 18.78 -4.37
CA LEU A 159 -5.46 17.50 -4.28
C LEU A 159 -4.49 16.35 -4.49
N TYR A 160 -3.56 16.49 -5.42
CA TYR A 160 -2.58 15.44 -5.66
C TYR A 160 -1.70 15.22 -4.43
N ALA A 161 -1.43 16.28 -3.66
CA ALA A 161 -0.69 16.12 -2.42
C ALA A 161 -1.49 15.31 -1.40
N VAL A 162 -2.79 15.62 -1.27
CA VAL A 162 -3.61 14.93 -0.27
C VAL A 162 -3.85 13.48 -0.69
N ARG A 163 -4.17 13.25 -1.97
CA ARG A 163 -4.39 11.88 -2.43
C ARG A 163 -3.12 11.04 -2.33
N SER A 164 -1.96 11.66 -2.53
CA SER A 164 -0.70 10.94 -2.42
C SER A 164 -0.34 10.58 -0.99
N SER A 165 -1.10 11.06 -0.01
CA SER A 165 -0.77 10.88 1.39
C SER A 165 -1.57 9.73 2.00
N LYS A 166 -1.11 9.29 3.17
CA LYS A 166 -1.71 8.22 3.95
C LYS A 166 -3.07 8.61 4.54
N LEU A 167 -3.53 9.83 4.27
CA LEU A 167 -4.74 10.37 4.88
C LEU A 167 -5.96 9.52 4.51
N LYS A 168 -6.78 9.21 5.51
CA LYS A 168 -8.03 8.51 5.34
C LYS A 168 -9.16 9.34 5.93
N ALA A 169 -10.39 8.98 5.56
CA ALA A 169 -11.56 9.72 6.03
C ALA A 169 -11.63 9.69 7.55
N GLY A 170 -11.77 10.85 8.16
CA GLY A 170 -11.85 10.97 9.60
C GLY A 170 -10.55 11.31 10.28
N ASP A 171 -9.42 11.16 9.60
CA ASP A 171 -8.13 11.40 10.23
C ASP A 171 -7.91 12.89 10.45
N LYS A 172 -6.93 13.21 11.30
CA LYS A 172 -6.55 14.57 11.59
C LYS A 172 -5.24 14.92 10.88
N ALA A 173 -5.11 16.20 10.54
CA ALA A 173 -3.99 16.67 9.72
C ALA A 173 -3.49 18.01 10.24
N ALA A 174 -2.30 18.39 9.78
CA ALA A 174 -1.73 19.69 10.07
C ALA A 174 -1.14 20.28 8.81
N VAL A 175 -1.37 21.58 8.61
CA VAL A 175 -0.81 22.33 7.48
C VAL A 175 0.08 23.42 8.05
N PHE A 176 1.37 23.33 7.78
CA PHE A 176 2.34 24.31 8.25
C PHE A 176 2.60 25.32 7.15
N GLY A 177 2.05 26.52 7.31
CA GLY A 177 2.14 27.55 6.29
C GLY A 177 0.88 27.66 5.46
N CYS A 178 0.09 28.69 5.72
CA CYS A 178 -1.21 28.81 5.06
C CYS A 178 -1.24 29.99 4.11
N GLY A 179 -0.24 30.08 3.23
CA GLY A 179 -0.31 30.97 2.09
C GLY A 179 -1.30 30.42 1.07
N PRO A 180 -1.24 30.93 -0.16
CA PRO A 180 -2.18 30.44 -1.17
C PRO A 180 -2.12 28.94 -1.39
N ILE A 181 -0.92 28.33 -1.34
CA ILE A 181 -0.81 26.90 -1.55
C ILE A 181 -1.33 26.13 -0.34
N GLY A 182 -0.95 26.56 0.87
CA GLY A 182 -1.43 25.89 2.06
C GLY A 182 -2.93 25.92 2.19
N LEU A 183 -3.56 27.02 1.75
CA LEU A 183 -5.02 27.11 1.83
C LEU A 183 -5.68 26.11 0.89
N LEU A 184 -5.16 25.97 -0.33
CA LEU A 184 -5.69 24.96 -1.24
C LEU A 184 -5.54 23.56 -0.68
N VAL A 185 -4.46 23.31 0.06
CA VAL A 185 -4.27 22.00 0.71
C VAL A 185 -5.34 21.79 1.77
N ILE A 186 -5.71 22.84 2.51
CA ILE A 186 -6.75 22.72 3.53
C ILE A 186 -8.07 22.30 2.90
N GLU A 187 -8.44 22.97 1.81
CA GLU A 187 -9.68 22.62 1.11
C GLU A 187 -9.63 21.18 0.58
N ALA A 188 -8.47 20.77 0.07
CA ALA A 188 -8.35 19.39 -0.42
C ALA A 188 -8.45 18.40 0.73
N LEU A 189 -7.89 18.74 1.89
CA LEU A 189 -7.99 17.86 3.06
C LEU A 189 -9.45 17.67 3.46
N LYS A 190 -10.24 18.75 3.46
CA LYS A 190 -11.65 18.64 3.83
C LYS A 190 -12.41 17.81 2.81
N ALA A 191 -12.05 17.91 1.52
CA ALA A 191 -12.66 17.05 0.52
C ALA A 191 -12.37 15.58 0.81
N ALA A 192 -11.14 15.28 1.22
CA ALA A 192 -10.74 13.90 1.50
C ALA A 192 -11.28 13.37 2.82
N GLY A 193 -11.94 14.22 3.61
CA GLY A 193 -12.54 13.78 4.86
C GLY A 193 -11.74 14.07 6.10
N ALA A 194 -10.71 14.90 6.00
CA ALA A 194 -10.00 15.31 7.20
C ALA A 194 -10.94 16.08 8.12
N THR A 195 -10.81 15.83 9.42
CA THR A 195 -11.72 16.43 10.38
C THR A 195 -11.09 17.62 11.06
N ASP A 196 -10.14 17.37 11.98
CA ASP A 196 -9.43 18.44 12.65
C ASP A 196 -8.17 18.77 11.84
N ILE A 197 -8.13 19.97 11.28
CA ILE A 197 -6.99 20.44 10.50
C ILE A 197 -6.35 21.59 11.27
N TYR A 198 -5.12 21.38 11.71
CA TYR A 198 -4.40 22.37 12.51
C TYR A 198 -3.54 23.21 11.60
N ALA A 199 -3.97 24.45 11.37
CA ALA A 199 -3.29 25.39 10.50
C ALA A 199 -2.34 26.25 11.32
N VAL A 200 -1.04 26.13 11.05
CA VAL A 200 -0.01 26.90 11.74
C VAL A 200 0.34 28.09 10.84
N GLU A 201 -0.08 29.29 11.26
CA GLU A 201 0.11 30.48 10.45
C GLU A 201 0.15 31.72 11.34
N LEU A 202 1.06 32.64 11.02
CA LEU A 202 1.22 33.88 11.79
C LEU A 202 0.31 35.00 11.28
N SER A 203 0.13 35.10 9.97
CA SER A 203 -0.56 36.25 9.40
C SER A 203 -2.06 36.20 9.72
N PRO A 204 -2.61 37.25 10.34
CA PRO A 204 -4.05 37.22 10.67
C PRO A 204 -4.98 37.07 9.47
N GLU A 205 -4.66 37.73 8.34
CA GLU A 205 -5.51 37.58 7.16
C GLU A 205 -5.52 36.13 6.67
N ARG A 206 -4.35 35.49 6.67
CA ARG A 206 -4.30 34.09 6.27
C ARG A 206 -4.92 33.18 7.31
N GLN A 207 -4.81 33.54 8.60
CA GLN A 207 -5.51 32.78 9.64
C GLN A 207 -7.02 32.84 9.43
N GLN A 208 -7.52 33.98 8.96
CA GLN A 208 -8.95 34.16 8.82
C GLN A 208 -9.50 33.52 7.56
N LYS A 209 -8.63 33.20 6.60
CA LYS A 209 -9.04 32.42 5.44
C LYS A 209 -9.01 30.93 5.73
N ALA A 210 -7.98 30.47 6.44
CA ALA A 210 -7.90 29.06 6.82
C ALA A 210 -9.08 28.67 7.70
N GLU A 211 -9.50 29.58 8.59
CA GLU A 211 -10.64 29.30 9.44
C GLU A 211 -11.93 29.23 8.62
N GLU A 212 -12.04 30.05 7.58
CA GLU A 212 -13.21 29.97 6.71
C GLU A 212 -13.26 28.65 5.97
N LEU A 213 -12.09 28.10 5.60
CA LEU A 213 -12.03 26.83 4.91
C LEU A 213 -12.23 25.63 5.83
N GLY A 214 -12.28 25.84 7.13
CA GLY A 214 -12.61 24.79 8.06
C GLY A 214 -11.49 24.31 8.96
N ALA A 215 -10.41 25.07 9.09
CA ALA A 215 -9.25 24.64 9.87
C ALA A 215 -9.28 25.24 11.26
N ILE A 216 -8.38 24.76 12.11
CA ILE A 216 -8.17 25.29 13.45
C ILE A 216 -6.84 26.03 13.46
N ILE A 217 -6.86 27.26 13.96
CA ILE A 217 -5.67 28.12 13.93
C ILE A 217 -4.78 27.78 15.11
N VAL A 218 -3.49 27.59 14.83
CA VAL A 218 -2.47 27.49 15.86
C VAL A 218 -1.50 28.64 15.59
N ASP A 219 -1.66 29.73 16.34
CA ASP A 219 -0.80 30.89 16.18
C ASP A 219 0.54 30.63 16.86
N PRO A 220 1.66 30.65 16.13
CA PRO A 220 2.96 30.48 16.79
C PRO A 220 3.29 31.59 17.77
N SER A 221 2.68 32.77 17.62
CA SER A 221 2.92 33.89 18.52
C SER A 221 2.10 33.82 19.80
N LYS A 222 1.10 32.94 19.86
CA LYS A 222 0.23 32.82 21.01
C LYS A 222 0.36 31.48 21.73
N THR A 223 1.24 30.60 21.27
CA THR A 223 1.50 29.32 21.92
C THR A 223 2.99 29.21 22.19
N ASP A 224 3.34 28.64 23.33
CA ASP A 224 4.75 28.51 23.68
C ASP A 224 5.44 27.49 22.77
N ASP A 225 4.79 26.36 22.50
CA ASP A 225 5.36 25.30 21.68
C ASP A 225 4.27 24.77 20.77
N VAL A 226 4.42 25.00 19.46
CA VAL A 226 3.40 24.58 18.50
C VAL A 226 3.26 23.06 18.49
N VAL A 227 4.39 22.34 18.51
CA VAL A 227 4.34 20.88 18.44
C VAL A 227 3.65 20.30 19.66
N ALA A 228 3.93 20.87 20.84
CA ALA A 228 3.30 20.40 22.07
C ALA A 228 1.79 20.62 22.04
N GLU A 229 1.36 21.73 21.46
CA GLU A 229 -0.07 22.05 21.40
C GLU A 229 -0.81 21.07 20.50
N ILE A 230 -0.29 20.82 19.31
CA ILE A 230 -0.94 19.88 18.40
C ILE A 230 -0.95 18.49 18.99
N ALA A 231 0.12 18.13 19.69
CA ALA A 231 0.18 16.82 20.34
C ALA A 231 -0.86 16.73 21.45
N GLU A 232 -1.07 17.83 22.19
CA GLU A 232 -2.01 17.81 23.30
C GLU A 232 -3.44 17.67 22.81
N ARG A 233 -3.82 18.43 21.78
CA ARG A 233 -5.18 18.42 21.27
C ARG A 233 -5.50 17.20 20.41
N THR A 234 -4.50 16.42 20.01
CA THR A 234 -4.72 15.20 19.23
C THR A 234 -4.39 13.92 19.99
N GLY A 235 -3.77 14.02 21.16
CA GLY A 235 -3.41 12.84 21.93
C GLY A 235 -2.28 12.05 21.31
N GLY A 236 -1.22 12.74 20.88
CA GLY A 236 -0.06 12.05 20.33
C GLY A 236 0.37 12.54 18.97
N GLY A 237 -0.49 13.31 18.29
CA GLY A 237 -0.12 13.86 16.99
C GLY A 237 -1.17 13.64 15.92
N VAL A 238 -1.05 14.40 14.83
CA VAL A 238 -1.94 14.24 13.67
C VAL A 238 -1.46 13.06 12.85
N ASP A 239 -2.25 12.64 11.87
CA ASP A 239 -1.86 11.52 11.03
C ASP A 239 -1.02 11.94 9.84
N VAL A 240 -1.25 13.12 9.29
CA VAL A 240 -0.45 13.65 8.19
C VAL A 240 -0.16 15.12 8.45
N ALA A 241 1.09 15.53 8.26
CA ALA A 241 1.49 16.92 8.37
C ALA A 241 1.99 17.40 7.01
N PHE A 242 1.64 18.63 6.67
CA PHE A 242 2.00 19.22 5.38
C PHE A 242 2.91 20.41 5.61
N GLU A 243 4.12 20.35 5.07
CA GLU A 243 5.10 21.42 5.19
C GLU A 243 5.01 22.30 3.95
N VAL A 244 4.66 23.58 4.16
CA VAL A 244 4.44 24.50 3.05
C VAL A 244 5.30 25.75 3.20
N THR A 245 5.99 25.89 4.34
CA THR A 245 6.75 27.11 4.58
C THR A 245 8.12 27.12 3.92
N GLY A 246 8.75 25.96 3.79
CA GLY A 246 10.12 25.91 3.32
C GLY A 246 11.15 26.31 4.36
N VAL A 247 10.75 26.40 5.62
CA VAL A 247 11.63 26.83 6.70
C VAL A 247 12.20 25.59 7.39
N PRO A 248 13.53 25.51 7.56
CA PRO A 248 14.11 24.30 8.19
C PRO A 248 13.53 23.99 9.55
N VAL A 249 13.34 25.00 10.41
CA VAL A 249 12.80 24.75 11.74
C VAL A 249 11.38 24.20 11.64
N VAL A 250 10.62 24.64 10.65
CA VAL A 250 9.23 24.20 10.54
C VAL A 250 9.14 22.77 10.01
N LEU A 251 10.06 22.37 9.14
CA LEU A 251 10.08 20.97 8.69
C LEU A 251 10.30 20.04 9.87
N ARG A 252 11.15 20.43 10.81
CA ARG A 252 11.33 19.65 12.03
C ARG A 252 10.03 19.56 12.82
N GLN A 253 9.30 20.68 12.95
CA GLN A 253 8.06 20.67 13.71
C GLN A 253 6.99 19.81 13.04
N ALA A 254 6.92 19.85 11.71
CA ALA A 254 5.92 19.05 11.01
C ALA A 254 6.12 17.56 11.27
N ILE A 255 7.37 17.11 11.29
CA ILE A 255 7.64 15.71 11.61
C ILE A 255 7.30 15.42 13.06
N GLN A 256 7.63 16.35 13.97
CA GLN A 256 7.38 16.12 15.39
C GLN A 256 5.91 16.17 15.74
N SER A 257 5.07 16.72 14.87
CA SER A 257 3.65 16.85 15.14
C SER A 257 2.82 15.67 14.64
N THR A 258 3.47 14.64 14.11
CA THR A 258 2.77 13.44 13.67
C THR A 258 2.87 12.36 14.74
N THR A 259 1.91 11.45 14.72
CA THR A 259 1.78 10.41 15.73
C THR A 259 2.60 9.18 15.32
N ILE A 260 2.33 8.06 15.98
CA ILE A 260 3.01 6.81 15.64
C ILE A 260 2.71 6.47 14.19
N ALA A 261 3.77 6.30 13.39
CA ALA A 261 3.69 5.99 11.96
C ALA A 261 3.11 7.14 11.14
N GLY A 262 3.14 8.37 11.65
CA GLY A 262 2.63 9.50 10.91
C GLY A 262 3.47 9.81 9.68
N GLU A 263 2.91 10.64 8.81
CA GLU A 263 3.53 10.96 7.53
C GLU A 263 3.64 12.47 7.39
N THR A 264 4.82 12.94 6.98
CA THR A 264 5.07 14.34 6.70
C THR A 264 5.27 14.51 5.19
N VAL A 265 4.38 15.28 4.57
CA VAL A 265 4.40 15.50 3.12
C VAL A 265 5.00 16.87 2.85
N ILE A 266 6.13 16.90 2.15
CA ILE A 266 6.82 18.16 1.85
C ILE A 266 6.21 18.74 0.58
N VAL A 267 5.62 19.92 0.71
CA VAL A 267 5.00 20.60 -0.43
C VAL A 267 5.78 21.84 -0.86
N SER A 268 6.68 22.34 -0.04
CA SER A 268 7.35 23.61 -0.29
C SER A 268 8.57 23.43 -1.19
N ILE A 269 9.09 24.56 -1.68
CA ILE A 269 10.29 24.60 -2.52
C ILE A 269 11.49 24.90 -1.62
N TRP A 270 12.61 24.22 -1.88
CA TRP A 270 13.80 24.32 -1.05
C TRP A 270 15.01 24.61 -1.93
N GLU A 271 15.75 25.67 -1.58
CA GLU A 271 16.98 26.03 -2.27
C GLU A 271 18.24 25.68 -1.49
N LYS A 272 18.19 25.80 -0.17
CA LYS A 272 19.29 25.43 0.70
C LYS A 272 18.93 24.19 1.50
N GLY A 273 19.90 23.68 2.24
CA GLY A 273 19.68 22.52 3.07
C GLY A 273 18.79 22.85 4.26
N ALA A 274 18.57 21.84 5.09
CA ALA A 274 17.77 21.99 6.30
C ALA A 274 18.18 20.94 7.30
N GLU A 275 18.38 21.35 8.54
CA GLU A 275 18.77 20.44 9.62
C GLU A 275 17.52 19.81 10.22
N ILE A 276 17.44 18.48 10.15
CA ILE A 276 16.37 17.73 10.79
C ILE A 276 16.98 16.94 11.95
N HIS A 277 16.10 16.31 12.74
CA HIS A 277 16.52 15.38 13.77
C HIS A 277 16.11 13.98 13.34
N PRO A 278 16.99 13.24 12.63
CA PRO A 278 16.64 11.90 12.14
C PRO A 278 16.11 10.97 13.23
N ASN A 279 16.48 11.24 14.49
CA ASN A 279 15.92 10.49 15.60
C ASN A 279 14.41 10.61 15.64
N ASP A 280 13.88 11.80 15.33
CA ASP A 280 12.44 12.01 15.35
C ASP A 280 11.72 11.12 14.33
N ILE A 281 12.40 10.78 13.22
CA ILE A 281 11.80 9.89 12.24
C ILE A 281 11.85 8.45 12.73
N VAL A 282 12.94 8.06 13.39
CA VAL A 282 13.15 6.66 13.75
C VAL A 282 12.30 6.27 14.95
N ILE A 283 12.19 7.16 15.94
CA ILE A 283 11.60 6.79 17.23
C ILE A 283 10.16 6.29 17.06
N LYS A 284 9.36 7.01 16.28
CA LYS A 284 7.94 6.69 16.12
C LYS A 284 7.63 6.08 14.76
N GLU A 285 8.64 5.58 14.05
CA GLU A 285 8.46 4.93 12.75
C GLU A 285 7.74 5.84 11.75
N ARG A 286 8.21 7.09 11.68
CA ARG A 286 7.55 8.09 10.88
C ARG A 286 7.99 8.00 9.41
N THR A 287 7.35 8.81 8.58
CA THR A 287 7.61 8.82 7.14
C THR A 287 7.61 10.25 6.65
N VAL A 288 8.57 10.57 5.77
CA VAL A 288 8.60 11.84 5.07
C VAL A 288 8.48 11.54 3.57
N LYS A 289 7.63 12.29 2.89
CA LYS A 289 7.27 12.00 1.51
C LYS A 289 7.37 13.26 0.68
N GLY A 290 8.01 13.15 -0.49
CA GLY A 290 8.14 14.28 -1.40
C GLY A 290 7.02 14.28 -2.42
N ILE A 291 6.56 15.49 -2.77
CA ILE A 291 5.47 15.68 -3.71
C ILE A 291 5.83 16.86 -4.63
N ILE A 292 5.76 16.63 -5.94
CA ILE A 292 6.00 17.69 -6.92
C ILE A 292 5.02 17.52 -8.07
N GLY A 293 4.52 18.64 -8.58
CA GLY A 293 3.57 18.60 -9.67
C GLY A 293 2.31 17.83 -9.31
N TYR A 294 1.83 17.05 -10.27
CA TYR A 294 0.59 16.29 -10.14
C TYR A 294 0.47 15.44 -11.40
N ARG A 295 -0.41 14.43 -11.33
CA ARG A 295 -0.66 13.58 -12.48
C ARG A 295 -1.96 12.83 -12.26
N ASP A 296 -2.69 12.61 -13.37
CA ASP A 296 -3.94 11.85 -13.37
C ASP A 296 -4.89 12.34 -12.29
N ILE A 297 -5.14 13.65 -12.29
CA ILE A 297 -5.87 14.29 -11.20
C ILE A 297 -6.99 15.21 -11.68
N PHE A 298 -6.97 15.69 -12.92
CA PHE A 298 -7.96 16.67 -13.35
C PHE A 298 -9.40 16.17 -13.26
N PRO A 299 -9.75 14.95 -13.67
CA PRO A 299 -11.13 14.50 -13.49
C PRO A 299 -11.59 14.51 -12.03
N ALA A 300 -10.71 14.11 -11.11
CA ALA A 300 -11.08 14.16 -9.68
C ALA A 300 -11.33 15.58 -9.22
N VAL A 301 -10.48 16.52 -9.63
CA VAL A 301 -10.67 17.92 -9.27
C VAL A 301 -11.99 18.42 -9.84
N LEU A 302 -12.22 18.18 -11.13
CA LEU A 302 -13.45 18.64 -11.78
C LEU A 302 -14.67 18.05 -11.09
N SER A 303 -14.59 16.79 -10.66
CA SER A 303 -15.73 16.14 -10.02
C SER A 303 -15.99 16.74 -8.64
N LEU A 304 -14.94 17.03 -7.88
CA LEU A 304 -15.12 17.59 -6.55
C LEU A 304 -15.69 19.00 -6.60
N MET A 305 -15.37 19.74 -7.67
CA MET A 305 -15.91 21.09 -7.80
C MET A 305 -17.41 21.07 -8.04
N LYS A 306 -17.91 20.07 -8.76
CA LYS A 306 -19.36 19.92 -8.92
C LYS A 306 -20.07 19.72 -7.59
N GLU A 307 -19.34 19.36 -6.54
CA GLU A 307 -19.91 19.16 -5.22
C GLU A 307 -19.69 20.35 -4.29
N GLY A 308 -19.06 21.42 -4.77
CA GLY A 308 -18.87 22.62 -3.99
C GLY A 308 -17.46 22.83 -3.46
N TYR A 309 -16.57 21.85 -3.61
CA TYR A 309 -15.21 22.00 -3.15
C TYR A 309 -14.42 22.90 -4.09
N PHE A 310 -13.36 23.52 -3.55
CA PHE A 310 -12.51 24.45 -4.29
C PHE A 310 -13.33 25.58 -4.91
N SER A 311 -14.32 26.05 -4.16
CA SER A 311 -15.23 27.09 -4.65
C SER A 311 -14.48 28.37 -4.95
N ALA A 312 -14.81 28.99 -6.09
CA ALA A 312 -14.23 30.28 -6.43
C ALA A 312 -14.69 31.36 -5.47
N ASP A 313 -15.88 31.20 -4.88
CA ASP A 313 -16.36 32.14 -3.88
C ASP A 313 -15.39 32.23 -2.71
N LYS A 314 -14.77 31.12 -2.34
CA LYS A 314 -13.83 31.10 -1.23
C LYS A 314 -12.40 31.42 -1.63
N LEU A 315 -11.99 31.08 -2.86
CA LEU A 315 -10.59 31.12 -3.22
C LEU A 315 -10.19 32.28 -4.11
N VAL A 316 -11.11 32.82 -4.90
CA VAL A 316 -10.79 33.91 -5.82
C VAL A 316 -11.00 35.24 -5.09
N THR A 317 -9.92 35.99 -4.91
CA THR A 317 -9.94 37.23 -4.15
C THR A 317 -9.80 38.48 -5.01
N LYS A 318 -9.62 38.35 -6.32
CA LYS A 318 -9.46 39.51 -7.20
C LYS A 318 -9.55 39.07 -8.65
N LYS A 319 -10.23 39.88 -9.46
CA LYS A 319 -10.30 39.70 -10.90
C LYS A 319 -9.74 40.95 -11.59
N ILE A 320 -8.78 40.75 -12.48
CA ILE A 320 -8.11 41.86 -13.16
C ILE A 320 -8.16 41.61 -14.66
N VAL A 321 -7.82 42.64 -15.43
CA VAL A 321 -7.67 42.52 -16.86
C VAL A 321 -6.18 42.43 -17.19
N LEU A 322 -5.88 41.88 -18.36
CA LEU A 322 -4.50 41.58 -18.73
C LEU A 322 -3.62 42.83 -18.72
N ASP A 323 -4.20 44.00 -19.03
CA ASP A 323 -3.42 45.22 -19.03
C ASP A 323 -2.79 45.50 -17.66
N ASP A 324 -3.55 45.26 -16.60
CA ASP A 324 -3.13 45.57 -15.23
C ASP A 324 -2.40 44.42 -14.57
N LEU A 325 -1.74 43.55 -15.34
CA LEU A 325 -1.13 42.35 -14.74
C LEU A 325 0.04 42.71 -13.84
N ILE A 326 0.82 43.74 -14.19
CA ILE A 326 2.05 44.01 -13.47
C ILE A 326 1.76 44.59 -12.09
N GLU A 327 0.86 45.58 -12.02
CA GLU A 327 0.62 46.25 -10.76
C GLU A 327 -0.59 45.71 -10.01
N GLU A 328 -1.69 45.42 -10.70
CA GLU A 328 -2.86 44.88 -10.02
C GLU A 328 -2.80 43.37 -9.84
N GLY A 329 -1.84 42.70 -10.47
CA GLY A 329 -1.71 41.26 -10.30
C GLY A 329 -0.51 40.90 -9.45
N PHE A 330 0.69 40.94 -10.04
CA PHE A 330 1.90 40.64 -9.28
C PHE A 330 2.06 41.59 -8.10
N GLY A 331 1.84 42.89 -8.33
CA GLY A 331 1.97 43.86 -7.25
C GLY A 331 1.07 43.55 -6.07
N ALA A 332 -0.18 43.18 -6.34
CA ALA A 332 -1.10 42.85 -5.26
C ALA A 332 -0.66 41.58 -4.52
N LEU A 333 -0.06 40.63 -5.24
CA LEU A 333 0.46 39.43 -4.60
C LEU A 333 1.64 39.74 -3.69
N ILE A 334 2.40 40.79 -4.01
CA ILE A 334 3.58 41.14 -3.23
C ILE A 334 3.20 41.88 -1.96
N LYS A 335 2.10 42.65 -1.99
CA LYS A 335 1.79 43.58 -0.89
C LYS A 335 0.69 43.08 0.03
N GLU A 336 -0.25 42.30 -0.45
CA GLU A 336 -1.44 41.94 0.31
C GLU A 336 -1.42 40.45 0.65
N LYS A 337 -1.16 40.15 1.92
CA LYS A 337 -1.13 38.77 2.41
C LYS A 337 -2.52 38.14 2.44
N SER A 338 -3.57 38.88 2.10
CA SER A 338 -4.92 38.36 2.06
C SER A 338 -5.29 37.75 0.72
N GLN A 339 -4.46 37.93 -0.31
CA GLN A 339 -4.78 37.43 -1.63
C GLN A 339 -4.53 35.93 -1.71
N VAL A 340 -5.52 35.19 -2.22
CA VAL A 340 -5.39 33.75 -2.39
C VAL A 340 -5.11 33.45 -3.85
N LYS A 341 -6.12 33.62 -4.71
CA LYS A 341 -5.98 33.43 -6.13
C LYS A 341 -6.50 34.65 -6.87
N ILE A 342 -5.72 35.16 -7.82
CA ILE A 342 -6.09 36.29 -8.65
C ILE A 342 -6.30 35.80 -10.07
N LEU A 343 -7.47 36.07 -10.62
CA LEU A 343 -7.82 35.66 -11.97
C LEU A 343 -7.61 36.83 -12.93
N VAL A 344 -7.16 36.52 -14.15
CA VAL A 344 -6.79 37.53 -15.13
C VAL A 344 -7.60 37.30 -16.38
N ARG A 345 -8.25 38.36 -16.84
CA ARG A 345 -9.11 38.42 -18.01
C ARG A 345 -8.37 39.08 -19.16
N PRO A 346 -8.30 38.48 -20.35
CA PRO A 346 -7.51 39.08 -21.43
C PRO A 346 -8.01 40.44 -21.89
N ASN A 347 -9.33 40.62 -22.00
CA ASN A 347 -9.88 41.90 -22.45
C ASN A 347 -11.27 42.15 -21.90
N SER B 1 -36.32 -5.95 38.53
CA SER B 1 -35.49 -4.86 39.00
C SER B 1 -35.13 -3.91 37.86
N MET B 2 -34.98 -4.46 36.66
CA MET B 2 -34.58 -3.69 35.50
C MET B 2 -35.22 -4.27 34.25
N LYS B 3 -35.83 -3.40 33.44
CA LYS B 3 -36.51 -3.83 32.24
C LYS B 3 -35.52 -3.99 31.09
N ALA B 4 -35.63 -5.12 30.38
CA ALA B 4 -34.69 -5.45 29.32
C ALA B 4 -35.42 -6.24 28.25
N ALA B 5 -34.83 -6.26 27.05
CA ALA B 5 -35.31 -7.06 25.94
C ALA B 5 -34.33 -8.20 25.73
N ARG B 6 -34.76 -9.42 26.00
CA ARG B 6 -33.88 -10.58 25.90
C ARG B 6 -34.38 -11.53 24.82
N TRP B 7 -33.43 -12.16 24.16
CA TRP B 7 -33.69 -13.11 23.09
C TRP B 7 -33.64 -14.51 23.66
N HIS B 8 -34.74 -15.23 23.52
CA HIS B 8 -34.81 -16.59 24.00
C HIS B 8 -34.71 -17.55 22.84
N ASN B 9 -35.59 -17.36 21.87
CA ASN B 9 -35.61 -18.27 20.70
C ASN B 9 -35.96 -17.48 19.45
N GLN B 10 -36.01 -18.15 18.32
CA GLN B 10 -36.24 -17.38 17.09
C GLN B 10 -37.69 -16.90 17.10
N LYS B 11 -37.90 -15.62 16.75
CA LYS B 11 -39.20 -14.94 16.83
C LYS B 11 -39.75 -14.85 18.25
N ASP B 12 -38.88 -14.97 19.26
CA ASP B 12 -39.27 -14.93 20.67
C ASP B 12 -38.31 -13.99 21.41
N ILE B 13 -38.55 -12.69 21.30
CA ILE B 13 -37.82 -11.68 22.05
C ILE B 13 -38.80 -11.07 23.06
N ARG B 14 -38.47 -11.16 24.34
CA ARG B 14 -39.38 -10.83 25.42
C ARG B 14 -38.93 -9.57 26.14
N ILE B 15 -39.91 -8.77 26.56
CA ILE B 15 -39.66 -7.60 27.38
C ILE B 15 -39.94 -8.03 28.82
N GLU B 16 -38.87 -8.30 29.56
CA GLU B 16 -38.94 -8.89 30.88
C GLU B 16 -38.17 -8.02 31.87
N HIS B 17 -38.34 -8.32 33.15
CA HIS B 17 -37.55 -7.69 34.19
C HIS B 17 -36.48 -8.67 34.67
N ILE B 18 -35.23 -8.22 34.63
CA ILE B 18 -34.08 -9.01 35.05
C ILE B 18 -33.31 -8.19 36.08
N GLU B 19 -32.34 -8.83 36.72
CA GLU B 19 -31.61 -8.17 37.80
C GLU B 19 -30.73 -7.07 37.24
N GLU B 20 -30.74 -5.92 37.92
CA GLU B 20 -29.76 -4.89 37.64
C GLU B 20 -28.37 -5.44 37.91
N PRO B 21 -27.41 -5.29 37.00
CA PRO B 21 -26.07 -5.83 37.28
C PRO B 21 -25.25 -5.01 38.27
N LYS B 22 -24.51 -5.70 39.11
CA LYS B 22 -23.65 -4.97 40.06
C LYS B 22 -22.39 -4.56 39.30
N THR B 23 -21.84 -3.39 39.59
CA THR B 23 -20.66 -2.90 38.91
C THR B 23 -19.41 -3.53 39.54
N GLU B 24 -18.76 -4.42 38.79
CA GLU B 24 -17.55 -5.09 39.25
C GLU B 24 -16.36 -4.14 39.10
N PRO B 25 -15.19 -4.47 39.70
CA PRO B 25 -14.07 -3.50 39.73
C PRO B 25 -13.68 -2.88 38.40
N GLY B 26 -13.68 -3.64 37.31
CA GLY B 26 -13.25 -3.09 36.04
C GLY B 26 -14.28 -2.35 35.22
N LYS B 27 -15.54 -2.31 35.66
CA LYS B 27 -16.65 -1.96 34.79
C LYS B 27 -17.20 -0.57 35.11
N VAL B 28 -18.15 -0.16 34.29
CA VAL B 28 -18.84 1.13 34.42
C VAL B 28 -20.31 0.89 34.10
N LYS B 29 -21.21 1.36 34.96
CA LYS B 29 -22.64 1.16 34.80
C LYS B 29 -23.22 2.33 34.00
N ILE B 30 -23.83 2.01 32.86
CA ILE B 30 -24.39 3.01 31.95
C ILE B 30 -25.90 2.94 32.00
N LYS B 31 -26.54 4.10 32.20
CA LYS B 31 -27.98 4.23 32.00
C LYS B 31 -28.21 4.58 30.53
N VAL B 32 -28.81 3.65 29.78
CA VAL B 32 -28.98 3.81 28.33
C VAL B 32 -29.97 4.92 28.04
N LYS B 33 -29.66 5.74 27.04
CA LYS B 33 -30.55 6.78 26.53
C LYS B 33 -31.20 6.41 25.21
N TRP B 34 -30.44 5.87 24.26
CA TRP B 34 -30.96 5.44 22.97
C TRP B 34 -30.16 4.24 22.48
N CYS B 35 -30.85 3.34 21.78
CA CYS B 35 -30.22 2.17 21.18
C CYS B 35 -30.89 1.87 19.85
N GLY B 36 -30.07 1.54 18.85
CA GLY B 36 -30.58 1.26 17.51
C GLY B 36 -30.76 -0.23 17.26
N ILE B 37 -31.41 -0.52 16.13
CA ILE B 37 -31.66 -1.89 15.69
C ILE B 37 -30.80 -2.12 14.45
N CYS B 38 -29.92 -3.12 14.53
CA CYS B 38 -28.84 -3.26 13.55
C CYS B 38 -29.28 -3.88 12.23
N GLY B 39 -30.33 -4.69 12.24
CA GLY B 39 -30.56 -5.63 11.16
C GLY B 39 -29.89 -6.96 11.41
N SER B 40 -28.75 -6.98 12.10
CA SER B 40 -28.28 -8.20 12.73
C SER B 40 -29.25 -8.63 13.83
N ASP B 41 -29.76 -7.67 14.60
CA ASP B 41 -30.83 -7.97 15.55
C ASP B 41 -32.05 -8.52 14.84
N LEU B 42 -32.41 -7.93 13.69
CA LEU B 42 -33.52 -8.43 12.89
C LEU B 42 -33.24 -9.84 12.37
N HIS B 43 -31.97 -10.15 12.07
CA HIS B 43 -31.65 -11.47 11.56
C HIS B 43 -31.72 -12.54 12.64
N GLU B 44 -31.51 -12.16 13.91
CA GLU B 44 -31.66 -13.13 14.99
C GLU B 44 -33.12 -13.29 15.39
N TYR B 45 -33.95 -12.28 15.17
CA TYR B 45 -35.38 -12.41 15.45
C TYR B 45 -36.04 -13.36 14.46
N LEU B 46 -35.76 -13.18 13.16
CA LEU B 46 -36.44 -13.96 12.14
C LEU B 46 -35.81 -15.35 11.95
N GLY B 47 -34.50 -15.47 12.10
CA GLY B 47 -33.85 -16.73 11.78
C GLY B 47 -32.65 -17.09 12.63
N GLY B 48 -32.64 -16.68 13.89
CA GLY B 48 -31.55 -17.03 14.78
C GLY B 48 -31.66 -18.46 15.27
N PRO B 49 -30.64 -18.90 16.02
CA PRO B 49 -29.43 -18.14 16.37
C PRO B 49 -28.37 -18.11 15.27
N ILE B 50 -27.67 -16.99 15.18
CA ILE B 50 -26.57 -16.82 14.23
C ILE B 50 -25.31 -16.43 14.99
N PHE B 51 -25.39 -15.34 15.77
CA PHE B 51 -24.30 -14.93 16.64
C PHE B 51 -24.57 -15.18 18.12
N ILE B 52 -25.79 -15.59 18.47
CA ILE B 52 -26.18 -15.80 19.86
C ILE B 52 -25.81 -17.23 20.26
N PRO B 53 -24.95 -17.43 21.25
CA PRO B 53 -24.65 -18.80 21.71
C PRO B 53 -25.87 -19.41 22.38
N VAL B 54 -26.20 -20.64 21.99
CA VAL B 54 -27.36 -21.33 22.55
C VAL B 54 -26.92 -22.69 23.09
N ASP B 55 -26.29 -23.48 22.25
CA ASP B 55 -25.88 -24.83 22.64
C ASP B 55 -24.60 -24.79 23.46
N LYS B 56 -23.56 -24.14 22.95
CA LYS B 56 -22.30 -24.00 23.68
C LYS B 56 -22.12 -22.56 24.14
N PRO B 57 -21.61 -22.34 25.35
CA PRO B 57 -21.35 -20.97 25.81
C PRO B 57 -20.30 -20.28 24.95
N HIS B 58 -20.41 -18.95 24.89
CA HIS B 58 -19.44 -18.18 24.13
C HIS B 58 -18.10 -18.17 24.85
N PRO B 59 -16.98 -18.26 24.13
CA PRO B 59 -15.67 -18.42 24.80
C PRO B 59 -15.35 -17.32 25.80
N LEU B 60 -15.56 -16.05 25.43
CA LEU B 60 -15.21 -14.94 26.31
C LEU B 60 -16.35 -14.54 27.21
N THR B 61 -17.56 -14.46 26.63
CA THR B 61 -18.73 -14.14 27.42
C THR B 61 -19.03 -15.20 28.48
N ASN B 62 -18.94 -16.49 28.12
CA ASN B 62 -19.36 -17.61 28.97
C ASN B 62 -20.84 -17.49 29.38
N GLU B 63 -21.69 -17.43 28.36
CA GLU B 63 -23.12 -17.26 28.54
C GLU B 63 -23.85 -17.93 27.39
N THR B 64 -25.02 -18.44 27.69
CA THR B 64 -25.92 -19.03 26.70
C THR B 64 -27.17 -18.17 26.65
N ALA B 65 -28.03 -18.46 25.66
CA ALA B 65 -29.34 -17.84 25.62
C ALA B 65 -30.11 -18.19 26.89
N PRO B 66 -30.98 -17.30 27.38
CA PRO B 66 -31.28 -15.97 26.83
C PRO B 66 -30.20 -14.92 27.08
N VAL B 67 -30.16 -13.92 26.21
CA VAL B 67 -29.21 -12.82 26.30
C VAL B 67 -29.93 -11.52 26.00
N THR B 68 -29.47 -10.45 26.63
CA THR B 68 -30.01 -9.13 26.32
C THR B 68 -29.40 -8.63 25.00
N MET B 69 -30.19 -7.87 24.26
CA MET B 69 -29.84 -7.51 22.90
C MET B 69 -29.56 -6.02 22.78
N GLY B 70 -28.80 -5.67 21.76
CA GLY B 70 -28.60 -4.27 21.47
C GLY B 70 -27.18 -3.77 21.52
N HIS B 71 -26.58 -3.59 20.35
CA HIS B 71 -25.39 -2.78 20.23
C HIS B 71 -25.86 -1.46 19.63
N GLU B 72 -24.92 -0.56 19.35
CA GLU B 72 -25.24 0.80 18.87
C GLU B 72 -26.11 1.54 19.91
N PHE B 73 -25.47 1.91 21.03
CA PHE B 73 -26.19 2.65 22.04
C PHE B 73 -25.28 3.67 22.69
N SER B 74 -25.89 4.61 23.41
CA SER B 74 -25.20 5.63 24.17
C SER B 74 -25.93 5.80 25.48
N GLY B 75 -25.27 6.47 26.44
CA GLY B 75 -25.92 6.69 27.71
C GLY B 75 -25.04 7.46 28.67
N GLU B 76 -25.50 7.52 29.92
CA GLU B 76 -24.88 8.33 30.96
C GLU B 76 -24.30 7.42 32.04
N VAL B 77 -23.04 7.64 32.39
CA VAL B 77 -22.41 6.87 33.46
C VAL B 77 -23.10 7.21 34.77
N VAL B 78 -23.63 6.19 35.44
CA VAL B 78 -24.29 6.38 36.73
C VAL B 78 -23.59 5.65 37.86
N GLU B 79 -22.62 4.78 37.58
CA GLU B 79 -21.87 4.13 38.63
C GLU B 79 -20.55 3.66 38.04
N VAL B 80 -19.48 3.78 38.84
CA VAL B 80 -18.12 3.60 38.36
C VAL B 80 -17.45 2.53 39.21
N GLY B 81 -16.78 1.58 38.55
CA GLY B 81 -16.17 0.48 39.25
C GLY B 81 -14.96 0.91 40.07
N GLU B 82 -14.36 -0.07 40.74
CA GLU B 82 -13.34 0.23 41.74
C GLU B 82 -12.07 0.80 41.08
N GLY B 83 -11.64 0.23 39.96
CA GLY B 83 -10.36 0.57 39.37
C GLY B 83 -10.39 1.60 38.27
N VAL B 84 -11.50 2.31 38.10
CA VAL B 84 -11.69 3.22 36.98
C VAL B 84 -11.30 4.63 37.39
N GLU B 85 -10.44 5.27 36.59
CA GLU B 85 -10.06 6.66 36.80
C GLU B 85 -10.40 7.56 35.62
N ASN B 86 -10.70 6.98 34.44
CA ASN B 86 -10.95 7.77 33.23
C ASN B 86 -12.41 8.11 33.02
N TYR B 87 -13.31 7.69 33.91
CA TYR B 87 -14.74 7.94 33.72
C TYR B 87 -15.36 8.26 35.08
N LYS B 88 -16.07 9.38 35.14
CA LYS B 88 -16.77 9.81 36.34
C LYS B 88 -18.27 9.66 36.15
N VAL B 89 -18.99 9.72 37.27
CA VAL B 89 -20.45 9.73 37.21
C VAL B 89 -20.92 10.94 36.44
N GLY B 90 -21.93 10.75 35.60
CA GLY B 90 -22.47 11.81 34.78
C GLY B 90 -21.88 11.90 33.38
N ASP B 91 -20.75 11.23 33.13
CA ASP B 91 -20.13 11.29 31.82
C ASP B 91 -21.03 10.65 30.77
N ARG B 92 -21.09 11.30 29.60
CA ARG B 92 -21.84 10.79 28.46
C ARG B 92 -20.89 9.98 27.57
N VAL B 93 -21.29 8.73 27.26
CA VAL B 93 -20.39 7.78 26.60
C VAL B 93 -21.12 7.01 25.51
N VAL B 94 -20.31 6.38 24.65
CA VAL B 94 -20.76 5.38 23.68
C VAL B 94 -19.90 4.14 23.88
N VAL B 95 -20.33 3.03 23.29
CA VAL B 95 -19.71 1.73 23.51
C VAL B 95 -19.28 1.16 22.17
N GLU B 96 -18.00 0.74 22.10
CA GLU B 96 -17.56 -0.10 20.98
C GLU B 96 -17.73 -1.55 21.41
N PRO B 97 -18.78 -2.23 20.95
CA PRO B 97 -19.24 -3.46 21.61
C PRO B 97 -18.59 -4.74 21.06
N ILE B 98 -17.27 -4.78 21.07
CA ILE B 98 -16.52 -5.91 20.53
C ILE B 98 -15.72 -6.56 21.67
N PHE B 99 -15.98 -7.84 21.91
CA PHE B 99 -15.19 -8.65 22.82
C PHE B 99 -14.13 -9.42 22.05
N ALA B 100 -12.87 -9.27 22.45
CA ALA B 100 -11.78 -9.98 21.82
C ALA B 100 -10.84 -10.51 22.89
N THR B 101 -10.13 -11.59 22.54
CA THR B 101 -9.27 -12.28 23.50
C THR B 101 -8.29 -11.33 24.17
N HIS B 102 -7.58 -10.52 23.37
CA HIS B 102 -6.55 -9.63 23.86
C HIS B 102 -7.03 -8.18 23.95
N GLY B 103 -8.34 -7.98 24.08
CA GLY B 103 -8.88 -6.63 24.11
C GLY B 103 -8.93 -6.02 22.71
N HIS B 104 -8.82 -4.70 22.67
CA HIS B 104 -8.87 -3.95 21.41
C HIS B 104 -7.47 -3.64 20.89
N GLN B 105 -6.74 -4.71 20.61
CA GLN B 105 -5.36 -4.62 20.14
C GLN B 105 -5.20 -5.48 18.89
N GLY B 106 -4.45 -4.96 17.92
CA GLY B 106 -4.27 -5.70 16.67
C GLY B 106 -5.54 -5.70 15.84
N ALA B 107 -5.85 -6.87 15.28
CA ALA B 107 -7.04 -7.04 14.45
C ALA B 107 -8.13 -7.74 15.26
N TYR B 108 -8.64 -7.04 16.27
CA TYR B 108 -9.56 -7.66 17.21
C TYR B 108 -10.88 -8.05 16.56
N ASN B 109 -11.24 -7.43 15.44
CA ASN B 109 -12.45 -7.85 14.75
C ASN B 109 -12.28 -9.21 14.09
N LEU B 110 -11.05 -9.70 13.95
CA LEU B 110 -10.78 -11.00 13.36
C LEU B 110 -10.31 -12.02 14.37
N ASP B 111 -10.37 -11.70 15.66
CA ASP B 111 -9.99 -12.66 16.69
C ASP B 111 -10.89 -13.88 16.62
N GLU B 112 -10.31 -15.06 16.87
CA GLU B 112 -11.07 -16.30 16.80
C GLU B 112 -12.22 -16.32 17.79
N GLN B 113 -11.99 -15.78 18.99
CA GLN B 113 -12.99 -15.80 20.05
C GLN B 113 -13.85 -14.53 20.08
N MET B 114 -13.93 -13.83 18.95
CA MET B 114 -14.62 -12.55 18.89
C MET B 114 -16.12 -12.69 19.16
N GLY B 115 -16.68 -11.67 19.81
CA GLY B 115 -18.11 -11.62 20.06
C GLY B 115 -18.56 -10.20 20.22
N PHE B 116 -19.86 -9.98 20.01
CA PHE B 116 -20.47 -8.67 20.08
C PHE B 116 -21.27 -8.55 21.37
N LEU B 117 -21.08 -7.46 22.10
CA LEU B 117 -21.97 -7.16 23.21
C LEU B 117 -23.38 -6.94 22.68
N GLY B 118 -24.36 -7.55 23.34
CA GLY B 118 -25.73 -7.55 22.85
C GLY B 118 -26.04 -8.69 21.91
N LEU B 119 -25.08 -9.57 21.63
CA LEU B 119 -25.31 -10.76 20.82
C LEU B 119 -24.68 -11.96 21.51
N ALA B 120 -23.40 -11.85 21.83
CA ALA B 120 -22.71 -12.93 22.52
C ALA B 120 -22.95 -12.93 24.02
N GLY B 121 -23.51 -11.84 24.57
CA GLY B 121 -23.80 -11.70 25.98
C GLY B 121 -23.20 -10.43 26.54
N GLY B 122 -23.02 -10.40 27.86
CA GLY B 122 -22.42 -9.24 28.50
C GLY B 122 -23.30 -8.02 28.59
N GLY B 123 -24.62 -8.21 28.59
CA GLY B 123 -25.55 -7.09 28.62
C GLY B 123 -26.06 -6.74 27.24
N GLY B 124 -26.68 -5.57 27.17
CA GLY B 124 -27.24 -5.09 25.92
C GLY B 124 -27.92 -3.74 26.10
N GLY B 125 -28.05 -3.03 24.99
CA GLY B 125 -28.58 -1.68 24.99
C GLY B 125 -30.09 -1.57 25.02
N PHE B 126 -30.80 -2.67 24.81
CA PHE B 126 -32.25 -2.69 24.99
C PHE B 126 -32.63 -2.97 26.44
N SER B 127 -32.01 -2.21 27.34
CA SER B 127 -32.29 -2.32 28.77
C SER B 127 -32.07 -0.96 29.40
N GLU B 128 -32.50 -0.82 30.66
CA GLU B 128 -32.30 0.45 31.35
C GLU B 128 -30.85 0.66 31.72
N TYR B 129 -30.15 -0.41 32.07
CA TYR B 129 -28.76 -0.32 32.50
C TYR B 129 -27.94 -1.44 31.87
N VAL B 130 -26.68 -1.12 31.56
CA VAL B 130 -25.72 -2.11 31.08
C VAL B 130 -24.38 -1.78 31.71
N SER B 131 -23.64 -2.82 32.11
CA SER B 131 -22.38 -2.67 32.80
C SER B 131 -21.27 -3.23 31.93
N VAL B 132 -20.45 -2.34 31.37
CA VAL B 132 -19.42 -2.69 30.41
C VAL B 132 -18.08 -2.25 30.99
N ASP B 133 -17.01 -2.87 30.49
CA ASP B 133 -15.68 -2.51 30.96
C ASP B 133 -15.22 -1.26 30.25
N GLU B 134 -14.40 -0.46 30.94
CA GLU B 134 -14.07 0.87 30.47
C GLU B 134 -13.25 0.84 29.19
N GLU B 135 -12.65 -0.31 28.87
CA GLU B 135 -11.85 -0.44 27.66
C GLU B 135 -12.67 -0.35 26.37
N LEU B 136 -13.99 -0.42 26.52
CA LEU B 136 -14.95 -0.38 25.39
C LEU B 136 -15.73 0.92 25.39
N LEU B 137 -15.31 1.90 26.19
CA LEU B 137 -16.04 3.15 26.29
C LEU B 137 -15.34 4.23 25.46
N PHE B 138 -16.15 5.16 24.93
CA PHE B 138 -15.66 6.38 24.30
C PHE B 138 -16.52 7.52 24.81
N LYS B 139 -15.90 8.62 25.22
CA LYS B 139 -16.65 9.78 25.66
C LYS B 139 -17.41 10.39 24.48
N LEU B 140 -18.68 10.71 24.72
CA LEU B 140 -19.50 11.36 23.71
C LEU B 140 -19.28 12.87 23.80
N PRO B 141 -18.74 13.51 22.76
CA PRO B 141 -18.53 14.96 22.82
C PRO B 141 -19.83 15.70 23.10
N ASP B 142 -19.70 16.85 23.78
CA ASP B 142 -20.88 17.60 24.18
C ASP B 142 -21.65 18.12 22.97
N GLU B 143 -20.98 18.29 21.84
CA GLU B 143 -21.65 18.76 20.63
C GLU B 143 -22.70 17.77 20.13
N LEU B 144 -22.50 16.48 20.40
CA LEU B 144 -23.35 15.43 19.85
C LEU B 144 -24.40 15.00 20.87
N SER B 145 -25.64 14.88 20.42
CA SER B 145 -26.72 14.42 21.28
C SER B 145 -26.60 12.91 21.54
N TYR B 146 -27.40 12.43 22.49
CA TYR B 146 -27.47 11.00 22.75
C TYR B 146 -27.95 10.22 21.53
N GLU B 147 -28.88 10.80 20.77
CA GLU B 147 -29.36 10.14 19.55
C GLU B 147 -28.21 9.96 18.56
N GLN B 148 -27.40 11.00 18.38
CA GLN B 148 -26.21 10.88 17.54
C GLN B 148 -25.28 9.78 18.05
N GLY B 149 -25.11 9.70 19.38
CA GLY B 149 -24.22 8.69 19.94
C GLY B 149 -24.65 7.27 19.62
N ALA B 150 -25.97 7.03 19.57
CA ALA B 150 -26.47 5.71 19.21
C ALA B 150 -26.20 5.36 17.76
N LEU B 151 -25.79 6.32 16.93
CA LEU B 151 -25.49 6.07 15.53
C LEU B 151 -24.01 5.83 15.27
N VAL B 152 -23.15 5.89 16.30
CA VAL B 152 -21.71 5.74 16.07
C VAL B 152 -21.39 4.33 15.57
N GLU B 153 -21.93 3.31 16.26
CA GLU B 153 -21.60 1.93 15.90
C GLU B 153 -22.01 1.57 14.48
N PRO B 154 -23.25 1.78 14.04
CA PRO B 154 -23.58 1.43 12.64
C PRO B 154 -22.86 2.31 11.64
N SER B 155 -22.60 3.57 11.98
CA SER B 155 -21.77 4.41 11.11
C SER B 155 -20.36 3.85 11.01
N ALA B 156 -19.86 3.27 12.10
CA ALA B 156 -18.53 2.68 12.09
C ALA B 156 -18.47 1.50 11.12
N VAL B 157 -19.55 0.72 11.04
CA VAL B 157 -19.59 -0.41 10.12
C VAL B 157 -19.44 0.08 8.68
N ALA B 158 -20.12 1.17 8.35
CA ALA B 158 -20.03 1.73 7.00
C ALA B 158 -18.68 2.39 6.77
N LEU B 159 -18.21 3.19 7.72
CA LEU B 159 -16.96 3.93 7.52
C LEU B 159 -15.77 3.00 7.39
N TYR B 160 -15.73 1.94 8.19
CA TYR B 160 -14.60 1.01 8.09
C TYR B 160 -14.56 0.32 6.72
N ALA B 161 -15.71 0.09 6.11
CA ALA B 161 -15.74 -0.47 4.77
C ALA B 161 -15.13 0.49 3.76
N VAL B 162 -15.47 1.78 3.85
CA VAL B 162 -14.97 2.76 2.90
C VAL B 162 -13.48 3.01 3.12
N ARG B 163 -13.06 3.17 4.38
CA ARG B 163 -11.66 3.38 4.66
C ARG B 163 -10.81 2.16 4.29
N SER B 164 -11.37 0.96 4.40
CA SER B 164 -10.63 -0.23 4.00
C SER B 164 -10.48 -0.38 2.50
N SER B 165 -11.12 0.47 1.71
CA SER B 165 -11.10 0.33 0.27
C SER B 165 -10.07 1.29 -0.34
N LYS B 166 -9.74 1.03 -1.61
CA LYS B 166 -8.76 1.84 -2.34
C LYS B 166 -9.25 3.26 -2.65
N LEU B 167 -10.47 3.61 -2.22
CA LEU B 167 -11.06 4.88 -2.61
C LEU B 167 -10.23 6.07 -2.12
N LYS B 168 -10.06 7.04 -3.01
CA LYS B 168 -9.39 8.30 -2.72
C LYS B 168 -10.34 9.46 -3.02
N ALA B 169 -9.99 10.63 -2.51
CA ALA B 169 -10.82 11.81 -2.71
C ALA B 169 -11.02 12.09 -4.19
N GLY B 170 -12.28 12.25 -4.60
CA GLY B 170 -12.62 12.52 -5.98
C GLY B 170 -13.04 11.30 -6.78
N ASP B 171 -12.79 10.11 -6.28
CA ASP B 171 -13.08 8.88 -7.01
C ASP B 171 -14.59 8.65 -7.12
N LYS B 172 -14.97 7.77 -8.04
CA LYS B 172 -16.35 7.36 -8.22
C LYS B 172 -16.57 5.96 -7.66
N ALA B 173 -17.80 5.73 -7.18
CA ALA B 173 -18.12 4.47 -6.51
C ALA B 173 -19.52 4.02 -6.91
N ALA B 174 -19.82 2.75 -6.60
CA ALA B 174 -21.14 2.18 -6.81
C ALA B 174 -21.54 1.39 -5.58
N VAL B 175 -22.79 1.54 -5.16
CA VAL B 175 -23.37 0.77 -4.07
C VAL B 175 -24.52 -0.04 -4.62
N PHE B 176 -24.38 -1.36 -4.59
CA PHE B 176 -25.41 -2.27 -5.08
C PHE B 176 -26.24 -2.73 -3.87
N GLY B 177 -27.44 -2.20 -3.75
CA GLY B 177 -28.29 -2.48 -2.61
C GLY B 177 -28.25 -1.36 -1.59
N CYS B 178 -29.31 -0.56 -1.56
CA CYS B 178 -29.32 0.61 -0.70
C CYS B 178 -30.36 0.50 0.40
N GLY B 179 -30.32 -0.61 1.15
CA GLY B 179 -31.03 -0.69 2.40
C GLY B 179 -30.34 0.14 3.46
N PRO B 180 -30.68 -0.09 4.72
CA PRO B 180 -30.04 0.69 5.80
C PRO B 180 -28.52 0.60 5.78
N ILE B 181 -27.97 -0.56 5.44
CA ILE B 181 -26.51 -0.70 5.41
C ILE B 181 -25.93 0.04 4.21
N GLY B 182 -26.55 -0.16 3.03
CA GLY B 182 -26.06 0.50 1.83
C GLY B 182 -26.14 2.02 1.92
N LEU B 183 -27.19 2.54 2.55
CA LEU B 183 -27.34 3.98 2.65
C LEU B 183 -26.27 4.59 3.54
N LEU B 184 -25.97 3.92 4.65
CA LEU B 184 -24.89 4.40 5.53
C LEU B 184 -23.54 4.35 4.85
N VAL B 185 -23.32 3.38 3.96
CA VAL B 185 -22.08 3.31 3.19
C VAL B 185 -22.00 4.51 2.25
N ILE B 186 -23.14 4.92 1.67
CA ILE B 186 -23.15 6.08 0.79
C ILE B 186 -22.70 7.32 1.55
N GLU B 187 -23.25 7.52 2.76
CA GLU B 187 -22.84 8.65 3.57
C GLU B 187 -21.35 8.60 3.90
N ALA B 188 -20.83 7.40 4.18
CA ALA B 188 -19.40 7.26 4.45
C ALA B 188 -18.58 7.58 3.20
N LEU B 189 -19.08 7.18 2.03
CA LEU B 189 -18.39 7.49 0.79
C LEU B 189 -18.28 8.99 0.57
N LYS B 190 -19.36 9.74 0.86
CA LYS B 190 -19.30 11.17 0.68
C LYS B 190 -18.34 11.82 1.67
N ALA B 191 -18.29 11.31 2.90
CA ALA B 191 -17.31 11.80 3.86
C ALA B 191 -15.89 11.56 3.35
N ALA B 192 -15.65 10.40 2.74
CA ALA B 192 -14.33 10.07 2.23
C ALA B 192 -13.98 10.79 0.94
N GLY B 193 -14.91 11.54 0.35
CA GLY B 193 -14.64 12.30 -0.84
C GLY B 193 -15.11 11.69 -2.14
N ALA B 194 -15.93 10.65 -2.11
CA ALA B 194 -16.52 10.12 -3.33
C ALA B 194 -17.40 11.17 -3.99
N THR B 195 -17.35 11.23 -5.31
CA THR B 195 -18.09 12.23 -6.06
C THR B 195 -19.37 11.64 -6.66
N ASP B 196 -19.22 10.82 -7.70
CA ASP B 196 -20.36 10.15 -8.32
C ASP B 196 -20.52 8.78 -7.66
N ILE B 197 -21.63 8.60 -6.95
CA ILE B 197 -21.96 7.34 -6.29
C ILE B 197 -23.19 6.78 -6.98
N TYR B 198 -23.03 5.63 -7.64
CA TYR B 198 -24.11 5.01 -8.39
C TYR B 198 -24.83 4.02 -7.48
N ALA B 199 -26.01 4.41 -7.02
CA ALA B 199 -26.81 3.58 -6.13
C ALA B 199 -27.75 2.73 -6.99
N VAL B 200 -27.55 1.42 -6.95
CA VAL B 200 -28.38 0.48 -7.69
C VAL B 200 -29.41 -0.07 -6.70
N GLU B 201 -30.66 0.35 -6.85
CA GLU B 201 -31.70 -0.01 -5.90
C GLU B 201 -33.06 0.01 -6.60
N LEU B 202 -33.89 -0.97 -6.27
CA LEU B 202 -35.23 -1.08 -6.86
C LEU B 202 -36.28 -0.30 -6.10
N SER B 203 -36.18 -0.25 -4.79
CA SER B 203 -37.26 0.30 -3.96
C SER B 203 -37.34 1.81 -4.12
N PRO B 204 -38.50 2.36 -4.50
CA PRO B 204 -38.60 3.82 -4.66
C PRO B 204 -38.35 4.58 -3.37
N GLU B 205 -38.81 4.08 -2.23
CA GLU B 205 -38.55 4.74 -0.96
C GLU B 205 -37.05 4.80 -0.68
N ARG B 206 -36.33 3.70 -0.95
CA ARG B 206 -34.89 3.67 -0.76
C ARG B 206 -34.18 4.48 -1.82
N GLN B 207 -34.74 4.53 -3.04
CA GLN B 207 -34.21 5.46 -4.03
C GLN B 207 -34.32 6.89 -3.53
N GLN B 208 -35.35 7.22 -2.73
CA GLN B 208 -35.50 8.59 -2.22
C GLN B 208 -34.53 8.95 -1.13
N LYS B 209 -34.02 7.95 -0.44
CA LYS B 209 -33.03 8.20 0.59
C LYS B 209 -31.63 8.27 0.01
N ALA B 210 -31.33 7.40 -0.95
CA ALA B 210 -30.02 7.45 -1.58
C ALA B 210 -29.82 8.78 -2.28
N GLU B 211 -30.87 9.29 -2.93
CA GLU B 211 -30.76 10.58 -3.62
C GLU B 211 -30.55 11.73 -2.63
N GLU B 212 -31.18 11.66 -1.46
CA GLU B 212 -30.97 12.70 -0.46
C GLU B 212 -29.54 12.66 0.08
N LEU B 213 -28.96 11.47 0.22
CA LEU B 213 -27.61 11.35 0.74
C LEU B 213 -26.54 11.71 -0.30
N GLY B 214 -26.92 11.94 -1.55
CA GLY B 214 -26.03 12.43 -2.56
C GLY B 214 -25.67 11.47 -3.68
N ALA B 215 -26.40 10.38 -3.84
CA ALA B 215 -26.05 9.36 -4.82
C ALA B 215 -26.85 9.55 -6.09
N ILE B 216 -26.49 8.78 -7.12
CA ILE B 216 -27.19 8.73 -8.39
C ILE B 216 -27.91 7.38 -8.46
N ILE B 217 -29.19 7.41 -8.76
CA ILE B 217 -29.99 6.19 -8.79
C ILE B 217 -29.84 5.51 -10.13
N VAL B 218 -29.56 4.20 -10.11
CA VAL B 218 -29.58 3.36 -11.29
C VAL B 218 -30.64 2.28 -11.01
N ASP B 219 -31.84 2.48 -11.55
CA ASP B 219 -32.92 1.52 -11.35
C ASP B 219 -32.73 0.33 -12.27
N PRO B 220 -32.57 -0.88 -11.76
CA PRO B 220 -32.45 -2.05 -12.64
C PRO B 220 -33.70 -2.31 -13.46
N SER B 221 -34.86 -1.86 -13.00
CA SER B 221 -36.10 -2.06 -13.74
C SER B 221 -36.30 -1.04 -14.85
N LYS B 222 -35.51 0.04 -14.87
CA LYS B 222 -35.64 1.05 -15.90
C LYS B 222 -34.42 1.15 -16.80
N THR B 223 -33.40 0.31 -16.59
CA THR B 223 -32.25 0.23 -17.48
C THR B 223 -32.08 -1.22 -17.90
N ASP B 224 -31.70 -1.42 -19.15
CA ASP B 224 -31.58 -2.77 -19.69
C ASP B 224 -30.39 -3.50 -19.07
N ASP B 225 -29.26 -2.82 -18.93
CA ASP B 225 -28.04 -3.43 -18.42
C ASP B 225 -27.39 -2.45 -17.46
N VAL B 226 -27.40 -2.79 -16.17
CA VAL B 226 -26.87 -1.89 -15.15
C VAL B 226 -25.38 -1.66 -15.36
N VAL B 227 -24.63 -2.72 -15.64
CA VAL B 227 -23.19 -2.60 -15.79
C VAL B 227 -22.83 -1.72 -16.96
N ALA B 228 -23.57 -1.85 -18.07
CA ALA B 228 -23.32 -1.00 -19.23
C ALA B 228 -23.59 0.46 -18.91
N GLU B 229 -24.63 0.72 -18.12
CA GLU B 229 -24.97 2.11 -17.79
C GLU B 229 -23.89 2.75 -16.91
N ILE B 230 -23.47 2.04 -15.86
CA ILE B 230 -22.43 2.56 -14.99
C ILE B 230 -21.12 2.69 -15.76
N ALA B 231 -20.83 1.74 -16.65
CA ALA B 231 -19.62 1.81 -17.45
C ALA B 231 -19.67 3.00 -18.40
N GLU B 232 -20.84 3.24 -19.01
CA GLU B 232 -20.95 4.32 -20.00
C GLU B 232 -20.82 5.69 -19.33
N ARG B 233 -21.49 5.88 -18.20
CA ARG B 233 -21.49 7.17 -17.54
C ARG B 233 -20.16 7.46 -16.82
N THR B 234 -19.30 6.47 -16.65
CA THR B 234 -18.00 6.68 -16.04
C THR B 234 -16.83 6.47 -16.99
N GLY B 235 -17.08 5.95 -18.19
CA GLY B 235 -16.00 5.71 -19.13
C GLY B 235 -15.11 4.54 -18.76
N GLY B 236 -15.71 3.42 -18.39
CA GLY B 236 -14.96 2.22 -18.10
C GLY B 236 -15.26 1.58 -16.76
N GLY B 237 -15.93 2.29 -15.87
CA GLY B 237 -16.29 1.73 -14.58
C GLY B 237 -15.91 2.59 -13.39
N VAL B 238 -16.49 2.30 -12.23
CA VAL B 238 -16.17 2.99 -10.99
C VAL B 238 -14.87 2.44 -10.42
N ASP B 239 -14.32 3.11 -9.42
CA ASP B 239 -13.08 2.64 -8.83
C ASP B 239 -13.29 1.64 -7.71
N VAL B 240 -14.38 1.77 -6.95
CA VAL B 240 -14.73 0.82 -5.90
C VAL B 240 -16.23 0.55 -5.98
N ALA B 241 -16.59 -0.73 -5.92
CA ALA B 241 -17.99 -1.14 -5.89
C ALA B 241 -18.26 -1.86 -4.57
N PHE B 242 -19.43 -1.61 -4.01
CA PHE B 242 -19.84 -2.20 -2.74
C PHE B 242 -21.05 -3.10 -2.97
N GLU B 243 -20.90 -4.38 -2.64
CA GLU B 243 -21.98 -5.35 -2.80
C GLU B 243 -22.70 -5.51 -1.47
N VAL B 244 -23.98 -5.16 -1.45
CA VAL B 244 -24.77 -5.17 -0.21
C VAL B 244 -26.02 -6.04 -0.32
N THR B 245 -26.35 -6.55 -1.51
CA THR B 245 -27.59 -7.29 -1.69
C THR B 245 -27.47 -8.75 -1.24
N GLY B 246 -26.30 -9.36 -1.41
CA GLY B 246 -26.14 -10.78 -1.15
C GLY B 246 -26.68 -11.68 -2.23
N VAL B 247 -26.99 -11.15 -3.41
CA VAL B 247 -27.52 -11.94 -4.53
C VAL B 247 -26.36 -12.29 -5.45
N PRO B 248 -26.19 -13.56 -5.82
CA PRO B 248 -25.04 -13.95 -6.67
C PRO B 248 -24.93 -13.15 -7.98
N VAL B 249 -26.04 -12.92 -8.67
CA VAL B 249 -25.97 -12.18 -9.93
C VAL B 249 -25.46 -10.76 -9.71
N VAL B 250 -25.75 -10.17 -8.54
CA VAL B 250 -25.34 -8.79 -8.30
C VAL B 250 -23.85 -8.70 -8.00
N LEU B 251 -23.29 -9.71 -7.32
CA LEU B 251 -21.84 -9.74 -7.09
C LEU B 251 -21.09 -9.75 -8.41
N ARG B 252 -21.61 -10.48 -9.40
CA ARG B 252 -21.03 -10.47 -10.74
C ARG B 252 -21.05 -9.07 -11.33
N GLN B 253 -22.17 -8.36 -11.17
CA GLN B 253 -22.28 -7.01 -11.70
C GLN B 253 -21.33 -6.05 -10.99
N ALA B 254 -21.18 -6.19 -9.67
CA ALA B 254 -20.29 -5.32 -8.92
C ALA B 254 -18.85 -5.42 -9.41
N ILE B 255 -18.40 -6.64 -9.72
CA ILE B 255 -17.05 -6.81 -10.28
C ILE B 255 -16.98 -6.21 -11.68
N GLN B 256 -18.01 -6.45 -12.50
CA GLN B 256 -17.99 -5.97 -13.87
C GLN B 256 -18.17 -4.46 -13.97
N SER B 257 -18.63 -3.81 -12.91
CA SER B 257 -18.84 -2.37 -12.94
C SER B 257 -17.63 -1.58 -12.48
N THR B 258 -16.51 -2.25 -12.21
CA THR B 258 -15.28 -1.57 -11.83
C THR B 258 -14.37 -1.47 -13.05
N THR B 259 -13.50 -0.46 -13.03
CA THR B 259 -12.64 -0.12 -14.16
C THR B 259 -11.33 -0.89 -14.08
N ILE B 260 -10.31 -0.43 -14.81
CA ILE B 260 -9.00 -1.06 -14.77
C ILE B 260 -8.50 -1.02 -13.32
N ALA B 261 -8.17 -2.20 -12.79
CA ALA B 261 -7.69 -2.36 -11.41
C ALA B 261 -8.73 -1.99 -10.38
N GLY B 262 -10.01 -2.03 -10.73
CA GLY B 262 -11.06 -1.68 -9.79
C GLY B 262 -11.16 -2.67 -8.64
N GLU B 263 -11.90 -2.24 -7.61
CA GLU B 263 -12.01 -2.99 -6.36
C GLU B 263 -13.47 -3.22 -6.01
N THR B 264 -13.81 -4.44 -5.65
CA THR B 264 -15.15 -4.78 -5.19
C THR B 264 -15.07 -5.16 -3.71
N VAL B 265 -15.74 -4.37 -2.87
CA VAL B 265 -15.77 -4.60 -1.44
C VAL B 265 -17.11 -5.22 -1.10
N ILE B 266 -17.12 -6.48 -0.69
CA ILE B 266 -18.36 -7.17 -0.34
C ILE B 266 -18.64 -6.98 1.14
N VAL B 267 -19.79 -6.38 1.44
CA VAL B 267 -20.20 -6.17 2.82
C VAL B 267 -21.35 -7.09 3.24
N SER B 268 -21.96 -7.80 2.30
CA SER B 268 -23.16 -8.57 2.57
C SER B 268 -22.81 -9.92 3.21
N ILE B 269 -23.83 -10.58 3.75
CA ILE B 269 -23.71 -11.89 4.38
C ILE B 269 -24.12 -12.95 3.37
N TRP B 270 -23.39 -14.07 3.36
CA TRP B 270 -23.59 -15.11 2.37
C TRP B 270 -23.77 -16.45 3.06
N GLU B 271 -24.87 -17.11 2.76
CA GLU B 271 -25.14 -18.44 3.28
C GLU B 271 -24.91 -19.51 2.23
N LYS B 272 -25.20 -19.17 0.97
CA LYS B 272 -25.00 -20.14 -0.13
C LYS B 272 -23.91 -19.64 -1.05
N GLY B 273 -23.45 -20.50 -1.94
CA GLY B 273 -22.41 -20.16 -2.88
C GLY B 273 -22.87 -19.10 -3.85
N ALA B 274 -21.96 -18.74 -4.74
CA ALA B 274 -22.28 -17.78 -5.78
C ALA B 274 -21.33 -17.99 -6.95
N GLU B 275 -21.88 -18.00 -8.16
CA GLU B 275 -21.09 -18.17 -9.37
C GLU B 275 -20.57 -16.82 -9.82
N ILE B 276 -19.25 -16.69 -9.92
CA ILE B 276 -18.61 -15.52 -10.47
C ILE B 276 -18.01 -15.90 -11.82
N HIS B 277 -17.53 -14.89 -12.55
CA HIS B 277 -16.78 -15.10 -13.77
C HIS B 277 -15.33 -14.72 -13.48
N PRO B 278 -14.48 -15.68 -13.06
CA PRO B 278 -13.08 -15.35 -12.72
C PRO B 278 -12.34 -14.64 -13.84
N ASN B 279 -12.78 -14.83 -15.09
CA ASN B 279 -12.18 -14.07 -16.18
C ASN B 279 -12.33 -12.58 -15.95
N ASP B 280 -13.45 -12.15 -15.38
CA ASP B 280 -13.68 -10.74 -15.12
C ASP B 280 -12.66 -10.17 -14.12
N ILE B 281 -12.15 -11.00 -13.22
CA ILE B 281 -11.14 -10.51 -12.28
C ILE B 281 -9.77 -10.39 -12.94
N VAL B 282 -9.41 -11.36 -13.79
CA VAL B 282 -8.08 -11.34 -14.39
C VAL B 282 -8.04 -10.36 -15.55
N ILE B 283 -9.15 -10.20 -16.28
CA ILE B 283 -9.15 -9.43 -17.51
C ILE B 283 -8.69 -7.99 -17.26
N LYS B 284 -9.21 -7.34 -16.22
CA LYS B 284 -8.87 -5.97 -15.91
C LYS B 284 -8.06 -5.85 -14.63
N GLU B 285 -7.49 -6.95 -14.15
CA GLU B 285 -6.65 -6.96 -12.94
C GLU B 285 -7.41 -6.38 -11.74
N ARG B 286 -8.63 -6.86 -11.54
CA ARG B 286 -9.51 -6.34 -10.52
C ARG B 286 -9.18 -6.95 -9.16
N THR B 287 -9.87 -6.49 -8.13
CA THR B 287 -9.65 -6.92 -6.75
C THR B 287 -10.99 -7.09 -6.06
N VAL B 288 -11.13 -8.18 -5.32
CA VAL B 288 -12.29 -8.43 -4.48
C VAL B 288 -11.82 -8.53 -3.03
N LYS B 289 -12.53 -7.84 -2.14
CA LYS B 289 -12.09 -7.69 -0.76
C LYS B 289 -13.25 -7.98 0.19
N GLY B 290 -12.97 -8.77 1.23
CA GLY B 290 -13.96 -9.07 2.25
C GLY B 290 -13.81 -8.12 3.43
N ILE B 291 -14.93 -7.75 4.03
CA ILE B 291 -14.96 -6.84 5.16
C ILE B 291 -15.95 -7.38 6.19
N ILE B 292 -15.50 -7.50 7.43
CA ILE B 292 -16.35 -7.94 8.53
C ILE B 292 -16.00 -7.12 9.77
N GLY B 293 -17.03 -6.76 10.54
CA GLY B 293 -16.82 -5.96 11.73
C GLY B 293 -16.19 -4.61 11.41
N TYR B 294 -15.27 -4.19 12.29
CA TYR B 294 -14.59 -2.91 12.20
C TYR B 294 -13.54 -2.89 13.30
N ARG B 295 -12.61 -1.94 13.20
CA ARG B 295 -11.58 -1.79 14.22
C ARG B 295 -10.94 -0.42 14.08
N ASP B 296 -10.57 0.16 15.23
CA ASP B 296 -9.87 1.45 15.28
C ASP B 296 -10.58 2.49 14.44
N ILE B 297 -11.88 2.66 14.70
CA ILE B 297 -12.72 3.49 13.85
C ILE B 297 -13.59 4.48 14.61
N PHE B 298 -13.89 4.25 15.89
CA PHE B 298 -14.83 5.11 16.60
C PHE B 298 -14.39 6.58 16.68
N PRO B 299 -13.13 6.92 16.98
CA PRO B 299 -12.75 8.34 16.95
C PRO B 299 -12.98 9.00 15.61
N ALA B 300 -12.69 8.30 14.51
CA ALA B 300 -12.94 8.87 13.19
C ALA B 300 -14.42 9.15 12.98
N VAL B 301 -15.28 8.22 13.39
CA VAL B 301 -16.73 8.43 13.28
C VAL B 301 -17.15 9.64 14.10
N LEU B 302 -16.72 9.68 15.36
CA LEU B 302 -17.09 10.79 16.23
C LEU B 302 -16.64 12.13 15.66
N SER B 303 -15.45 12.16 15.07
CA SER B 303 -14.95 13.41 14.50
C SER B 303 -15.74 13.83 13.27
N LEU B 304 -16.11 12.87 12.42
CA LEU B 304 -16.89 13.20 11.24
C LEU B 304 -18.30 13.65 11.60
N MET B 305 -18.84 13.15 12.72
CA MET B 305 -20.15 13.59 13.17
C MET B 305 -20.13 15.03 13.63
N LYS B 306 -19.01 15.47 14.24
CA LYS B 306 -18.85 16.88 14.58
C LYS B 306 -18.86 17.76 13.34
N GLU B 307 -18.69 17.19 12.16
CA GLU B 307 -18.68 17.93 10.91
C GLU B 307 -20.01 17.85 10.17
N GLY B 308 -21.00 17.16 10.72
CA GLY B 308 -22.32 17.08 10.12
C GLY B 308 -22.59 15.77 9.40
N TYR B 309 -21.59 14.92 9.25
CA TYR B 309 -21.77 13.64 8.59
C TYR B 309 -22.49 12.66 9.52
N PHE B 310 -23.17 11.68 8.92
CA PHE B 310 -23.94 10.68 9.64
C PHE B 310 -24.97 11.34 10.55
N SER B 311 -25.58 12.42 10.05
CA SER B 311 -26.54 13.19 10.83
C SER B 311 -27.77 12.36 11.20
N ALA B 312 -28.20 12.49 12.44
CA ALA B 312 -29.43 11.83 12.87
C ALA B 312 -30.65 12.39 12.13
N ASP B 313 -30.56 13.65 11.67
CA ASP B 313 -31.65 14.22 10.88
C ASP B 313 -31.91 13.39 9.63
N LYS B 314 -30.86 12.85 9.01
CA LYS B 314 -31.01 12.08 7.78
C LYS B 314 -31.26 10.60 8.01
N LEU B 315 -30.77 10.03 9.11
CA LEU B 315 -30.71 8.59 9.28
C LEU B 315 -31.75 8.03 10.23
N VAL B 316 -32.22 8.80 11.20
CA VAL B 316 -33.18 8.31 12.19
C VAL B 316 -34.59 8.57 11.65
N THR B 317 -35.32 7.49 11.40
CA THR B 317 -36.64 7.58 10.79
C THR B 317 -37.77 7.26 11.77
N LYS B 318 -37.47 6.85 12.99
CA LYS B 318 -38.50 6.53 13.96
C LYS B 318 -37.87 6.35 15.33
N LYS B 319 -38.55 6.85 16.36
CA LYS B 319 -38.14 6.66 17.75
C LYS B 319 -39.26 5.96 18.50
N ILE B 320 -38.92 4.86 19.16
CA ILE B 320 -39.86 4.06 19.95
C ILE B 320 -39.27 3.85 21.33
N VAL B 321 -40.10 3.40 22.26
CA VAL B 321 -39.65 3.00 23.57
C VAL B 321 -39.63 1.47 23.65
N LEU B 322 -38.87 0.96 24.61
CA LEU B 322 -38.54 -0.46 24.68
C LEU B 322 -39.77 -1.37 24.72
N ASP B 323 -40.87 -0.90 25.30
CA ASP B 323 -42.08 -1.73 25.38
C ASP B 323 -42.56 -2.13 23.99
N ASP B 324 -42.53 -1.21 23.03
CA ASP B 324 -43.04 -1.44 21.68
C ASP B 324 -41.98 -1.99 20.73
N LEU B 325 -40.99 -2.71 21.25
CA LEU B 325 -39.86 -3.12 20.40
C LEU B 325 -40.29 -4.11 19.33
N ILE B 326 -41.23 -5.01 19.65
CA ILE B 326 -41.57 -6.10 18.74
C ILE B 326 -42.38 -5.59 17.56
N GLU B 327 -43.40 -4.77 17.81
CA GLU B 327 -44.29 -4.37 16.72
C GLU B 327 -43.92 -3.03 16.10
N GLU B 328 -43.56 -2.04 16.91
CA GLU B 328 -43.16 -0.73 16.38
C GLU B 328 -41.69 -0.67 16.00
N GLY B 329 -40.90 -1.68 16.35
CA GLY B 329 -39.50 -1.72 15.99
C GLY B 329 -39.19 -2.73 14.90
N PHE B 330 -39.12 -4.01 15.28
CA PHE B 330 -38.85 -5.07 14.30
C PHE B 330 -39.91 -5.08 13.21
N GLY B 331 -41.19 -4.99 13.60
CA GLY B 331 -42.26 -5.03 12.61
C GLY B 331 -42.14 -3.93 11.57
N ALA B 332 -41.81 -2.71 12.02
CA ALA B 332 -41.66 -1.60 11.08
C ALA B 332 -40.48 -1.80 10.13
N LEU B 333 -39.42 -2.45 10.61
CA LEU B 333 -38.29 -2.76 9.74
C LEU B 333 -38.65 -3.78 8.67
N ILE B 334 -39.60 -4.68 8.98
CA ILE B 334 -39.98 -5.71 8.03
C ILE B 334 -40.99 -5.18 7.01
N LYS B 335 -41.83 -4.22 7.40
CA LYS B 335 -42.96 -3.82 6.56
C LYS B 335 -42.72 -2.53 5.80
N GLU B 336 -41.88 -1.63 6.30
CA GLU B 336 -41.66 -0.32 5.69
C GLU B 336 -40.23 -0.25 5.16
N LYS B 337 -40.10 -0.31 3.83
CA LYS B 337 -38.77 -0.18 3.21
C LYS B 337 -38.21 1.24 3.32
N SER B 338 -38.96 2.18 3.88
CA SER B 338 -38.50 3.56 4.07
C SER B 338 -37.74 3.76 5.36
N GLN B 339 -37.73 2.79 6.27
CA GLN B 339 -37.06 2.93 7.56
C GLN B 339 -35.56 2.72 7.39
N VAL B 340 -34.77 3.62 7.97
CA VAL B 340 -33.31 3.52 7.91
C VAL B 340 -32.79 2.98 9.25
N LYS B 341 -32.82 3.83 10.27
CA LYS B 341 -32.42 3.43 11.62
C LYS B 341 -33.50 3.82 12.61
N ILE B 342 -33.87 2.88 13.48
CA ILE B 342 -34.88 3.09 14.52
C ILE B 342 -34.19 3.07 15.87
N LEU B 343 -34.40 4.11 16.66
CA LEU B 343 -33.80 4.24 17.98
C LEU B 343 -34.80 3.82 19.05
N VAL B 344 -34.31 3.17 20.11
CA VAL B 344 -35.14 2.59 21.15
C VAL B 344 -34.73 3.18 22.49
N ARG B 345 -35.72 3.68 23.24
CA ARG B 345 -35.68 4.33 24.54
C ARG B 345 -36.16 3.38 25.63
N PRO B 346 -35.40 3.20 26.72
CA PRO B 346 -35.82 2.23 27.75
C PRO B 346 -37.13 2.58 28.45
N ASN B 347 -37.45 3.85 28.65
CA ASN B 347 -38.68 4.24 29.36
C ASN B 347 -39.28 5.50 28.76
N SER C 1 23.50 -21.59 43.02
CA SER C 1 23.82 -20.21 42.63
C SER C 1 23.83 -20.06 41.11
N MET C 2 24.17 -18.87 40.62
CA MET C 2 24.20 -18.63 39.19
C MET C 2 25.14 -17.48 38.84
N LYS C 3 25.99 -17.70 37.84
CA LYS C 3 26.92 -16.68 37.37
C LYS C 3 26.24 -15.78 36.33
N ALA C 4 26.42 -14.46 36.47
CA ALA C 4 25.76 -13.50 35.58
C ALA C 4 26.64 -12.27 35.36
N ALA C 5 26.31 -11.54 34.29
CA ALA C 5 26.97 -10.28 33.91
C ALA C 5 26.01 -9.13 34.14
N ARG C 6 26.39 -8.21 35.04
CA ARG C 6 25.50 -7.14 35.45
C ARG C 6 26.04 -5.76 35.08
N TRP C 7 25.12 -4.85 34.75
CA TRP C 7 25.45 -3.46 34.44
C TRP C 7 25.16 -2.65 35.70
N HIS C 8 26.20 -2.02 36.27
CA HIS C 8 26.06 -1.24 37.50
C HIS C 8 26.16 0.26 37.25
N ASN C 9 27.20 0.67 36.53
CA ASN C 9 27.35 2.04 36.07
C ASN C 9 28.04 1.98 34.72
N GLN C 10 28.31 3.15 34.15
CA GLN C 10 28.95 3.24 32.85
C GLN C 10 30.36 2.67 32.90
N LYS C 11 30.71 1.87 31.90
CA LYS C 11 31.99 1.16 31.82
C LYS C 11 32.20 0.24 33.02
N ASP C 12 31.12 -0.16 33.66
CA ASP C 12 31.14 -0.98 34.87
C ASP C 12 30.15 -2.13 34.72
N ILE C 13 30.59 -3.18 34.04
CA ILE C 13 29.85 -4.43 33.93
C ILE C 13 30.64 -5.52 34.65
N ARG C 14 30.03 -6.14 35.67
CA ARG C 14 30.69 -7.09 36.56
C ARG C 14 30.17 -8.50 36.31
N ILE C 15 31.06 -9.48 36.45
CA ILE C 15 30.72 -10.89 36.37
C ILE C 15 30.55 -11.41 37.80
N GLU C 16 29.31 -11.62 38.21
CA GLU C 16 28.96 -11.88 39.61
C GLU C 16 28.18 -13.17 39.74
N HIS C 17 27.97 -13.60 40.97
CA HIS C 17 27.05 -14.68 41.27
C HIS C 17 25.76 -14.18 41.93
N ILE C 18 24.60 -14.60 41.41
CA ILE C 18 23.31 -14.18 41.97
C ILE C 18 22.40 -15.39 42.20
N GLU C 19 21.23 -15.12 42.73
CA GLU C 19 20.29 -16.20 43.06
C GLU C 19 19.63 -16.75 41.80
N GLU C 20 19.63 -18.08 41.66
CA GLU C 20 18.84 -18.76 40.64
C GLU C 20 17.40 -18.32 40.85
N PRO C 21 16.73 -17.83 39.83
CA PRO C 21 15.38 -17.33 40.02
C PRO C 21 14.34 -18.44 40.14
N LYS C 22 13.28 -18.13 40.88
CA LYS C 22 12.15 -19.03 41.02
C LYS C 22 11.38 -19.16 39.71
N THR C 23 10.87 -20.35 39.46
CA THR C 23 9.98 -20.59 38.31
C THR C 23 8.56 -20.28 38.79
N GLU C 24 8.07 -19.11 38.44
CA GLU C 24 6.74 -18.69 38.86
C GLU C 24 5.68 -19.28 37.93
N PRO C 25 4.40 -19.22 38.33
CA PRO C 25 3.35 -19.93 37.57
C PRO C 25 3.31 -19.64 36.08
N GLY C 26 3.47 -18.39 35.68
CA GLY C 26 3.37 -18.10 34.27
C GLY C 26 4.62 -18.29 33.47
N LYS C 27 5.75 -18.59 34.09
CA LYS C 27 7.06 -18.41 33.46
C LYS C 27 7.69 -19.75 33.11
N VAL C 28 8.85 -19.68 32.47
CA VAL C 28 9.63 -20.85 32.07
C VAL C 28 11.10 -20.55 32.32
N LYS C 29 11.80 -21.48 32.98
CA LYS C 29 13.20 -21.32 33.31
C LYS C 29 14.06 -21.91 32.19
N ILE C 30 14.92 -21.08 31.61
CA ILE C 30 15.76 -21.46 30.47
C ILE C 30 17.20 -21.61 30.93
N LYS C 31 17.82 -22.73 30.59
CA LYS C 31 19.27 -22.89 30.72
C LYS C 31 19.88 -22.35 29.44
N VAL C 32 20.51 -21.17 29.53
CA VAL C 32 21.02 -20.49 28.34
C VAL C 32 22.22 -21.23 27.77
N LYS C 33 22.26 -21.34 26.44
CA LYS C 33 23.41 -21.93 25.77
C LYS C 33 24.31 -20.91 25.10
N TRP C 34 23.73 -19.92 24.40
CA TRP C 34 24.52 -18.89 23.74
C TRP C 34 23.76 -17.58 23.75
N CYS C 35 24.51 -16.47 23.84
CA CYS C 35 23.94 -15.13 23.79
C CYS C 35 24.87 -14.20 23.05
N GLY C 36 24.30 -13.35 22.19
CA GLY C 36 25.08 -12.42 21.38
C GLY C 36 25.15 -11.03 21.98
N ILE C 37 26.01 -10.21 21.38
CA ILE C 37 26.22 -8.83 21.81
C ILE C 37 25.64 -7.91 20.73
N CYS C 38 24.68 -7.08 21.13
CA CYS C 38 23.88 -6.32 20.17
C CYS C 38 24.59 -5.11 19.60
N GLY C 39 25.55 -4.56 20.33
CA GLY C 39 26.00 -3.21 20.09
C GLY C 39 25.20 -2.19 20.87
N SER C 40 23.92 -2.48 21.13
CA SER C 40 23.22 -1.77 22.19
C SER C 40 23.84 -2.08 23.55
N ASP C 41 24.21 -3.35 23.77
CA ASP C 41 24.97 -3.70 24.97
C ASP C 41 26.31 -2.97 24.99
N LEU C 42 26.98 -2.91 23.84
CA LEU C 42 28.23 -2.16 23.75
C LEU C 42 28.03 -0.68 23.98
N HIS C 43 26.88 -0.14 23.58
CA HIS C 43 26.63 1.28 23.76
C HIS C 43 26.28 1.62 25.21
N GLU C 44 25.75 0.67 25.97
CA GLU C 44 25.51 0.92 27.39
C GLU C 44 26.81 0.78 28.19
N TYR C 45 27.76 -0.01 27.69
CA TYR C 45 29.06 -0.09 28.34
C TYR C 45 29.83 1.22 28.19
N LEU C 46 29.87 1.76 26.97
CA LEU C 46 30.69 2.94 26.70
C LEU C 46 30.02 4.23 27.14
N GLY C 47 28.69 4.32 27.02
CA GLY C 47 28.02 5.58 27.28
C GLY C 47 26.63 5.46 27.87
N GLY C 48 26.38 4.44 28.67
CA GLY C 48 25.09 4.27 29.29
C GLY C 48 24.91 5.19 30.48
N PRO C 49 23.69 5.16 31.06
CA PRO C 49 22.53 4.37 30.66
C PRO C 49 21.70 5.01 29.54
N ILE C 50 21.14 4.18 28.66
CA ILE C 50 20.25 4.63 27.59
C ILE C 50 18.91 3.92 27.66
N PHE C 51 18.92 2.59 27.66
CA PHE C 51 17.74 1.78 27.88
C PHE C 51 17.69 1.22 29.30
N ILE C 52 18.73 1.46 30.08
CA ILE C 52 18.85 0.90 31.44
C ILE C 52 18.14 1.82 32.39
N PRO C 53 17.12 1.34 33.11
CA PRO C 53 16.51 2.16 34.17
C PRO C 53 17.48 2.31 35.33
N VAL C 54 17.68 3.55 35.76
CA VAL C 54 18.58 3.86 36.87
C VAL C 54 17.89 4.76 37.89
N ASP C 55 17.31 5.86 37.39
CA ASP C 55 16.76 6.87 38.30
C ASP C 55 15.42 6.42 38.88
N LYS C 56 14.48 6.11 38.02
CA LYS C 56 13.12 5.66 38.28
C LYS C 56 12.99 4.21 37.83
N PRO C 57 12.22 3.40 38.56
CA PRO C 57 11.99 2.03 38.11
C PRO C 57 11.30 2.01 36.75
N HIS C 58 11.59 0.96 35.98
CA HIS C 58 10.96 0.82 34.68
C HIS C 58 9.48 0.44 34.86
N PRO C 59 8.59 0.98 34.03
CA PRO C 59 7.15 0.75 34.27
C PRO C 59 6.73 -0.72 34.32
N LEU C 60 7.24 -1.56 33.42
CA LEU C 60 6.80 -2.94 33.37
C LEU C 60 7.64 -3.88 34.24
N THR C 61 8.97 -3.79 34.15
CA THR C 61 9.83 -4.59 35.02
C THR C 61 9.64 -4.21 36.50
N ASN C 62 9.49 -2.91 36.78
CA ASN C 62 9.51 -2.38 38.15
C ASN C 62 10.84 -2.76 38.81
N GLU C 63 11.90 -2.31 38.15
CA GLU C 63 13.21 -2.82 38.50
C GLU C 63 14.22 -1.74 38.14
N THR C 64 15.24 -1.56 38.97
CA THR C 64 16.24 -0.53 38.69
C THR C 64 17.61 -1.16 38.43
N ALA C 65 18.53 -0.33 37.96
CA ALA C 65 19.90 -0.77 37.86
C ALA C 65 20.41 -1.17 39.25
N PRO C 66 21.25 -2.20 39.34
CA PRO C 66 21.79 -3.09 38.30
C PRO C 66 20.83 -4.08 37.68
N VAL C 67 21.17 -4.48 36.46
CA VAL C 67 20.37 -5.42 35.70
C VAL C 67 21.29 -6.44 35.04
N THR C 68 20.78 -7.66 34.87
CA THR C 68 21.51 -8.63 34.08
C THR C 68 21.30 -8.30 32.60
N MET C 69 22.31 -8.58 31.80
CA MET C 69 22.32 -8.11 30.42
C MET C 69 22.21 -9.29 29.46
N GLY C 70 21.75 -8.98 28.25
CA GLY C 70 21.76 -9.99 27.21
C GLY C 70 20.42 -10.36 26.63
N HIS C 71 20.13 -9.83 25.44
CA HIS C 71 19.08 -10.36 24.61
C HIS C 71 19.77 -11.14 23.49
N GLU C 72 19.02 -11.60 22.50
CA GLU C 72 19.53 -12.46 21.44
C GLU C 72 20.20 -13.71 22.03
N PHE C 73 19.37 -14.57 22.61
CA PHE C 73 19.91 -15.79 23.20
C PHE C 73 18.92 -16.93 22.98
N SER C 74 19.44 -18.15 23.17
CA SER C 74 18.65 -19.37 23.10
C SER C 74 19.10 -20.29 24.22
N GLY C 75 18.33 -21.34 24.46
CA GLY C 75 18.68 -22.27 25.51
C GLY C 75 17.69 -23.41 25.64
N GLU C 76 17.86 -24.16 26.72
CA GLU C 76 17.11 -25.39 26.97
C GLU C 76 16.20 -25.21 28.18
N VAL C 77 14.92 -25.57 28.00
CA VAL C 77 13.96 -25.50 29.10
C VAL C 77 14.35 -26.50 30.19
N VAL C 78 14.53 -26.01 31.42
CA VAL C 78 14.87 -26.87 32.55
C VAL C 78 13.81 -26.90 33.64
N GLU C 79 12.85 -25.99 33.63
CA GLU C 79 11.75 -26.04 34.58
C GLU C 79 10.60 -25.20 34.04
N VAL C 80 9.38 -25.66 34.27
CA VAL C 80 8.18 -25.11 33.64
C VAL C 80 7.19 -24.75 34.74
N GLY C 81 6.65 -23.52 34.65
CA GLY C 81 5.76 -22.98 35.65
C GLY C 81 4.39 -23.64 35.69
N GLU C 82 3.54 -23.11 36.58
CA GLU C 82 2.25 -23.74 36.89
C GLU C 82 1.29 -23.72 35.70
N GLY C 83 1.22 -22.62 34.97
CA GLY C 83 0.21 -22.47 33.93
C GLY C 83 0.67 -22.79 32.53
N VAL C 84 1.84 -23.40 32.35
CA VAL C 84 2.43 -23.58 31.04
C VAL C 84 2.03 -24.95 30.48
N GLU C 85 1.51 -24.95 29.26
CA GLU C 85 1.14 -26.18 28.57
C GLU C 85 1.84 -26.37 27.24
N ASN C 86 2.46 -25.34 26.67
CA ASN C 86 3.08 -25.41 25.37
C ASN C 86 4.57 -25.74 25.41
N TYR C 87 5.15 -25.90 26.60
CA TYR C 87 6.59 -26.14 26.72
C TYR C 87 6.82 -27.16 27.82
N LYS C 88 7.55 -28.22 27.48
CA LYS C 88 7.96 -29.24 28.42
C LYS C 88 9.46 -29.14 28.66
N VAL C 89 9.94 -29.82 29.70
CA VAL C 89 11.37 -29.88 29.95
C VAL C 89 12.09 -30.49 28.76
N GLY C 90 13.25 -29.92 28.42
CA GLY C 90 14.03 -30.38 27.29
C GLY C 90 13.81 -29.64 25.99
N ASP C 91 12.74 -28.85 25.89
CA ASP C 91 12.47 -28.11 24.67
C ASP C 91 13.56 -27.06 24.41
N ARG C 92 13.97 -26.94 23.15
CA ARG C 92 14.94 -25.95 22.74
C ARG C 92 14.21 -24.70 22.26
N VAL C 93 14.54 -23.54 22.84
CA VAL C 93 13.77 -22.32 22.64
C VAL C 93 14.70 -21.13 22.42
N VAL C 94 14.12 -20.06 21.87
CA VAL C 94 14.73 -18.74 21.78
C VAL C 94 13.70 -17.74 22.30
N VAL C 95 14.15 -16.52 22.60
CA VAL C 95 13.35 -15.52 23.29
C VAL C 95 13.24 -14.27 22.43
N GLU C 96 11.99 -13.79 22.23
CA GLU C 96 11.75 -12.46 21.69
C GLU C 96 11.62 -11.50 22.88
N PRO C 97 12.66 -10.70 23.14
CA PRO C 97 12.80 -10.05 24.45
C PRO C 97 12.15 -8.67 24.57
N ILE C 98 10.86 -8.60 24.27
CA ILE C 98 10.13 -7.32 24.30
C ILE C 98 9.04 -7.39 25.35
N PHE C 99 9.10 -6.46 26.31
CA PHE C 99 8.04 -6.25 27.29
C PHE C 99 7.16 -5.11 26.80
N ALA C 100 5.85 -5.36 26.71
CA ALA C 100 4.90 -4.35 26.26
C ALA C 100 3.64 -4.39 27.12
N THR C 101 2.96 -3.25 27.19
CA THR C 101 1.77 -3.11 28.03
C THR C 101 0.73 -4.18 27.76
N HIS C 102 0.39 -4.38 26.48
CA HIS C 102 -0.67 -5.30 26.09
C HIS C 102 -0.10 -6.60 25.53
N GLY C 103 1.11 -6.97 25.93
CA GLY C 103 1.74 -8.16 25.41
C GLY C 103 2.28 -7.91 24.01
N HIS C 104 2.33 -8.98 23.22
CA HIS C 104 2.83 -8.89 21.85
C HIS C 104 1.65 -8.74 20.88
N GLN C 105 0.91 -7.65 21.07
CA GLN C 105 -0.27 -7.36 20.29
C GLN C 105 -0.20 -5.93 19.76
N GLY C 106 -0.61 -5.76 18.51
CA GLY C 106 -0.52 -4.45 17.88
C GLY C 106 0.92 -4.09 17.55
N ALA C 107 1.28 -2.83 17.81
CA ALA C 107 2.61 -2.33 17.54
C ALA C 107 3.39 -2.22 18.84
N TYR C 108 3.68 -3.39 19.43
CA TYR C 108 4.26 -3.42 20.77
C TYR C 108 5.66 -2.84 20.83
N ASN C 109 6.38 -2.77 19.71
CA ASN C 109 7.70 -2.15 19.72
C ASN C 109 7.61 -0.63 19.88
N LEU C 110 6.43 -0.04 19.67
CA LEU C 110 6.23 1.38 19.83
C LEU C 110 5.36 1.69 21.05
N ASP C 111 5.12 0.67 21.89
CA ASP C 111 4.33 0.84 23.09
C ASP C 111 4.98 1.84 24.02
N GLU C 112 4.16 2.62 24.71
CA GLU C 112 4.71 3.74 25.51
C GLU C 112 5.63 3.26 26.62
N GLN C 113 5.29 2.15 27.26
CA GLN C 113 6.10 1.58 28.34
C GLN C 113 7.03 0.47 27.83
N MET C 114 7.43 0.53 26.56
CA MET C 114 8.20 -0.54 25.96
C MET C 114 9.55 -0.72 26.64
N GLY C 115 9.99 -1.98 26.75
CA GLY C 115 11.28 -2.28 27.33
C GLY C 115 11.81 -3.60 26.81
N PHE C 116 13.13 -3.75 26.90
CA PHE C 116 13.84 -4.93 26.41
C PHE C 116 14.29 -5.81 27.57
N LEU C 117 14.04 -7.11 27.46
CA LEU C 117 14.66 -8.06 28.37
C LEU C 117 16.17 -8.02 28.23
N GLY C 118 16.87 -7.97 29.35
CA GLY C 118 18.31 -7.79 29.36
C GLY C 118 18.77 -6.36 29.35
N LEU C 119 17.84 -5.39 29.38
CA LEU C 119 18.18 -3.98 29.48
C LEU C 119 17.29 -3.32 30.53
N ALA C 120 15.98 -3.48 30.39
CA ALA C 120 15.02 -2.94 31.34
C ALA C 120 14.83 -3.82 32.56
N GLY C 121 15.35 -5.06 32.54
CA GLY C 121 15.27 -5.96 33.67
C GLY C 121 14.67 -7.30 33.26
N GLY C 122 14.22 -8.05 34.26
CA GLY C 122 13.60 -9.34 34.02
C GLY C 122 14.59 -10.42 33.64
N GLY C 123 15.85 -10.29 34.05
CA GLY C 123 16.87 -11.24 33.68
C GLY C 123 17.70 -10.77 32.50
N GLY C 124 18.42 -11.73 31.92
CA GLY C 124 19.28 -11.44 30.79
C GLY C 124 20.01 -12.69 30.35
N GLY C 125 20.47 -12.66 29.11
CA GLY C 125 21.12 -13.84 28.54
C GLY C 125 22.57 -14.01 28.93
N PHE C 126 23.19 -13.00 29.52
CA PHE C 126 24.54 -13.15 30.06
C PHE C 126 24.49 -13.74 31.47
N SER C 127 23.75 -14.82 31.62
CA SER C 127 23.63 -15.53 32.89
C SER C 127 23.41 -17.00 32.59
N GLU C 128 23.53 -17.83 33.63
CA GLU C 128 23.33 -19.27 33.44
C GLU C 128 21.86 -19.62 33.25
N TYR C 129 20.95 -18.92 33.92
CA TYR C 129 19.53 -19.21 33.86
C TYR C 129 18.73 -17.91 33.75
N VAL C 130 17.62 -17.98 33.03
CA VAL C 130 16.71 -16.85 32.90
C VAL C 130 15.27 -17.36 32.96
N SER C 131 14.40 -16.57 33.60
CA SER C 131 13.00 -16.93 33.81
C SER C 131 12.14 -15.91 33.07
N VAL C 132 11.54 -16.35 31.97
CA VAL C 132 10.78 -15.51 31.05
C VAL C 132 9.37 -16.07 30.96
N ASP C 133 8.44 -15.21 30.55
CA ASP C 133 7.09 -15.69 30.27
C ASP C 133 6.96 -16.25 28.87
N GLU C 134 6.08 -17.26 28.77
CA GLU C 134 6.01 -18.15 27.62
C GLU C 134 5.47 -17.43 26.39
N GLU C 135 4.84 -16.27 26.57
CA GLU C 135 4.48 -15.48 25.39
C GLU C 135 5.71 -14.90 24.70
N LEU C 136 6.88 -14.96 25.34
CA LEU C 136 8.11 -14.46 24.76
C LEU C 136 8.97 -15.57 24.19
N LEU C 137 8.44 -16.80 24.14
CA LEU C 137 9.20 -17.95 23.71
C LEU C 137 8.82 -18.37 22.29
N PHE C 138 9.81 -18.92 21.59
CA PHE C 138 9.61 -19.59 20.30
C PHE C 138 10.40 -20.89 20.31
N LYS C 139 9.76 -21.97 19.86
CA LYS C 139 10.47 -23.25 19.79
C LYS C 139 11.56 -23.18 18.73
N LEU C 140 12.74 -23.69 19.07
CA LEU C 140 13.85 -23.75 18.13
C LEU C 140 13.75 -25.03 17.32
N PRO C 141 13.59 -24.96 16.00
CA PRO C 141 13.53 -26.19 15.19
C PRO C 141 14.79 -27.01 15.35
N ASP C 142 14.63 -28.34 15.23
CA ASP C 142 15.77 -29.23 15.43
C ASP C 142 16.86 -29.02 14.39
N GLU C 143 16.50 -28.51 13.22
CA GLU C 143 17.50 -28.27 12.17
C GLU C 143 18.52 -27.22 12.61
N LEU C 144 18.11 -26.28 13.46
CA LEU C 144 18.95 -25.15 13.84
C LEU C 144 19.64 -25.41 15.17
N SER C 145 20.93 -25.10 15.21
CA SER C 145 21.69 -25.23 16.45
C SER C 145 21.31 -24.12 17.43
N TYR C 146 21.78 -24.27 18.67
CA TYR C 146 21.59 -23.20 19.66
C TYR C 146 22.25 -21.91 19.20
N GLU C 147 23.40 -22.02 18.54
CA GLU C 147 24.07 -20.83 18.00
C GLU C 147 23.20 -20.14 16.96
N GLN C 148 22.58 -20.91 16.07
CA GLN C 148 21.63 -20.33 15.12
C GLN C 148 20.49 -19.62 15.85
N GLY C 149 19.99 -20.23 16.93
CA GLY C 149 18.90 -19.61 17.68
C GLY C 149 19.27 -18.29 18.30
N ALA C 150 20.53 -18.14 18.73
CA ALA C 150 21.00 -16.89 19.29
C ALA C 150 21.09 -15.78 18.24
N LEU C 151 20.98 -16.10 16.96
CA LEU C 151 21.04 -15.11 15.90
C LEU C 151 19.66 -14.63 15.45
N VAL C 152 18.58 -15.17 16.03
CA VAL C 152 17.24 -14.81 15.59
C VAL C 152 16.95 -13.34 15.87
N GLU C 153 17.23 -12.90 17.10
CA GLU C 153 16.92 -11.53 17.48
C GLU C 153 17.64 -10.49 16.63
N PRO C 154 18.96 -10.54 16.44
CA PRO C 154 19.59 -9.55 15.56
C PRO C 154 19.18 -9.71 14.10
N SER C 155 18.91 -10.95 13.65
CA SER C 155 18.36 -11.12 12.31
C SER C 155 17.00 -10.48 12.18
N ALA C 156 16.20 -10.52 13.26
CA ALA C 156 14.86 -9.93 13.23
C ALA C 156 14.94 -8.43 12.99
N VAL C 157 15.95 -7.76 13.57
CA VAL C 157 16.10 -6.33 13.36
C VAL C 157 16.37 -6.03 11.89
N ALA C 158 17.21 -6.85 11.25
CA ALA C 158 17.53 -6.63 9.85
C ALA C 158 16.35 -7.00 8.94
N LEU C 159 15.73 -8.14 9.19
CA LEU C 159 14.63 -8.57 8.33
C LEU C 159 13.43 -7.64 8.45
N TYR C 160 13.13 -7.16 9.67
CA TYR C 160 12.00 -6.27 9.85
C TYR C 160 12.20 -4.96 9.10
N ALA C 161 13.45 -4.49 8.97
CA ALA C 161 13.71 -3.30 8.16
C ALA C 161 13.42 -3.57 6.70
N VAL C 162 13.88 -4.72 6.19
CA VAL C 162 13.69 -5.02 4.77
C VAL C 162 12.23 -5.27 4.44
N ARG C 163 11.53 -6.04 5.28
CA ARG C 163 10.11 -6.29 5.05
C ARG C 163 9.29 -5.02 5.19
N SER C 164 9.70 -4.10 6.05
CA SER C 164 8.99 -2.84 6.19
C SER C 164 9.18 -1.91 4.99
N SER C 165 10.04 -2.26 4.04
CA SER C 165 10.35 -1.38 2.93
C SER C 165 9.59 -1.82 1.68
N LYS C 166 9.56 -0.91 0.70
CA LYS C 166 8.90 -1.10 -0.59
C LYS C 166 9.62 -2.12 -1.49
N LEU C 167 10.69 -2.75 -0.99
CA LEU C 167 11.51 -3.65 -1.79
C LEU C 167 10.69 -4.83 -2.30
N LYS C 168 10.83 -5.13 -3.58
CA LYS C 168 10.22 -6.28 -4.22
C LYS C 168 11.30 -7.13 -4.87
N ALA C 169 10.95 -8.37 -5.19
CA ALA C 169 11.91 -9.30 -5.78
C ALA C 169 12.47 -8.73 -7.08
N GLY C 170 13.81 -8.73 -7.18
CA GLY C 170 14.50 -8.23 -8.35
C GLY C 170 14.99 -6.80 -8.24
N ASP C 171 14.49 -6.05 -7.26
CA ASP C 171 14.88 -4.65 -7.13
C ASP C 171 16.33 -4.53 -6.67
N LYS C 172 16.88 -3.33 -6.82
CA LYS C 172 18.23 -3.03 -6.38
C LYS C 172 18.20 -2.20 -5.12
N ALA C 173 19.23 -2.36 -4.29
CA ALA C 173 19.29 -1.72 -2.99
C ALA C 173 20.71 -1.24 -2.74
N ALA C 174 20.85 -0.35 -1.75
CA ALA C 174 22.14 0.14 -1.31
C ALA C 174 22.16 0.16 0.20
N VAL C 175 23.28 -0.28 0.79
CA VAL C 175 23.47 -0.27 2.23
C VAL C 175 24.64 0.66 2.51
N PHE C 176 24.36 1.76 3.21
CA PHE C 176 25.36 2.76 3.57
C PHE C 176 25.82 2.48 4.99
N GLY C 177 27.02 1.92 5.13
CA GLY C 177 27.53 1.54 6.42
C GLY C 177 27.36 0.05 6.65
N CYS C 178 28.45 -0.71 6.54
CA CYS C 178 28.35 -2.16 6.63
C CYS C 178 29.04 -2.68 7.88
N GLY C 179 28.70 -2.11 9.04
CA GLY C 179 29.06 -2.70 10.30
C GLY C 179 28.23 -3.95 10.54
N PRO C 180 28.21 -4.42 11.79
CA PRO C 180 27.44 -5.63 12.09
C PRO C 180 25.97 -5.55 11.72
N ILE C 181 25.33 -4.39 11.91
CA ILE C 181 23.91 -4.28 11.59
C ILE C 181 23.70 -4.23 10.09
N GLY C 182 24.51 -3.44 9.39
CA GLY C 182 24.38 -3.35 7.93
C GLY C 182 24.60 -4.69 7.24
N LEU C 183 25.51 -5.50 7.77
CA LEU C 183 25.78 -6.81 7.16
C LEU C 183 24.58 -7.73 7.30
N LEU C 184 23.92 -7.72 8.46
CA LEU C 184 22.71 -8.50 8.62
C LEU C 184 21.62 -8.02 7.66
N VAL C 185 21.58 -6.72 7.36
CA VAL C 185 20.62 -6.19 6.39
C VAL C 185 20.91 -6.73 5.00
N ILE C 186 22.19 -6.85 4.63
CA ILE C 186 22.54 -7.36 3.31
C ILE C 186 22.04 -8.79 3.15
N GLU C 187 22.27 -9.64 4.16
CA GLU C 187 21.75 -11.00 4.12
C GLU C 187 20.23 -11.00 4.07
N ALA C 188 19.60 -10.09 4.81
CA ALA C 188 18.15 -9.98 4.77
C ALA C 188 17.66 -9.50 3.40
N LEU C 189 18.41 -8.58 2.77
CA LEU C 189 18.06 -8.14 1.43
C LEU C 189 18.09 -9.29 0.43
N LYS C 190 19.07 -10.18 0.56
CA LYS C 190 19.15 -11.31 -0.37
C LYS C 190 17.99 -12.27 -0.18
N ALA C 191 17.52 -12.43 1.05
CA ALA C 191 16.34 -13.26 1.29
C ALA C 191 15.12 -12.67 0.57
N ALA C 192 14.96 -11.35 0.62
CA ALA C 192 13.81 -10.70 0.00
C ALA C 192 13.91 -10.61 -1.52
N GLY C 193 15.03 -11.00 -2.11
CA GLY C 193 15.18 -11.00 -3.54
C GLY C 193 15.91 -9.81 -4.13
N ALA C 194 16.58 -8.99 -3.31
CA ALA C 194 17.40 -7.92 -3.85
C ALA C 194 18.53 -8.53 -4.68
N THR C 195 18.81 -7.90 -5.82
CA THR C 195 19.80 -8.43 -6.75
C THR C 195 21.13 -7.70 -6.59
N ASP C 196 21.19 -6.46 -7.07
CA ASP C 196 22.40 -5.65 -6.94
C ASP C 196 22.29 -4.86 -5.64
N ILE C 197 23.14 -5.19 -4.68
CA ILE C 197 23.19 -4.51 -3.39
C ILE C 197 24.51 -3.77 -3.33
N TYR C 198 24.45 -2.44 -3.29
CA TYR C 198 25.65 -1.62 -3.31
C TYR C 198 26.03 -1.28 -1.87
N ALA C 199 27.07 -1.93 -1.37
CA ALA C 199 27.56 -1.74 -0.02
C ALA C 199 28.62 -0.64 0.00
N VAL C 200 28.33 0.47 0.67
CA VAL C 200 29.26 1.59 0.77
C VAL C 200 29.98 1.45 2.11
N GLU C 201 31.26 1.08 2.06
CA GLU C 201 32.03 0.82 3.27
C GLU C 201 33.51 1.06 2.99
N LEU C 202 34.19 1.67 3.97
CA LEU C 202 35.61 1.97 3.85
C LEU C 202 36.50 0.82 4.33
N SER C 203 36.09 0.11 5.38
CA SER C 203 36.96 -0.88 6.02
C SER C 203 37.15 -2.09 5.13
N PRO C 204 38.39 -2.47 4.79
CA PRO C 204 38.58 -3.64 3.91
C PRO C 204 38.04 -4.94 4.50
N GLU C 205 38.19 -5.15 5.80
CA GLU C 205 37.64 -6.36 6.41
C GLU C 205 36.13 -6.38 6.28
N ARG C 206 35.48 -5.24 6.52
CA ARG C 206 34.03 -5.17 6.36
C ARG C 206 33.63 -5.18 4.89
N GLN C 207 34.46 -4.61 4.01
CA GLN C 207 34.20 -4.73 2.58
C GLN C 207 34.25 -6.19 2.12
N GLN C 208 35.17 -6.96 2.68
CA GLN C 208 35.33 -8.34 2.22
C GLN C 208 34.35 -9.30 2.86
N LYS C 209 33.70 -8.89 3.94
CA LYS C 209 32.61 -9.67 4.48
C LYS C 209 31.30 -9.37 3.75
N ALA C 210 31.09 -8.09 3.42
CA ALA C 210 29.90 -7.72 2.66
C ALA C 210 29.93 -8.37 1.29
N GLU C 211 31.12 -8.46 0.67
CA GLU C 211 31.25 -9.10 -0.63
C GLU C 211 30.95 -10.59 -0.53
N GLU C 212 31.30 -11.23 0.60
CA GLU C 212 30.95 -12.63 0.81
C GLU C 212 29.45 -12.82 0.93
N LEU C 213 28.75 -11.85 1.52
CA LEU C 213 27.30 -11.94 1.67
C LEU C 213 26.55 -11.66 0.38
N GLY C 214 27.24 -11.22 -0.67
CA GLY C 214 26.65 -11.06 -1.98
C GLY C 214 26.48 -9.63 -2.50
N ALA C 215 27.15 -8.66 -1.90
CA ALA C 215 26.98 -7.26 -2.25
C ALA C 215 28.10 -6.80 -3.20
N ILE C 216 27.94 -5.59 -3.71
CA ILE C 216 28.93 -4.92 -4.55
C ILE C 216 29.55 -3.79 -3.72
N ILE C 217 30.87 -3.75 -3.69
CA ILE C 217 31.57 -2.78 -2.86
C ILE C 217 31.68 -1.47 -3.61
N VAL C 218 31.31 -0.38 -2.95
CA VAL C 218 31.55 0.97 -3.44
C VAL C 218 32.44 1.65 -2.41
N ASP C 219 33.75 1.67 -2.68
CA ASP C 219 34.70 2.27 -1.74
C ASP C 219 34.68 3.79 -1.89
N PRO C 220 34.35 4.55 -0.84
CA PRO C 220 34.35 6.02 -0.96
C PRO C 220 35.72 6.63 -1.22
N SER C 221 36.80 5.94 -0.83
CA SER C 221 38.16 6.41 -1.05
C SER C 221 38.66 6.11 -2.46
N LYS C 222 37.88 5.33 -3.23
CA LYS C 222 38.31 4.94 -4.59
C LYS C 222 37.43 5.57 -5.67
N THR C 223 36.37 6.27 -5.29
CA THR C 223 35.50 6.98 -6.22
C THR C 223 35.37 8.43 -5.79
N ASP C 224 35.31 9.34 -6.78
CA ASP C 224 35.18 10.75 -6.44
C ASP C 224 33.80 11.06 -5.86
N ASP C 225 32.76 10.46 -6.41
CA ASP C 225 31.37 10.72 -6.02
C ASP C 225 30.65 9.38 -5.87
N VAL C 226 30.29 9.05 -4.62
CA VAL C 226 29.69 7.75 -4.34
C VAL C 226 28.32 7.62 -5.00
N VAL C 227 27.46 8.63 -4.85
CA VAL C 227 26.10 8.52 -5.39
C VAL C 227 26.12 8.51 -6.92
N ALA C 228 27.02 9.28 -7.53
CA ALA C 228 27.10 9.30 -8.99
C ALA C 228 27.42 7.92 -9.54
N GLU C 229 28.30 7.18 -8.84
CA GLU C 229 28.64 5.84 -9.27
C GLU C 229 27.47 4.88 -9.13
N ILE C 230 26.79 4.93 -7.96
CA ILE C 230 25.63 4.08 -7.75
C ILE C 230 24.51 4.45 -8.71
N ALA C 231 24.37 5.74 -9.02
CA ALA C 231 23.31 6.16 -9.92
C ALA C 231 23.48 5.58 -11.31
N GLU C 232 24.71 5.55 -11.81
CA GLU C 232 24.81 5.07 -13.17
C GLU C 232 24.88 3.55 -13.27
N ARG C 233 25.44 2.87 -12.28
CA ARG C 233 25.43 1.41 -12.42
C ARG C 233 24.03 0.84 -12.26
N THR C 234 23.07 1.66 -11.83
CA THR C 234 21.68 1.27 -11.72
C THR C 234 20.78 1.97 -12.72
N GLY C 235 21.28 2.95 -13.45
CA GLY C 235 20.48 3.70 -14.41
C GLY C 235 19.50 4.65 -13.77
N GLY C 236 19.96 5.41 -12.78
CA GLY C 236 19.12 6.41 -12.14
C GLY C 236 19.03 6.30 -10.63
N GLY C 237 19.47 5.18 -10.08
CA GLY C 237 19.44 5.00 -8.64
C GLY C 237 18.83 3.68 -8.21
N VAL C 238 19.05 3.29 -6.95
CA VAL C 238 18.47 2.08 -6.39
C VAL C 238 17.02 2.33 -6.01
N ASP C 239 16.29 1.26 -5.68
CA ASP C 239 14.90 1.41 -5.27
C ASP C 239 14.75 1.65 -3.77
N VAL C 240 15.62 1.07 -2.96
CA VAL C 240 15.62 1.26 -1.51
C VAL C 240 17.05 1.44 -1.04
N ALA C 241 17.28 2.45 -0.20
CA ALA C 241 18.58 2.67 0.42
C ALA C 241 18.46 2.56 1.94
N PHE C 242 19.49 1.99 2.57
CA PHE C 242 19.51 1.81 4.01
C PHE C 242 20.67 2.60 4.59
N GLU C 243 20.35 3.54 5.48
CA GLU C 243 21.35 4.36 6.14
C GLU C 243 21.68 3.77 7.50
N VAL C 244 22.93 3.36 7.69
CA VAL C 244 23.38 2.69 8.90
C VAL C 244 24.57 3.39 9.55
N THR C 245 25.11 4.43 8.93
CA THR C 245 26.31 5.07 9.47
C THR C 245 26.00 6.05 10.60
N GLY C 246 24.85 6.72 10.53
CA GLY C 246 24.56 7.76 11.50
C GLY C 246 25.29 9.06 11.26
N VAL C 247 25.92 9.22 10.12
CA VAL C 247 26.65 10.43 9.76
C VAL C 247 25.75 11.29 8.89
N PRO C 248 25.58 12.58 9.20
CA PRO C 248 24.66 13.41 8.39
C PRO C 248 24.97 13.41 6.89
N VAL C 249 26.24 13.47 6.51
CA VAL C 249 26.58 13.51 5.10
C VAL C 249 26.12 12.24 4.39
N VAL C 250 26.15 11.10 5.09
CA VAL C 250 25.77 9.84 4.45
C VAL C 250 24.27 9.75 4.26
N LEU C 251 23.47 10.28 5.21
CA LEU C 251 22.02 10.30 5.02
C LEU C 251 21.64 11.05 3.77
N ARG C 252 22.35 12.15 3.48
CA ARG C 252 22.13 12.86 2.23
C ARG C 252 22.42 11.96 1.03
N GLN C 253 23.53 11.21 1.09
CA GLN C 253 23.90 10.34 -0.03
C GLN C 253 22.90 9.21 -0.21
N ALA C 254 22.42 8.62 0.89
CA ALA C 254 21.47 7.52 0.78
C ALA C 254 20.19 7.97 0.08
N ILE C 255 19.71 9.17 0.41
CA ILE C 255 18.51 9.69 -0.25
C ILE C 255 18.80 9.97 -1.72
N GLN C 256 19.97 10.55 -2.01
CA GLN C 256 20.30 10.90 -3.38
C GLN C 256 20.58 9.69 -4.26
N SER C 257 20.82 8.53 -3.66
CA SER C 257 21.14 7.32 -4.41
C SER C 257 19.91 6.51 -4.77
N THR C 258 18.72 7.01 -4.46
CA THR C 258 17.48 6.33 -4.82
C THR C 258 16.91 6.96 -6.09
N THR C 259 16.14 6.17 -6.81
CA THR C 259 15.60 6.57 -8.11
C THR C 259 14.24 7.26 -7.93
N ILE C 260 13.49 7.37 -9.01
CA ILE C 260 12.16 7.98 -8.96
C ILE C 260 11.30 7.17 -7.98
N ALA C 261 10.73 7.86 -6.99
CA ALA C 261 9.90 7.28 -5.95
C ALA C 261 10.67 6.34 -5.02
N GLY C 262 11.99 6.46 -4.98
CA GLY C 262 12.79 5.61 -4.13
C GLY C 262 12.54 5.84 -2.64
N GLU C 263 13.02 4.89 -1.84
CA GLU C 263 12.79 4.89 -0.41
C GLU C 263 14.10 4.79 0.35
N THR C 264 14.27 5.63 1.36
CA THR C 264 15.44 5.58 2.25
C THR C 264 14.98 5.15 3.63
N VAL C 265 15.49 4.01 4.09
CA VAL C 265 15.12 3.44 5.38
C VAL C 265 16.24 3.72 6.37
N ILE C 266 15.95 4.49 7.41
CA ILE C 266 16.95 4.85 8.41
C ILE C 266 17.01 3.75 9.47
N VAL C 267 18.17 3.12 9.60
CA VAL C 267 18.40 2.09 10.60
C VAL C 267 19.36 2.54 11.70
N SER C 268 20.06 3.65 11.50
CA SER C 268 21.12 4.07 12.40
C SER C 268 20.54 4.82 13.60
N ILE C 269 21.39 5.04 14.61
CA ILE C 269 21.04 5.77 15.82
C ILE C 269 21.48 7.22 15.66
N TRP C 270 20.62 8.15 16.07
CA TRP C 270 20.88 9.59 15.90
C TRP C 270 20.65 10.31 17.22
N GLU C 271 21.66 11.04 17.68
CA GLU C 271 21.56 11.88 18.87
C GLU C 271 21.55 13.37 18.57
N LYS C 272 22.26 13.82 17.54
CA LYS C 272 22.26 15.20 17.11
C LYS C 272 21.51 15.32 15.79
N GLY C 273 21.34 16.56 15.36
CA GLY C 273 20.68 16.81 14.10
C GLY C 273 21.51 16.36 12.91
N ALA C 274 20.95 16.58 11.73
CA ALA C 274 21.62 16.24 10.48
C ALA C 274 21.04 17.11 9.38
N GLU C 275 21.91 17.69 8.55
CA GLU C 275 21.47 18.54 7.47
C GLU C 275 21.17 17.68 6.25
N ILE C 276 19.91 17.72 5.80
CA ILE C 276 19.49 17.07 4.58
C ILE C 276 19.14 18.14 3.56
N HIS C 277 18.88 17.71 2.34
CA HIS C 277 18.37 18.59 1.28
C HIS C 277 16.92 18.22 1.02
N PRO C 278 15.96 18.86 1.69
CA PRO C 278 14.54 18.52 1.44
C PRO C 278 14.16 18.59 -0.02
N ASN C 279 14.87 19.39 -0.81
CA ASN C 279 14.66 19.42 -2.25
C ASN C 279 14.91 18.05 -2.87
N ASP C 280 15.92 17.32 -2.37
CA ASP C 280 16.21 15.99 -2.90
C ASP C 280 15.02 15.05 -2.73
N ILE C 281 14.23 15.25 -1.68
CA ILE C 281 13.04 14.43 -1.47
C ILE C 281 11.93 14.85 -2.42
N VAL C 282 11.81 16.16 -2.68
CA VAL C 282 10.68 16.67 -3.45
C VAL C 282 10.85 16.39 -4.94
N ILE C 283 12.06 16.56 -5.47
CA ILE C 283 12.28 16.54 -6.91
C ILE C 283 11.86 15.19 -7.50
N LYS C 284 12.29 14.09 -6.89
CA LYS C 284 12.04 12.76 -7.43
C LYS C 284 10.96 12.01 -6.65
N GLU C 285 10.16 12.70 -5.84
CA GLU C 285 9.06 12.10 -5.09
C GLU C 285 9.55 10.94 -4.22
N ARG C 286 10.63 11.20 -3.49
CA ARG C 286 11.26 10.15 -2.70
C ARG C 286 10.55 9.99 -1.35
N THR C 287 11.01 9.01 -0.59
CA THR C 287 10.43 8.69 0.71
C THR C 287 11.55 8.35 1.68
N VAL C 288 11.46 8.89 2.89
CA VAL C 288 12.36 8.53 3.98
C VAL C 288 11.52 7.91 5.07
N LYS C 289 11.97 6.79 5.62
CA LYS C 289 11.16 5.96 6.50
C LYS C 289 11.95 5.58 7.74
N GLY C 290 11.33 5.73 8.90
CA GLY C 290 11.94 5.35 10.17
C GLY C 290 11.54 3.96 10.59
N ILE C 291 12.50 3.23 11.16
CA ILE C 291 12.30 1.86 11.61
C ILE C 291 12.99 1.70 12.96
N ILE C 292 12.27 1.16 13.95
CA ILE C 292 12.84 0.89 15.27
C ILE C 292 12.33 -0.46 15.74
N GLY C 293 13.20 -1.23 16.39
CA GLY C 293 12.81 -2.54 16.90
C GLY C 293 12.34 -3.46 15.79
N TYR C 294 11.27 -4.20 16.09
CA TYR C 294 10.69 -5.20 15.21
C TYR C 294 9.42 -5.70 15.87
N ARG C 295 8.57 -6.37 15.08
CA ARG C 295 7.35 -6.94 15.62
C ARG C 295 6.83 -7.99 14.65
N ASP C 296 6.26 -9.07 15.20
CA ASP C 296 5.66 -10.15 14.42
C ASP C 296 6.59 -10.62 13.32
N ILE C 297 7.82 -10.97 13.72
CA ILE C 297 8.88 -11.26 12.76
C ILE C 297 9.63 -12.55 13.06
N PHE C 298 9.61 -13.05 14.29
CA PHE C 298 10.42 -14.22 14.64
C PHE C 298 10.08 -15.47 13.82
N PRO C 299 8.81 -15.83 13.58
CA PRO C 299 8.56 -17.01 12.72
C PRO C 299 9.18 -16.90 11.34
N ALA C 300 9.12 -15.72 10.72
CA ALA C 300 9.73 -15.55 9.40
C ALA C 300 11.24 -15.78 9.45
N VAL C 301 11.90 -15.24 10.47
CA VAL C 301 13.34 -15.43 10.62
C VAL C 301 13.67 -16.91 10.77
N LEU C 302 12.97 -17.61 11.67
CA LEU C 302 13.23 -19.02 11.89
C LEU C 302 13.07 -19.82 10.61
N SER C 303 12.06 -19.50 9.80
CA SER C 303 11.85 -20.25 8.56
C SER C 303 12.95 -19.99 7.55
N LEU C 304 13.40 -18.74 7.44
CA LEU C 304 14.48 -18.43 6.51
C LEU C 304 15.78 -19.08 6.92
N MET C 305 15.97 -19.28 8.23
CA MET C 305 17.18 -19.96 8.69
C MET C 305 17.17 -21.43 8.30
N LYS C 306 16.00 -22.06 8.27
CA LYS C 306 15.89 -23.43 7.79
C LYS C 306 16.33 -23.58 6.34
N GLU C 307 16.37 -22.48 5.59
CA GLU C 307 16.76 -22.49 4.19
C GLU C 307 18.19 -22.01 3.96
N GLY C 308 18.93 -21.68 5.02
CA GLY C 308 20.32 -21.29 4.93
C GLY C 308 20.60 -19.81 5.09
N TYR C 309 19.57 -18.96 5.16
CA TYR C 309 19.81 -17.54 5.36
C TYR C 309 20.19 -17.27 6.81
N PHE C 310 20.92 -16.19 7.02
CA PHE C 310 21.40 -15.79 8.35
C PHE C 310 22.22 -16.91 8.99
N SER C 311 23.01 -17.61 8.18
CA SER C 311 23.78 -18.74 8.67
C SER C 311 24.81 -18.29 9.70
N ALA C 312 24.90 -19.04 10.80
CA ALA C 312 25.92 -18.77 11.80
C ALA C 312 27.32 -19.00 11.26
N ASP C 313 27.45 -19.89 10.27
CA ASP C 313 28.75 -20.09 9.63
C ASP C 313 29.29 -18.79 9.06
N LYS C 314 28.41 -17.93 8.55
CA LYS C 314 28.81 -16.66 7.96
C LYS C 314 28.86 -15.52 8.96
N LEU C 315 28.04 -15.53 10.00
CA LEU C 315 27.86 -14.33 10.82
C LEU C 315 28.55 -14.38 12.18
N VAL C 316 28.80 -15.56 12.74
CA VAL C 316 29.44 -15.67 14.04
C VAL C 316 30.95 -15.72 13.83
N THR C 317 31.65 -14.70 14.34
CA THR C 317 33.08 -14.56 14.11
C THR C 317 33.92 -14.81 15.36
N LYS C 318 33.29 -15.06 16.51
CA LYS C 318 34.03 -15.33 17.74
C LYS C 318 33.06 -15.87 18.78
N LYS C 319 33.49 -16.91 19.50
CA LYS C 319 32.74 -17.46 20.62
C LYS C 319 33.61 -17.41 21.86
N ILE C 320 33.06 -16.82 22.93
CA ILE C 320 33.78 -16.60 24.18
C ILE C 320 32.94 -17.14 25.32
N VAL C 321 33.56 -17.20 26.50
CA VAL C 321 32.85 -17.57 27.71
C VAL C 321 32.48 -16.30 28.46
N LEU C 322 31.46 -16.39 29.29
CA LEU C 322 30.93 -15.20 29.97
C LEU C 322 32.00 -14.54 30.83
N ASP C 323 32.92 -15.34 31.38
CA ASP C 323 33.98 -14.78 32.22
C ASP C 323 34.79 -13.73 31.45
N ASP C 324 35.09 -13.98 30.18
CA ASP C 324 35.91 -13.11 29.36
C ASP C 324 35.09 -12.08 28.58
N LEU C 325 33.92 -11.69 29.09
CA LEU C 325 33.02 -10.85 28.30
C LEU C 325 33.60 -9.45 28.07
N ILE C 326 34.29 -8.90 29.06
CA ILE C 326 34.72 -7.50 28.96
C ILE C 326 35.88 -7.35 27.98
N GLU C 327 36.86 -8.24 28.05
CA GLU C 327 38.06 -8.04 27.26
C GLU C 327 38.04 -8.76 25.92
N GLU C 328 37.55 -10.00 25.87
CA GLU C 328 37.44 -10.72 24.61
C GLU C 328 36.12 -10.45 23.88
N GLY C 329 35.17 -9.78 24.53
CA GLY C 329 33.89 -9.47 23.92
C GLY C 329 33.73 -8.01 23.55
N PHE C 330 33.45 -7.17 24.54
CA PHE C 330 33.28 -5.74 24.29
C PHE C 330 34.55 -5.15 23.69
N GLY C 331 35.71 -5.48 24.27
CA GLY C 331 36.97 -4.97 23.75
C GLY C 331 37.19 -5.35 22.30
N ALA C 332 36.88 -6.60 21.94
CA ALA C 332 37.05 -7.06 20.57
C ALA C 332 36.12 -6.33 19.61
N LEU C 333 34.91 -5.97 20.05
CA LEU C 333 34.00 -5.21 19.20
C LEU C 333 34.53 -3.81 18.94
N ILE C 334 35.29 -3.25 19.88
CA ILE C 334 35.80 -1.90 19.70
C ILE C 334 37.06 -1.90 18.84
N LYS C 335 37.86 -2.96 18.90
CA LYS C 335 39.18 -2.96 18.29
C LYS C 335 39.26 -3.71 16.96
N GLU C 336 38.43 -4.73 16.74
CA GLU C 336 38.52 -5.57 15.55
C GLU C 336 37.28 -5.31 14.71
N LYS C 337 37.44 -4.56 13.62
CA LYS C 337 36.37 -4.28 12.68
C LYS C 337 35.96 -5.49 11.85
N SER C 338 36.61 -6.64 12.01
CA SER C 338 36.25 -7.85 11.29
C SER C 338 35.17 -8.65 12.02
N GLN C 339 34.85 -8.28 13.25
CA GLN C 339 33.85 -9.00 14.04
C GLN C 339 32.45 -8.61 13.60
N VAL C 340 31.61 -9.62 13.41
CA VAL C 340 30.21 -9.40 13.02
C VAL C 340 29.33 -9.57 14.25
N LYS C 341 29.17 -10.82 14.70
CA LYS C 341 28.41 -11.11 15.90
C LYS C 341 29.26 -12.03 16.79
N ILE C 342 29.32 -11.71 18.07
CA ILE C 342 30.08 -12.49 19.06
C ILE C 342 29.08 -13.18 19.99
N LEU C 343 29.23 -14.50 20.13
CA LEU C 343 28.37 -15.31 20.98
C LEU C 343 29.06 -15.56 22.32
N VAL C 344 28.26 -15.60 23.38
CA VAL C 344 28.78 -15.70 24.74
C VAL C 344 28.15 -16.91 25.42
N ARG C 345 28.99 -17.78 25.98
CA ARG C 345 28.60 -19.01 26.66
C ARG C 345 28.76 -18.85 28.17
N PRO C 346 27.75 -19.19 28.96
CA PRO C 346 27.86 -18.96 30.42
C PRO C 346 28.96 -19.75 31.12
N ASN C 347 29.16 -21.01 30.76
CA ASN C 347 30.21 -21.80 31.40
C ASN C 347 30.75 -22.90 30.49
N SER D 1 13.93 -15.79 -48.50
CA SER D 1 14.94 -16.78 -48.13
C SER D 1 15.09 -16.85 -46.62
N MET D 2 14.01 -17.22 -45.93
CA MET D 2 14.03 -17.34 -44.48
C MET D 2 12.99 -18.35 -44.04
N LYS D 3 13.39 -19.28 -43.17
CA LYS D 3 12.49 -20.32 -42.65
C LYS D 3 11.69 -19.80 -41.46
N ALA D 4 10.39 -20.08 -41.45
CA ALA D 4 9.50 -19.51 -40.44
C ALA D 4 8.36 -20.46 -40.08
N ALA D 5 7.75 -20.19 -38.93
CA ALA D 5 6.58 -20.93 -38.48
C ALA D 5 5.37 -20.00 -38.54
N ARG D 6 4.43 -20.30 -39.42
CA ARG D 6 3.26 -19.45 -39.59
C ARG D 6 2.00 -20.20 -39.17
N TRP D 7 1.07 -19.47 -38.56
CA TRP D 7 -0.22 -20.00 -38.14
C TRP D 7 -1.23 -19.65 -39.22
N HIS D 8 -1.87 -20.65 -39.82
CA HIS D 8 -2.79 -20.39 -40.92
C HIS D 8 -4.23 -20.53 -40.46
N ASN D 9 -4.60 -21.68 -39.89
CA ASN D 9 -5.87 -21.90 -39.19
C ASN D 9 -5.62 -22.94 -38.10
N GLN D 10 -6.68 -23.34 -37.41
CA GLN D 10 -6.55 -24.23 -36.27
C GLN D 10 -5.96 -25.58 -36.67
N LYS D 11 -4.99 -26.04 -35.88
CA LYS D 11 -4.24 -27.28 -36.13
C LYS D 11 -3.51 -27.27 -37.48
N ASP D 12 -3.24 -26.08 -38.01
CA ASP D 12 -2.58 -25.92 -39.30
C ASP D 12 -1.46 -24.90 -39.12
N ILE D 13 -0.32 -25.37 -38.60
CA ILE D 13 0.89 -24.56 -38.52
C ILE D 13 1.93 -25.15 -39.46
N ARG D 14 2.38 -24.35 -40.43
CA ARG D 14 3.29 -24.81 -41.46
C ARG D 14 4.66 -24.12 -41.33
N ILE D 15 5.71 -24.91 -41.59
CA ILE D 15 7.14 -24.49 -41.64
C ILE D 15 7.46 -24.29 -43.12
N GLU D 16 7.51 -23.04 -43.53
CA GLU D 16 7.61 -22.56 -44.88
C GLU D 16 8.76 -21.58 -44.96
N HIS D 17 9.09 -21.18 -46.18
CA HIS D 17 10.05 -20.11 -46.42
C HIS D 17 9.30 -18.83 -46.79
N ILE D 18 9.61 -17.75 -46.07
CA ILE D 18 8.98 -16.45 -46.26
C ILE D 18 10.07 -15.42 -46.53
N GLU D 19 9.64 -14.22 -46.93
CA GLU D 19 10.59 -13.17 -47.26
C GLU D 19 11.30 -12.68 -46.01
N GLU D 20 12.61 -12.49 -46.12
CA GLU D 20 13.36 -11.83 -45.05
C GLU D 20 12.85 -10.40 -44.89
N PRO D 21 12.52 -9.97 -43.67
CA PRO D 21 12.02 -8.61 -43.50
C PRO D 21 13.13 -7.59 -43.59
N LYS D 22 12.85 -6.48 -44.25
CA LYS D 22 13.78 -5.37 -44.34
C LYS D 22 13.78 -4.57 -43.05
N THR D 23 14.96 -4.04 -42.69
CA THR D 23 15.10 -3.24 -41.48
C THR D 23 14.78 -1.78 -41.81
N GLU D 24 13.60 -1.35 -41.43
CA GLU D 24 13.15 0.04 -41.63
C GLU D 24 13.68 0.92 -40.50
N PRO D 25 13.54 2.26 -40.62
CA PRO D 25 14.24 3.17 -39.69
C PRO D 25 14.09 2.86 -38.20
N GLY D 26 12.91 2.47 -37.73
CA GLY D 26 12.76 2.29 -36.30
C GLY D 26 13.21 0.93 -35.76
N LYS D 27 13.59 0.00 -36.64
CA LYS D 27 13.67 -1.41 -36.28
C LYS D 27 15.12 -1.85 -36.14
N VAL D 28 15.29 -3.10 -35.70
CA VAL D 28 16.58 -3.75 -35.55
C VAL D 28 16.39 -5.21 -35.93
N LYS D 29 17.23 -5.74 -36.81
CA LYS D 29 17.09 -7.11 -37.30
C LYS D 29 17.85 -8.07 -36.38
N ILE D 30 17.12 -9.03 -35.82
CA ILE D 30 17.67 -10.01 -34.88
C ILE D 30 17.73 -11.37 -35.55
N LYS D 31 18.88 -12.02 -35.47
CA LYS D 31 19.00 -13.43 -35.84
C LYS D 31 18.67 -14.26 -34.60
N VAL D 32 17.54 -14.96 -34.64
CA VAL D 32 17.06 -15.70 -33.49
C VAL D 32 18.00 -16.86 -33.20
N LYS D 33 18.32 -17.05 -31.92
CA LYS D 33 19.13 -18.18 -31.47
C LYS D 33 18.29 -19.26 -30.78
N TRP D 34 17.36 -18.86 -29.92
CA TRP D 34 16.47 -19.80 -29.24
C TRP D 34 15.12 -19.12 -29.03
N CYS D 35 14.06 -19.93 -29.10
CA CYS D 35 12.71 -19.46 -28.82
C CYS D 35 11.91 -20.57 -28.16
N GLY D 36 11.15 -20.21 -27.12
CA GLY D 36 10.38 -21.18 -26.37
C GLY D 36 8.92 -21.25 -26.79
N ILE D 37 8.24 -22.28 -26.27
CA ILE D 37 6.83 -22.51 -26.52
C ILE D 37 6.09 -22.30 -25.21
N CYS D 38 5.13 -21.36 -25.23
CA CYS D 38 4.52 -20.89 -23.98
C CYS D 38 3.46 -21.84 -23.45
N GLY D 39 2.83 -22.62 -24.32
CA GLY D 39 1.55 -23.20 -24.03
C GLY D 39 0.39 -22.32 -24.46
N SER D 40 0.59 -20.99 -24.44
CA SER D 40 -0.30 -20.11 -25.20
C SER D 40 -0.15 -20.40 -26.69
N ASP D 41 1.08 -20.62 -27.14
CA ASP D 41 1.30 -21.11 -28.49
C ASP D 41 0.61 -22.46 -28.69
N LEU D 42 0.67 -23.33 -27.69
CA LEU D 42 -0.01 -24.63 -27.77
C LEU D 42 -1.52 -24.47 -27.87
N HIS D 43 -2.11 -23.43 -27.27
CA HIS D 43 -3.56 -23.24 -27.33
C HIS D 43 -3.99 -22.73 -28.71
N GLU D 44 -3.11 -21.98 -29.40
CA GLU D 44 -3.47 -21.51 -30.73
C GLU D 44 -3.37 -22.62 -31.74
N TYR D 45 -2.55 -23.64 -31.46
CA TYR D 45 -2.51 -24.83 -32.29
C TYR D 45 -3.80 -25.63 -32.13
N LEU D 46 -4.20 -25.90 -30.89
CA LEU D 46 -5.33 -26.81 -30.66
C LEU D 46 -6.69 -26.13 -30.82
N GLY D 47 -6.82 -24.85 -30.45
CA GLY D 47 -8.13 -24.23 -30.45
C GLY D 47 -8.18 -22.75 -30.80
N GLY D 48 -7.26 -22.29 -31.65
CA GLY D 48 -7.27 -20.90 -32.08
C GLY D 48 -8.32 -20.65 -33.14
N PRO D 49 -8.44 -19.38 -33.56
CA PRO D 49 -7.70 -18.19 -33.13
C PRO D 49 -8.30 -17.49 -31.89
N ILE D 50 -7.44 -16.95 -31.03
CA ILE D 50 -7.87 -16.17 -29.87
C ILE D 50 -7.17 -14.81 -29.87
N PHE D 51 -5.83 -14.83 -29.91
CA PHE D 51 -5.04 -13.62 -29.99
C PHE D 51 -4.53 -13.35 -31.40
N ILE D 52 -4.70 -14.32 -32.30
CA ILE D 52 -4.29 -14.16 -33.71
C ILE D 52 -5.42 -13.53 -34.46
N PRO D 53 -5.25 -12.32 -35.03
CA PRO D 53 -6.31 -11.70 -35.83
C PRO D 53 -6.51 -12.46 -37.14
N VAL D 54 -7.77 -12.77 -37.45
CA VAL D 54 -8.09 -13.49 -38.68
C VAL D 54 -9.16 -12.73 -39.46
N ASP D 55 -10.25 -12.38 -38.79
CA ASP D 55 -11.37 -11.76 -39.50
C ASP D 55 -11.08 -10.31 -39.83
N LYS D 56 -10.76 -9.49 -38.81
CA LYS D 56 -10.39 -8.11 -38.96
C LYS D 56 -8.93 -7.90 -38.51
N PRO D 57 -8.18 -7.04 -39.19
CA PRO D 57 -6.79 -6.80 -38.80
C PRO D 57 -6.68 -6.22 -37.39
N HIS D 58 -5.57 -6.55 -36.74
CA HIS D 58 -5.31 -6.07 -35.40
C HIS D 58 -4.98 -4.57 -35.44
N PRO D 59 -5.44 -3.79 -34.46
CA PRO D 59 -5.31 -2.32 -34.54
C PRO D 59 -3.90 -1.79 -34.73
N LEU D 60 -2.91 -2.31 -33.99
CA LEU D 60 -1.57 -1.75 -34.06
C LEU D 60 -0.72 -2.41 -35.15
N THR D 61 -0.75 -3.75 -35.22
CA THR D 61 -0.06 -4.44 -36.29
C THR D 61 -0.61 -4.08 -37.66
N ASN D 62 -1.95 -4.00 -37.78
CA ASN D 62 -2.62 -3.93 -39.07
C ASN D 62 -2.21 -5.12 -39.93
N GLU D 63 -2.47 -6.30 -39.39
CA GLU D 63 -2.02 -7.54 -39.99
C GLU D 63 -3.02 -8.64 -39.69
N THR D 64 -3.22 -9.53 -40.66
CA THR D 64 -4.13 -10.65 -40.55
C THR D 64 -3.35 -11.95 -40.63
N ALA D 65 -4.05 -13.05 -40.35
CA ALA D 65 -3.47 -14.36 -40.59
C ALA D 65 -3.16 -14.53 -42.07
N PRO D 66 -2.10 -15.27 -42.41
CA PRO D 66 -1.16 -15.97 -41.51
C PRO D 66 -0.16 -15.06 -40.79
N VAL D 67 0.29 -15.50 -39.61
CA VAL D 67 1.25 -14.77 -38.79
C VAL D 67 2.30 -15.75 -38.25
N THR D 68 3.51 -15.25 -38.08
CA THR D 68 4.60 -16.02 -37.49
C THR D 68 4.49 -16.06 -35.96
N MET D 69 5.00 -17.15 -35.37
CA MET D 69 4.79 -17.45 -33.96
C MET D 69 6.09 -17.38 -33.16
N GLY D 70 5.93 -17.19 -31.85
CA GLY D 70 7.04 -17.18 -30.90
C GLY D 70 7.14 -15.85 -30.17
N HIS D 71 6.68 -15.78 -28.92
CA HIS D 71 6.81 -14.56 -28.13
C HIS D 71 7.89 -14.66 -27.03
N GLU D 72 8.88 -15.54 -27.18
CA GLU D 72 9.86 -15.71 -26.11
C GLU D 72 11.18 -16.19 -26.74
N PHE D 73 11.92 -15.24 -27.30
CA PHE D 73 13.14 -15.55 -28.02
C PHE D 73 14.24 -14.55 -27.67
N SER D 74 15.46 -14.92 -28.05
CA SER D 74 16.63 -14.08 -27.92
C SER D 74 17.44 -14.25 -29.19
N GLY D 75 18.41 -13.37 -29.41
CA GLY D 75 19.20 -13.50 -30.62
C GLY D 75 20.26 -12.44 -30.75
N GLU D 76 20.83 -12.40 -31.95
CA GLU D 76 21.99 -11.58 -32.30
C GLU D 76 21.57 -10.47 -33.27
N VAL D 77 21.88 -9.23 -32.92
CA VAL D 77 21.59 -8.12 -33.82
C VAL D 77 22.48 -8.24 -35.05
N VAL D 78 21.88 -8.26 -36.23
CA VAL D 78 22.62 -8.36 -37.49
C VAL D 78 22.45 -7.14 -38.38
N GLU D 79 21.52 -6.24 -38.08
CA GLU D 79 21.39 -5.01 -38.85
C GLU D 79 20.63 -3.98 -38.01
N VAL D 80 21.00 -2.72 -38.19
CA VAL D 80 20.54 -1.62 -37.34
C VAL D 80 19.82 -0.61 -38.21
N GLY D 81 18.63 -0.21 -37.77
CA GLY D 81 17.80 0.70 -38.53
C GLY D 81 18.37 2.11 -38.58
N GLU D 82 17.61 2.98 -39.24
CA GLU D 82 18.11 4.32 -39.55
C GLU D 82 18.30 5.14 -38.26
N GLY D 83 17.36 5.07 -37.33
CA GLY D 83 17.35 5.94 -36.18
C GLY D 83 17.91 5.37 -34.89
N VAL D 84 18.59 4.23 -34.93
CA VAL D 84 19.01 3.51 -33.73
C VAL D 84 20.47 3.80 -33.39
N GLU D 85 20.70 4.03 -32.10
CA GLU D 85 22.05 4.28 -31.57
C GLU D 85 22.24 3.51 -30.25
N ASN D 86 21.22 2.82 -29.73
CA ASN D 86 21.47 2.10 -28.49
C ASN D 86 21.92 0.67 -28.73
N TYR D 87 21.77 0.26 -29.98
CA TYR D 87 22.10 -1.13 -30.37
C TYR D 87 22.99 -1.07 -31.58
N LYS D 88 24.00 -1.92 -31.59
CA LYS D 88 24.92 -2.02 -32.75
C LYS D 88 24.91 -3.46 -33.24
N VAL D 89 25.62 -3.75 -34.31
CA VAL D 89 25.61 -5.15 -34.81
C VAL D 89 26.38 -6.04 -33.82
N GLY D 90 25.93 -7.27 -33.65
CA GLY D 90 26.62 -8.15 -32.73
C GLY D 90 26.09 -8.15 -31.31
N ASP D 91 25.29 -7.14 -30.94
CA ASP D 91 24.73 -7.10 -29.61
C ASP D 91 23.77 -8.25 -29.37
N ARG D 92 23.85 -8.85 -28.18
CA ARG D 92 22.94 -9.91 -27.79
C ARG D 92 21.77 -9.29 -27.03
N VAL D 93 20.54 -9.61 -27.46
CA VAL D 93 19.35 -8.93 -26.96
C VAL D 93 18.24 -9.94 -26.69
N VAL D 94 17.24 -9.49 -25.94
CA VAL D 94 15.98 -10.18 -25.78
C VAL D 94 14.86 -9.19 -26.08
N VAL D 95 13.64 -9.71 -26.27
CA VAL D 95 12.52 -8.92 -26.74
C VAL D 95 11.37 -9.03 -25.74
N GLU D 96 10.83 -7.88 -25.33
CA GLU D 96 9.58 -7.84 -24.59
C GLU D 96 8.44 -7.70 -25.60
N PRO D 97 7.67 -8.77 -25.88
CA PRO D 97 6.83 -8.80 -27.08
C PRO D 97 5.43 -8.25 -26.90
N ILE D 98 5.35 -7.01 -26.42
CA ILE D 98 4.06 -6.37 -26.16
C ILE D 98 3.94 -5.14 -27.05
N PHE D 99 2.91 -5.12 -27.88
CA PHE D 99 2.52 -3.94 -28.65
C PHE D 99 1.43 -3.20 -27.89
N ALA D 100 1.63 -1.91 -27.63
CA ALA D 100 0.61 -1.12 -26.91
C ALA D 100 0.47 0.23 -27.59
N THR D 101 -0.70 0.84 -27.39
CA THR D 101 -1.03 2.10 -28.06
C THR D 101 0.04 3.16 -27.81
N HIS D 102 0.42 3.36 -26.53
CA HIS D 102 1.38 4.38 -26.15
C HIS D 102 2.76 3.80 -25.85
N GLY D 103 3.08 2.64 -26.42
CA GLY D 103 4.35 2.02 -26.13
C GLY D 103 4.34 1.33 -24.76
N HIS D 104 5.52 1.26 -24.15
CA HIS D 104 5.68 0.62 -22.85
C HIS D 104 5.66 1.65 -21.73
N GLN D 105 4.54 2.36 -21.63
CA GLN D 105 4.35 3.41 -20.64
C GLN D 105 3.05 3.18 -19.89
N GLY D 106 3.08 3.39 -18.58
CA GLY D 106 1.89 3.15 -17.77
C GLY D 106 1.60 1.67 -17.64
N ALA D 107 0.31 1.33 -17.75
CA ALA D 107 -0.14 -0.06 -17.61
C ALA D 107 -0.46 -0.64 -18.99
N TYR D 108 0.60 -0.83 -19.77
CA TYR D 108 0.45 -1.22 -21.17
C TYR D 108 -0.12 -2.63 -21.33
N ASN D 109 0.00 -3.49 -20.31
CA ASN D 109 -0.59 -4.83 -20.40
C ASN D 109 -2.11 -4.82 -20.37
N LEU D 110 -2.73 -3.71 -19.98
CA LEU D 110 -4.19 -3.59 -19.93
C LEU D 110 -4.76 -2.69 -21.01
N ASP D 111 -3.93 -2.28 -21.97
CA ASP D 111 -4.38 -1.45 -23.06
C ASP D 111 -5.44 -2.16 -23.93
N GLU D 112 -6.43 -1.37 -24.38
CA GLU D 112 -7.49 -1.85 -25.28
C GLU D 112 -6.92 -2.51 -26.51
N GLN D 113 -5.86 -1.94 -27.12
CA GLN D 113 -5.34 -2.52 -28.35
C GLN D 113 -4.02 -3.28 -28.22
N MET D 114 -3.59 -3.64 -27.02
CA MET D 114 -2.35 -4.40 -26.93
C MET D 114 -2.50 -5.80 -27.55
N GLY D 115 -1.41 -6.28 -28.14
CA GLY D 115 -1.33 -7.59 -28.76
C GLY D 115 0.11 -8.06 -28.63
N PHE D 116 0.31 -9.36 -28.81
CA PHE D 116 1.61 -10.00 -28.62
C PHE D 116 2.31 -10.21 -29.94
N LEU D 117 3.59 -9.84 -30.00
CA LEU D 117 4.45 -10.24 -31.10
C LEU D 117 4.53 -11.75 -31.16
N GLY D 118 4.39 -12.31 -32.36
CA GLY D 118 4.31 -13.74 -32.54
C GLY D 118 2.92 -14.30 -32.45
N LEU D 119 1.91 -13.46 -32.23
CA LEU D 119 0.52 -13.86 -32.25
C LEU D 119 -0.29 -12.84 -33.04
N ALA D 120 -0.15 -11.57 -32.68
CA ALA D 120 -0.83 -10.49 -33.41
C ALA D 120 -0.06 -10.04 -34.65
N GLY D 121 1.17 -10.49 -34.84
CA GLY D 121 1.95 -10.15 -36.01
C GLY D 121 3.29 -9.52 -35.70
N GLY D 122 3.87 -8.82 -36.68
CA GLY D 122 5.13 -8.15 -36.45
C GLY D 122 6.34 -9.05 -36.38
N GLY D 123 6.27 -10.22 -37.02
CA GLY D 123 7.34 -11.19 -36.96
C GLY D 123 7.08 -12.27 -35.93
N GLY D 124 8.13 -12.99 -35.59
CA GLY D 124 8.02 -14.06 -34.62
C GLY D 124 9.35 -14.76 -34.42
N GLY D 125 9.47 -15.40 -33.26
CA GLY D 125 10.71 -16.06 -32.87
C GLY D 125 10.90 -17.44 -33.44
N PHE D 126 9.86 -18.03 -34.02
CA PHE D 126 10.02 -19.28 -34.75
C PHE D 126 10.44 -18.97 -36.18
N SER D 127 11.49 -18.15 -36.32
CA SER D 127 12.01 -17.77 -37.62
C SER D 127 13.52 -17.53 -37.50
N GLU D 128 14.17 -17.42 -38.66
CA GLU D 128 15.59 -17.13 -38.67
C GLU D 128 15.85 -15.67 -38.32
N TYR D 129 14.97 -14.77 -38.74
CA TYR D 129 15.12 -13.34 -38.49
C TYR D 129 13.79 -12.74 -38.10
N VAL D 130 13.85 -11.75 -37.23
CA VAL D 130 12.69 -10.95 -36.84
C VAL D 130 13.15 -9.50 -36.72
N SER D 131 12.31 -8.58 -37.14
CA SER D 131 12.66 -7.17 -37.18
C SER D 131 11.80 -6.47 -36.16
N VAL D 132 12.42 -6.05 -35.06
CA VAL D 132 11.70 -5.50 -33.92
C VAL D 132 12.13 -4.06 -33.74
N ASP D 133 11.22 -3.30 -33.15
CA ASP D 133 11.37 -1.89 -32.96
C ASP D 133 12.21 -1.70 -31.70
N GLU D 134 13.11 -0.72 -31.67
CA GLU D 134 14.13 -0.76 -30.61
C GLU D 134 13.56 -0.52 -29.22
N GLU D 135 12.35 0.00 -29.11
CA GLU D 135 11.69 0.24 -27.83
C GLU D 135 11.31 -1.05 -27.10
N LEU D 136 11.36 -2.19 -27.77
CA LEU D 136 11.01 -3.49 -27.23
C LEU D 136 12.20 -4.38 -26.91
N LEU D 137 13.41 -3.84 -26.94
CA LEU D 137 14.63 -4.62 -26.76
C LEU D 137 15.19 -4.45 -25.36
N PHE D 138 15.88 -5.49 -24.89
CA PHE D 138 16.69 -5.44 -23.69
C PHE D 138 18.02 -6.12 -24.00
N LYS D 139 19.12 -5.47 -23.63
CA LYS D 139 20.43 -6.05 -23.85
C LYS D 139 20.60 -7.29 -22.97
N LEU D 140 21.10 -8.37 -23.57
CA LEU D 140 21.37 -9.60 -22.83
C LEU D 140 22.76 -9.52 -22.22
N PRO D 141 22.89 -9.55 -20.90
CA PRO D 141 24.23 -9.55 -20.28
C PRO D 141 25.06 -10.73 -20.75
N ASP D 142 26.38 -10.54 -20.78
CA ASP D 142 27.29 -11.57 -21.26
C ASP D 142 27.27 -12.82 -20.37
N GLU D 143 26.91 -12.66 -19.09
CA GLU D 143 26.87 -13.77 -18.13
C GLU D 143 25.82 -14.80 -18.52
N LEU D 144 24.82 -14.33 -19.25
CA LEU D 144 23.63 -15.15 -19.56
C LEU D 144 23.70 -15.76 -20.95
N SER D 145 23.37 -17.05 -21.02
CA SER D 145 23.44 -17.74 -22.30
C SER D 145 22.26 -17.34 -23.18
N TYR D 146 22.33 -17.71 -24.46
CA TYR D 146 21.18 -17.47 -25.35
C TYR D 146 19.97 -18.24 -24.85
N GLU D 147 20.18 -19.45 -24.34
CA GLU D 147 19.07 -20.23 -23.77
C GLU D 147 18.46 -19.52 -22.58
N GLN D 148 19.31 -18.96 -21.71
CA GLN D 148 18.80 -18.16 -20.60
C GLN D 148 17.95 -16.99 -21.09
N GLY D 149 18.39 -16.32 -22.16
CA GLY D 149 17.64 -15.18 -22.66
C GLY D 149 16.26 -15.54 -23.17
N ALA D 150 16.11 -16.72 -23.78
CA ALA D 150 14.81 -17.16 -24.27
C ALA D 150 13.82 -17.45 -23.14
N LEU D 151 14.28 -17.54 -21.90
CA LEU D 151 13.44 -17.81 -20.75
C LEU D 151 12.96 -16.56 -20.03
N VAL D 152 13.38 -15.38 -20.48
CA VAL D 152 13.03 -14.14 -19.76
C VAL D 152 11.53 -13.92 -19.79
N GLU D 153 10.91 -14.04 -20.97
CA GLU D 153 9.48 -13.74 -21.10
C GLU D 153 8.60 -14.64 -20.24
N PRO D 154 8.72 -15.98 -20.29
CA PRO D 154 7.85 -16.80 -19.42
C PRO D 154 8.15 -16.62 -17.95
N SER D 155 9.40 -16.36 -17.58
CA SER D 155 9.71 -16.06 -16.18
C SER D 155 9.05 -14.78 -15.73
N ALA D 156 8.91 -13.80 -16.63
CA ALA D 156 8.29 -12.53 -16.28
C ALA D 156 6.83 -12.70 -15.86
N VAL D 157 6.11 -13.63 -16.50
CA VAL D 157 4.71 -13.84 -16.15
C VAL D 157 4.58 -14.32 -14.72
N ALA D 158 5.47 -15.22 -14.30
CA ALA D 158 5.43 -15.71 -12.92
C ALA D 158 5.91 -14.64 -11.95
N LEU D 159 7.00 -13.96 -12.28
CA LEU D 159 7.56 -12.95 -11.39
C LEU D 159 6.61 -11.79 -11.22
N TYR D 160 5.94 -11.36 -12.30
CA TYR D 160 4.99 -10.28 -12.19
C TYR D 160 3.81 -10.66 -11.30
N ALA D 161 3.43 -11.94 -11.31
CA ALA D 161 2.37 -12.39 -10.41
C ALA D 161 2.80 -12.32 -8.95
N VAL D 162 4.01 -12.78 -8.65
CA VAL D 162 4.48 -12.80 -7.27
C VAL D 162 4.74 -11.39 -6.76
N ARG D 163 5.37 -10.54 -7.59
CA ARG D 163 5.61 -9.17 -7.18
C ARG D 163 4.30 -8.41 -6.96
N SER D 164 3.25 -8.76 -7.72
CA SER D 164 1.95 -8.14 -7.55
C SER D 164 1.25 -8.57 -6.27
N SER D 165 1.81 -9.50 -5.52
CA SER D 165 1.15 -10.07 -4.36
C SER D 165 1.66 -9.45 -3.06
N LYS D 166 0.89 -9.68 -2.00
CA LYS D 166 1.17 -9.20 -0.65
C LYS D 166 2.38 -9.91 -0.02
N LEU D 167 3.00 -10.84 -0.76
CA LEU D 167 4.08 -11.65 -0.20
C LEU D 167 5.26 -10.79 0.23
N LYS D 168 5.79 -11.11 1.41
CA LYS D 168 7.01 -10.51 1.94
C LYS D 168 8.00 -11.62 2.25
N ALA D 169 9.27 -11.24 2.42
CA ALA D 169 10.32 -12.22 2.69
C ALA D 169 10.01 -13.02 3.94
N GLY D 170 10.06 -14.35 3.83
CA GLY D 170 9.78 -15.23 4.94
C GLY D 170 8.38 -15.79 4.97
N ASP D 171 7.45 -15.22 4.19
CA ASP D 171 6.07 -15.67 4.23
C ASP D 171 5.93 -17.05 3.58
N LYS D 172 4.79 -17.68 3.83
CA LYS D 172 4.46 -18.97 3.24
C LYS D 172 3.43 -18.80 2.12
N ALA D 173 3.50 -19.68 1.14
CA ALA D 173 2.65 -19.58 -0.04
C ALA D 173 2.17 -20.96 -0.46
N ALA D 174 1.14 -20.98 -1.30
CA ALA D 174 0.62 -22.21 -1.87
C ALA D 174 0.37 -22.00 -3.35
N VAL D 175 0.77 -22.98 -4.16
CA VAL D 175 0.55 -22.98 -5.60
C VAL D 175 -0.32 -24.19 -5.94
N PHE D 176 -1.52 -23.92 -6.44
CA PHE D 176 -2.47 -24.96 -6.83
C PHE D 176 -2.32 -25.21 -8.33
N GLY D 177 -1.71 -26.33 -8.69
CA GLY D 177 -1.46 -26.63 -10.09
C GLY D 177 -0.04 -26.32 -10.50
N CYS D 178 0.77 -27.36 -10.67
CA CYS D 178 2.19 -27.14 -10.96
C CYS D 178 2.55 -27.60 -12.36
N GLY D 179 1.81 -27.13 -13.36
CA GLY D 179 2.24 -27.25 -14.73
C GLY D 179 3.39 -26.29 -15.00
N PRO D 180 3.68 -26.03 -16.27
CA PRO D 180 4.81 -25.14 -16.59
C PRO D 180 4.68 -23.76 -15.94
N ILE D 181 3.48 -23.19 -15.89
CA ILE D 181 3.32 -21.87 -15.29
C ILE D 181 3.42 -21.94 -13.78
N GLY D 182 2.76 -22.93 -13.17
CA GLY D 182 2.83 -23.09 -11.73
C GLY D 182 4.24 -23.32 -11.21
N LEU D 183 5.06 -24.05 -11.97
CA LEU D 183 6.42 -24.32 -11.53
C LEU D 183 7.27 -23.06 -11.53
N LEU D 184 7.14 -22.24 -12.58
CA LEU D 184 7.86 -20.96 -12.62
C LEU D 184 7.40 -20.03 -11.51
N VAL D 185 6.12 -20.12 -11.11
CA VAL D 185 5.65 -19.34 -9.97
C VAL D 185 6.35 -19.77 -8.70
N ILE D 186 6.59 -21.08 -8.55
CA ILE D 186 7.31 -21.58 -7.38
C ILE D 186 8.72 -21.01 -7.35
N GLU D 187 9.41 -21.05 -8.50
CA GLU D 187 10.75 -20.47 -8.57
C GLU D 187 10.72 -18.98 -8.30
N ALA D 188 9.70 -18.29 -8.82
CA ALA D 188 9.57 -16.85 -8.54
C ALA D 188 9.27 -16.60 -7.07
N LEU D 189 8.44 -17.46 -6.46
CA LEU D 189 8.17 -17.33 -5.03
C LEU D 189 9.43 -17.49 -4.21
N LYS D 190 10.30 -18.44 -4.60
CA LYS D 190 11.55 -18.64 -3.87
C LYS D 190 12.48 -17.45 -4.04
N ALA D 191 12.48 -16.82 -5.22
CA ALA D 191 13.27 -15.61 -5.42
C ALA D 191 12.82 -14.50 -4.48
N ALA D 192 11.51 -14.34 -4.28
CA ALA D 192 10.98 -13.30 -3.42
C ALA D 192 11.12 -13.60 -1.94
N GLY D 193 11.60 -14.79 -1.59
CA GLY D 193 11.83 -15.13 -0.19
C GLY D 193 10.76 -15.97 0.47
N ALA D 194 9.84 -16.55 -0.30
CA ALA D 194 8.88 -17.47 0.28
C ALA D 194 9.60 -18.66 0.90
N THR D 195 9.11 -19.12 2.04
CA THR D 195 9.81 -20.19 2.74
C THR D 195 9.15 -21.53 2.46
N ASP D 196 8.01 -21.78 3.07
CA ASP D 196 7.27 -23.01 2.83
C ASP D 196 6.25 -22.77 1.72
N ILE D 197 6.44 -23.42 0.58
CA ILE D 197 5.56 -23.31 -0.58
C ILE D 197 4.89 -24.67 -0.75
N TYR D 198 3.58 -24.71 -0.59
CA TYR D 198 2.83 -25.96 -0.65
C TYR D 198 2.28 -26.13 -2.07
N ALA D 199 2.89 -27.05 -2.81
CA ALA D 199 2.51 -27.33 -4.19
C ALA D 199 1.47 -28.44 -4.24
N VAL D 200 0.27 -28.11 -4.72
CA VAL D 200 -0.82 -29.07 -4.86
C VAL D 200 -0.88 -29.51 -6.32
N GLU D 201 -0.48 -30.76 -6.59
CA GLU D 201 -0.43 -31.27 -7.95
C GLU D 201 -0.57 -32.80 -7.91
N LEU D 202 -1.30 -33.34 -8.89
CA LEU D 202 -1.55 -34.78 -8.95
C LEU D 202 -0.42 -35.53 -9.66
N SER D 203 0.15 -34.92 -10.70
CA SER D 203 1.10 -35.64 -11.56
C SER D 203 2.40 -35.88 -10.81
N PRO D 204 2.85 -37.15 -10.69
CA PRO D 204 4.10 -37.43 -9.94
C PRO D 204 5.31 -36.77 -10.55
N GLU D 205 5.28 -36.71 -11.88
CA GLU D 205 6.27 -36.12 -12.76
C GLU D 205 6.45 -34.62 -12.50
N ARG D 206 5.33 -33.91 -12.39
CA ARG D 206 5.32 -32.49 -12.03
C ARG D 206 5.58 -32.33 -10.54
N GLN D 207 5.14 -33.31 -9.75
CA GLN D 207 5.56 -33.34 -8.38
C GLN D 207 7.09 -33.49 -8.28
N GLN D 208 7.73 -34.17 -9.23
CA GLN D 208 9.20 -34.26 -9.05
C GLN D 208 9.92 -32.99 -9.44
N LYS D 209 9.27 -32.13 -10.20
CA LYS D 209 9.94 -30.90 -10.55
C LYS D 209 9.71 -29.83 -9.50
N ALA D 210 8.50 -29.77 -8.95
CA ALA D 210 8.22 -28.77 -7.92
C ALA D 210 9.09 -28.97 -6.70
N GLU D 211 9.32 -30.23 -6.30
CA GLU D 211 10.16 -30.48 -5.13
C GLU D 211 11.61 -30.09 -5.40
N GLU D 212 12.09 -30.26 -6.63
CA GLU D 212 13.44 -29.82 -6.97
C GLU D 212 13.54 -28.30 -6.90
N LEU D 213 12.47 -27.60 -7.24
CA LEU D 213 12.47 -26.14 -7.17
C LEU D 213 12.32 -25.63 -5.74
N GLY D 214 12.06 -26.51 -4.78
CA GLY D 214 12.08 -26.17 -3.38
C GLY D 214 10.74 -26.18 -2.65
N ALA D 215 9.70 -26.79 -3.22
CA ALA D 215 8.37 -26.75 -2.62
C ALA D 215 8.08 -28.01 -1.83
N ILE D 216 6.95 -27.98 -1.11
CA ILE D 216 6.45 -29.13 -0.37
C ILE D 216 5.24 -29.65 -1.13
N ILE D 217 5.24 -30.94 -1.42
CA ILE D 217 4.17 -31.56 -2.20
C ILE D 217 3.04 -31.96 -1.26
N VAL D 218 1.83 -31.55 -1.59
CA VAL D 218 0.61 -32.04 -0.96
C VAL D 218 -0.22 -32.68 -2.07
N ASP D 219 -0.20 -34.00 -2.11
CA ASP D 219 -0.90 -34.75 -3.16
C ASP D 219 -2.39 -34.79 -2.86
N PRO D 220 -3.24 -34.27 -3.76
CA PRO D 220 -4.69 -34.36 -3.51
C PRO D 220 -5.19 -35.80 -3.45
N SER D 221 -4.48 -36.75 -4.06
CA SER D 221 -4.86 -38.15 -4.03
C SER D 221 -4.41 -38.86 -2.76
N LYS D 222 -3.56 -38.23 -1.96
CA LYS D 222 -3.03 -38.85 -0.74
C LYS D 222 -3.46 -38.14 0.53
N THR D 223 -4.28 -37.09 0.42
CA THR D 223 -4.78 -36.36 1.58
C THR D 223 -6.30 -36.31 1.52
N ASP D 224 -6.93 -36.41 2.70
CA ASP D 224 -8.40 -36.38 2.75
C ASP D 224 -8.92 -34.99 2.41
N ASP D 225 -8.28 -33.95 2.96
CA ASP D 225 -8.72 -32.57 2.78
C ASP D 225 -7.48 -31.71 2.58
N VAL D 226 -7.29 -31.21 1.35
CA VAL D 226 -6.12 -30.40 1.05
C VAL D 226 -6.13 -29.12 1.86
N VAL D 227 -7.30 -28.46 1.96
CA VAL D 227 -7.38 -27.20 2.67
C VAL D 227 -7.07 -27.39 4.15
N ALA D 228 -7.55 -28.51 4.73
CA ALA D 228 -7.28 -28.79 6.14
C ALA D 228 -5.80 -29.04 6.39
N GLU D 229 -5.12 -29.73 5.46
CA GLU D 229 -3.72 -30.08 5.67
C GLU D 229 -2.83 -28.84 5.61
N ILE D 230 -3.03 -27.98 4.60
CA ILE D 230 -2.26 -26.76 4.53
C ILE D 230 -2.54 -25.93 5.77
N ALA D 231 -3.74 -26.01 6.32
CA ALA D 231 -4.03 -25.29 7.55
C ALA D 231 -3.25 -25.83 8.75
N GLU D 232 -3.07 -27.17 8.87
CA GLU D 232 -2.25 -27.61 10.02
C GLU D 232 -0.81 -27.14 9.89
N ARG D 233 -0.22 -27.32 8.73
CA ARG D 233 1.20 -27.10 8.57
C ARG D 233 1.58 -25.64 8.57
N THR D 234 0.60 -24.73 8.46
CA THR D 234 0.88 -23.29 8.54
C THR D 234 0.25 -22.64 9.76
N GLY D 235 -0.61 -23.34 10.50
CA GLY D 235 -1.25 -22.75 11.66
C GLY D 235 -2.29 -21.70 11.30
N GLY D 236 -3.15 -22.00 10.34
CA GLY D 236 -4.21 -21.09 9.97
C GLY D 236 -4.28 -20.75 8.50
N GLY D 237 -3.23 -21.08 7.75
CA GLY D 237 -3.22 -20.84 6.31
C GLY D 237 -1.99 -20.11 5.83
N VAL D 238 -1.73 -20.16 4.52
CA VAL D 238 -0.62 -19.41 3.94
C VAL D 238 -1.05 -17.96 3.81
N ASP D 239 -0.10 -17.07 3.52
CA ASP D 239 -0.43 -15.66 3.36
C ASP D 239 -0.84 -15.29 1.94
N VAL D 240 -0.30 -15.99 0.94
CA VAL D 240 -0.68 -15.78 -0.45
C VAL D 240 -0.85 -17.14 -1.12
N ALA D 241 -1.96 -17.31 -1.84
CA ALA D 241 -2.24 -18.52 -2.60
C ALA D 241 -2.36 -18.17 -4.08
N PHE D 242 -1.84 -19.04 -4.94
CA PHE D 242 -1.84 -18.83 -6.38
C PHE D 242 -2.68 -19.91 -7.04
N GLU D 243 -3.72 -19.50 -7.77
CA GLU D 243 -4.56 -20.44 -8.49
C GLU D 243 -4.09 -20.53 -9.94
N VAL D 244 -3.70 -21.73 -10.34
CA VAL D 244 -3.11 -21.96 -11.66
C VAL D 244 -3.87 -23.03 -12.47
N THR D 245 -4.82 -23.74 -11.85
CA THR D 245 -5.48 -24.84 -12.55
C THR D 245 -6.62 -24.38 -13.46
N GLY D 246 -7.34 -23.33 -13.08
CA GLY D 246 -8.53 -22.96 -13.81
C GLY D 246 -9.75 -23.81 -13.50
N VAL D 247 -9.69 -24.60 -12.45
CA VAL D 247 -10.79 -25.49 -12.05
C VAL D 247 -11.60 -24.78 -10.96
N PRO D 248 -12.93 -24.71 -11.10
CA PRO D 248 -13.73 -23.98 -10.09
C PRO D 248 -13.53 -24.45 -8.66
N VAL D 249 -13.47 -25.77 -8.44
CA VAL D 249 -13.30 -26.30 -7.09
C VAL D 249 -11.98 -25.84 -6.49
N VAL D 250 -10.94 -25.70 -7.32
CA VAL D 250 -9.63 -25.33 -6.81
C VAL D 250 -9.59 -23.85 -6.43
N LEU D 251 -10.32 -23.00 -7.16
CA LEU D 251 -10.40 -21.59 -6.78
C LEU D 251 -10.97 -21.42 -5.38
N ARG D 252 -11.97 -22.24 -5.03
CA ARG D 252 -12.49 -22.23 -3.67
C ARG D 252 -11.42 -22.65 -2.66
N GLN D 253 -10.69 -23.73 -2.98
CA GLN D 253 -9.68 -24.24 -2.04
C GLN D 253 -8.56 -23.23 -1.84
N ALA D 254 -8.14 -22.57 -2.91
CA ALA D 254 -7.06 -21.59 -2.80
C ALA D 254 -7.43 -20.46 -1.85
N ILE D 255 -8.69 -20.01 -1.90
CA ILE D 255 -9.15 -18.97 -0.98
C ILE D 255 -9.17 -19.50 0.45
N GLN D 256 -9.67 -20.72 0.64
CA GLN D 256 -9.81 -21.27 2.00
C GLN D 256 -8.48 -21.62 2.63
N SER D 257 -7.41 -21.70 1.85
CA SER D 257 -6.09 -22.08 2.38
C SER D 257 -5.26 -20.89 2.81
N THR D 258 -5.82 -19.68 2.77
CA THR D 258 -5.16 -18.48 3.25
C THR D 258 -5.66 -18.13 4.65
N THR D 259 -4.84 -17.37 5.38
CA THR D 259 -5.21 -17.04 6.75
C THR D 259 -6.07 -15.77 6.70
N ILE D 260 -6.35 -15.19 7.87
CA ILE D 260 -7.12 -13.94 7.91
C ILE D 260 -6.31 -12.86 7.19
N ALA D 261 -6.97 -12.16 6.27
CA ALA D 261 -6.38 -11.15 5.41
C ALA D 261 -5.42 -11.73 4.37
N GLY D 262 -5.55 -13.03 4.10
CA GLY D 262 -4.75 -13.66 3.07
C GLY D 262 -5.15 -13.20 1.68
N GLU D 263 -4.31 -13.51 0.70
CA GLU D 263 -4.51 -13.07 -0.66
C GLU D 263 -4.47 -14.26 -1.61
N THR D 264 -5.44 -14.33 -2.51
CA THR D 264 -5.49 -15.35 -3.55
C THR D 264 -5.26 -14.68 -4.90
N VAL D 265 -4.18 -15.06 -5.57
CA VAL D 265 -3.81 -14.48 -6.85
C VAL D 265 -4.21 -15.46 -7.95
N ILE D 266 -5.14 -15.05 -8.80
CA ILE D 266 -5.63 -15.89 -9.88
C ILE D 266 -4.72 -15.70 -11.10
N VAL D 267 -4.10 -16.79 -11.53
CA VAL D 267 -3.21 -16.78 -12.69
C VAL D 267 -3.81 -17.52 -13.89
N SER D 268 -4.86 -18.31 -13.67
CA SER D 268 -5.34 -19.20 -14.72
C SER D 268 -6.27 -18.46 -15.69
N ILE D 269 -6.53 -19.12 -16.81
CA ILE D 269 -7.44 -18.63 -17.84
C ILE D 269 -8.79 -19.27 -17.62
N TRP D 270 -9.86 -18.49 -17.74
CA TRP D 270 -11.20 -18.96 -17.44
C TRP D 270 -12.13 -18.65 -18.60
N GLU D 271 -12.81 -19.69 -19.09
CA GLU D 271 -13.82 -19.55 -20.12
C GLU D 271 -15.24 -19.71 -19.59
N LYS D 272 -15.43 -20.53 -18.58
CA LYS D 272 -16.71 -20.69 -17.91
C LYS D 272 -16.66 -20.06 -16.53
N GLY D 273 -17.81 -20.00 -15.88
CA GLY D 273 -17.90 -19.47 -14.55
C GLY D 273 -17.27 -20.40 -13.52
N ALA D 274 -17.38 -19.98 -12.27
CA ALA D 274 -16.88 -20.78 -11.15
C ALA D 274 -17.65 -20.36 -9.91
N GLU D 275 -18.14 -21.36 -9.16
CA GLU D 275 -18.90 -21.10 -7.94
C GLU D 275 -17.92 -20.99 -6.77
N ILE D 276 -17.91 -19.83 -6.12
CA ILE D 276 -17.15 -19.61 -4.91
C ILE D 276 -18.11 -19.45 -3.75
N HIS D 277 -17.56 -19.39 -2.54
CA HIS D 277 -18.32 -19.08 -1.33
C HIS D 277 -17.93 -17.67 -0.92
N PRO D 278 -18.68 -16.64 -1.36
CA PRO D 278 -18.33 -15.26 -1.00
C PRO D 278 -18.17 -15.06 0.49
N ASN D 279 -18.83 -15.94 1.25
CA ASN D 279 -18.67 -15.95 2.70
C ASN D 279 -17.21 -16.18 3.10
N ASP D 280 -16.54 -17.11 2.40
CA ASP D 280 -15.15 -17.43 2.73
C ASP D 280 -14.24 -16.21 2.61
N ILE D 281 -14.60 -15.26 1.74
CA ILE D 281 -13.85 -14.03 1.62
C ILE D 281 -14.14 -13.08 2.78
N VAL D 282 -15.39 -13.05 3.26
CA VAL D 282 -15.80 -12.07 4.25
C VAL D 282 -15.29 -12.41 5.65
N ILE D 283 -15.37 -13.68 6.05
CA ILE D 283 -15.07 -14.04 7.44
C ILE D 283 -13.66 -13.65 7.81
N LYS D 284 -12.70 -13.98 6.95
CA LYS D 284 -11.29 -13.79 7.24
C LYS D 284 -10.71 -12.57 6.52
N GLU D 285 -11.58 -11.69 6.01
CA GLU D 285 -11.16 -10.45 5.35
C GLU D 285 -10.14 -10.73 4.26
N ARG D 286 -10.42 -11.73 3.43
CA ARG D 286 -9.47 -12.18 2.44
C ARG D 286 -9.52 -11.30 1.20
N THR D 287 -8.61 -11.56 0.27
CA THR D 287 -8.49 -10.79 -0.95
C THR D 287 -8.21 -11.73 -2.11
N VAL D 288 -8.91 -11.51 -3.22
CA VAL D 288 -8.60 -12.20 -4.47
C VAL D 288 -8.22 -11.14 -5.49
N LYS D 289 -7.16 -11.42 -6.24
CA LYS D 289 -6.54 -10.43 -7.13
C LYS D 289 -6.32 -11.08 -8.48
N GLY D 290 -6.66 -10.37 -9.54
CA GLY D 290 -6.45 -10.86 -10.89
C GLY D 290 -5.11 -10.36 -11.43
N ILE D 291 -4.46 -11.21 -12.21
CA ILE D 291 -3.16 -10.90 -12.80
C ILE D 291 -3.17 -11.41 -14.25
N ILE D 292 -2.82 -10.52 -15.18
CA ILE D 292 -2.71 -10.88 -16.58
C ILE D 292 -1.50 -10.17 -17.16
N GLY D 293 -0.78 -10.86 -18.04
CA GLY D 293 0.41 -10.29 -18.66
C GLY D 293 1.47 -9.92 -17.63
N TYR D 294 2.11 -8.79 -17.86
CA TYR D 294 3.23 -8.30 -17.05
C TYR D 294 3.59 -6.91 -17.53
N ARG D 295 4.34 -6.19 -16.71
CA ARG D 295 4.80 -4.86 -17.08
C ARG D 295 5.96 -4.45 -16.18
N ASP D 296 6.91 -3.72 -16.77
CA ASP D 296 8.06 -3.17 -16.04
C ASP D 296 8.74 -4.23 -15.18
N ILE D 297 9.04 -5.35 -15.81
CA ILE D 297 9.50 -6.54 -15.09
C ILE D 297 10.76 -7.16 -15.68
N PHE D 298 11.10 -6.89 -16.94
CA PHE D 298 12.24 -7.56 -17.57
C PHE D 298 13.57 -7.30 -16.87
N PRO D 299 13.93 -6.07 -16.47
CA PRO D 299 15.19 -5.90 -15.74
C PRO D 299 15.26 -6.72 -14.46
N ALA D 300 14.15 -6.83 -13.72
CA ALA D 300 14.14 -7.65 -12.52
C ALA D 300 14.42 -9.10 -12.84
N VAL D 301 13.83 -9.61 -13.91
CA VAL D 301 14.09 -10.99 -14.32
C VAL D 301 15.56 -11.17 -14.68
N LEU D 302 16.08 -10.29 -15.54
CA LEU D 302 17.46 -10.40 -15.98
C LEU D 302 18.44 -10.36 -14.81
N SER D 303 18.14 -9.51 -13.82
CA SER D 303 19.03 -9.40 -12.66
C SER D 303 19.00 -10.67 -11.82
N LEU D 304 17.81 -11.27 -11.66
CA LEU D 304 17.69 -12.50 -10.88
C LEU D 304 18.37 -13.67 -11.56
N MET D 305 18.39 -13.71 -12.90
CA MET D 305 19.08 -14.81 -13.57
C MET D 305 20.59 -14.73 -13.37
N LYS D 306 21.14 -13.51 -13.29
CA LYS D 306 22.54 -13.34 -12.94
C LYS D 306 22.84 -13.87 -11.54
N GLU D 307 21.81 -14.09 -10.73
CA GLU D 307 21.98 -14.62 -9.38
C GLU D 307 21.65 -16.11 -9.28
N GLY D 308 21.30 -16.75 -10.39
CA GLY D 308 21.07 -18.17 -10.42
C GLY D 308 19.61 -18.59 -10.45
N TYR D 309 18.68 -17.67 -10.27
CA TYR D 309 17.26 -17.99 -10.33
C TYR D 309 16.82 -18.19 -11.78
N PHE D 310 15.74 -18.97 -11.94
CA PHE D 310 15.20 -19.30 -13.26
C PHE D 310 16.25 -19.96 -14.15
N SER D 311 17.08 -20.81 -13.56
CA SER D 311 18.17 -21.45 -14.30
C SER D 311 17.62 -22.33 -15.42
N ALA D 312 18.24 -22.23 -16.60
CA ALA D 312 17.86 -23.09 -17.72
C ALA D 312 18.18 -24.55 -17.44
N ASP D 313 19.19 -24.80 -16.59
CA ASP D 313 19.50 -26.17 -16.17
C ASP D 313 18.30 -26.83 -15.51
N LYS D 314 17.51 -26.07 -14.77
CA LYS D 314 16.33 -26.60 -14.10
C LYS D 314 15.08 -26.57 -14.96
N LEU D 315 14.95 -25.60 -15.87
CA LEU D 315 13.68 -25.35 -16.54
C LEU D 315 13.62 -25.81 -17.98
N VAL D 316 14.75 -25.89 -18.69
CA VAL D 316 14.75 -26.31 -20.08
C VAL D 316 14.88 -27.82 -20.12
N THR D 317 13.84 -28.48 -20.64
CA THR D 317 13.76 -29.94 -20.64
C THR D 317 13.91 -30.56 -22.02
N LYS D 318 14.02 -29.76 -23.07
CA LYS D 318 14.16 -30.28 -24.43
C LYS D 318 14.53 -29.15 -25.36
N LYS D 319 15.43 -29.42 -26.31
CA LYS D 319 15.82 -28.48 -27.34
C LYS D 319 15.46 -29.05 -28.70
N ILE D 320 14.75 -28.26 -29.52
CA ILE D 320 14.22 -28.72 -30.80
C ILE D 320 14.68 -27.78 -31.91
N VAL D 321 14.60 -28.28 -33.16
CA VAL D 321 14.86 -27.48 -34.36
C VAL D 321 13.52 -27.08 -34.97
N LEU D 322 13.50 -25.98 -35.71
CA LEU D 322 12.24 -25.41 -36.21
C LEU D 322 11.48 -26.40 -37.09
N ASP D 323 12.20 -27.26 -37.82
CA ASP D 323 11.54 -28.23 -38.68
C ASP D 323 10.65 -29.20 -37.90
N ASP D 324 11.12 -29.66 -36.73
CA ASP D 324 10.41 -30.65 -35.93
C ASP D 324 9.44 -30.04 -34.91
N LEU D 325 8.96 -28.83 -35.15
CA LEU D 325 8.16 -28.14 -34.14
C LEU D 325 6.80 -28.80 -33.91
N ILE D 326 6.21 -29.38 -34.97
CA ILE D 326 4.82 -29.81 -34.85
C ILE D 326 4.69 -31.01 -33.93
N GLU D 327 5.49 -32.05 -34.14
CA GLU D 327 5.38 -33.27 -33.34
C GLU D 327 6.42 -33.37 -32.23
N GLU D 328 7.67 -32.92 -32.47
CA GLU D 328 8.66 -32.94 -31.40
C GLU D 328 8.54 -31.73 -30.47
N GLY D 329 7.72 -30.75 -30.81
CA GLY D 329 7.51 -29.59 -29.97
C GLY D 329 6.13 -29.60 -29.33
N PHE D 330 5.11 -29.24 -30.11
CA PHE D 330 3.74 -29.22 -29.60
C PHE D 330 3.30 -30.60 -29.12
N GLY D 331 3.58 -31.64 -29.91
CA GLY D 331 3.15 -32.98 -29.54
C GLY D 331 3.68 -33.42 -28.19
N ALA D 332 4.96 -33.16 -27.93
CA ALA D 332 5.55 -33.57 -26.66
C ALA D 332 4.90 -32.85 -25.48
N LEU D 333 4.47 -31.60 -25.68
CA LEU D 333 3.76 -30.88 -24.63
C LEU D 333 2.40 -31.50 -24.35
N ILE D 334 1.78 -32.13 -25.34
CA ILE D 334 0.46 -32.71 -25.15
C ILE D 334 0.55 -34.08 -24.46
N LYS D 335 1.63 -34.82 -24.69
CA LYS D 335 1.72 -36.21 -24.27
C LYS D 335 2.57 -36.43 -23.02
N GLU D 336 3.56 -35.57 -22.76
CA GLU D 336 4.50 -35.76 -21.67
C GLU D 336 4.31 -34.66 -20.63
N LYS D 337 3.74 -35.04 -19.47
CA LYS D 337 3.58 -34.08 -18.38
C LYS D 337 4.90 -33.70 -17.74
N SER D 338 6.02 -34.30 -18.16
CA SER D 338 7.32 -34.00 -17.59
C SER D 338 8.02 -32.83 -18.26
N GLN D 339 7.51 -32.35 -19.40
CA GLN D 339 8.15 -31.24 -20.09
C GLN D 339 7.74 -29.93 -19.43
N VAL D 340 8.73 -29.07 -19.20
CA VAL D 340 8.47 -27.78 -18.58
C VAL D 340 8.43 -26.74 -19.70
N LYS D 341 9.59 -26.41 -20.28
CA LYS D 341 9.67 -25.52 -21.42
C LYS D 341 10.58 -26.11 -22.50
N ILE D 342 10.16 -26.00 -23.75
CA ILE D 342 10.93 -26.49 -24.89
C ILE D 342 11.47 -25.29 -25.67
N LEU D 343 12.77 -25.31 -25.94
CA LEU D 343 13.43 -24.24 -26.69
C LEU D 343 13.60 -24.68 -28.15
N VAL D 344 13.46 -23.73 -29.07
CA VAL D 344 13.50 -24.01 -30.50
C VAL D 344 14.56 -23.14 -31.16
N ARG D 345 15.42 -23.80 -31.92
CA ARG D 345 16.56 -23.23 -32.69
C ARG D 345 16.17 -23.14 -34.15
N PRO D 346 16.28 -22.00 -34.84
CA PRO D 346 15.86 -21.91 -36.22
C PRO D 346 16.63 -22.91 -37.10
N ASN D 347 17.95 -22.84 -37.12
CA ASN D 347 18.73 -23.79 -37.94
C ASN D 347 20.13 -23.96 -37.36
#